data_5GN5
#
_entry.id   5GN5
#
_cell.length_a   121.030
_cell.length_b   63.205
_cell.length_c   154.848
_cell.angle_alpha   90.00
_cell.angle_beta   90.01
_cell.angle_gamma   90.00
#
_symmetry.space_group_name_H-M   'P 1 21 1'
#
loop_
_entity.id
_entity.type
_entity.pdbx_description
1 polymer 'Glycerol kinase'
2 non-polymer 4-[[4-(4-methoxyphenyl)piperazin-1-yl]methyl]-7,8-bis(oxidanyl)chromen-2-one
3 non-polymer GLYCEROL
4 water water
#
_entity_poly.entity_id   1
_entity_poly.type   'polypeptide(L)'
_entity_poly.pdbx_seq_one_letter_code
;ATMKYVGSIDQGTTSTRFIIFDERQRPVSVHQVPHTQHTPHPGWLEHDPMEIFRSACKCMSVAIAKLRQKDASFRKIEAI
GITNQRETTVAWDRVTKEPLCYAPVWNDLRTYDITKKVTAELGGGDSMFASKITGLPVSTYFAAFKMRWMLENVPAVADA
CRRGTLCFGTIDTWLMYKLSGGKAFVTDVTNASRTFLMDLRTRKWSPELCEKLKIPMETLPEIRSNSELFGYVETDECGV
AAALNERTPIMGSIGDQQSALFGNMCFEKGEAKNTYGTGCFLLMNVGEEARFSKHGLLSTVGFQVGRDGPCYYALEGAIA
CAGATVEWMRRNMNLFSHITECEKLARSVPGTQGIVFVPAFSGLLAPYWDPSARGTIVGMTLKTTRAHVIRAALQAIALQ
LNDVVGSMKRDAGLNLSSLRVDGGLSKNGLLMEIQASLLGVDILVPSMHETTALGAALCAGLAAGVWTSLEEVKAVSRRE
NSWKTVSPSGSAMEREAMIAEWREALKRTKWAKL
;
_entity_poly.pdbx_strand_id   A,B,C,D
#
loop_
_chem_comp.id
_chem_comp.type
_chem_comp.name
_chem_comp.formula
6XZ non-polymer 4-[[4-(4-methoxyphenyl)piperazin-1-yl]methyl]-7,8-bis(oxidanyl)chromen-2-one 'C21 H22 N2 O5'
GOL non-polymer GLYCEROL 'C3 H8 O3'
#
# COMPACT_ATOMS: atom_id res chain seq x y z
N ALA A 1 -17.52 -24.20 -0.11
CA ALA A 1 -18.13 -23.30 0.93
C ALA A 1 -17.08 -22.64 1.85
N THR A 2 -15.96 -22.21 1.24
CA THR A 2 -14.95 -21.30 1.84
C THR A 2 -14.76 -19.96 1.03
N MET A 3 -14.25 -18.93 1.73
CA MET A 3 -14.09 -17.59 1.16
C MET A 3 -13.24 -17.68 -0.09
N LYS A 4 -13.57 -16.89 -1.10
CA LYS A 4 -12.92 -16.99 -2.40
C LYS A 4 -12.40 -15.66 -2.85
N TYR A 5 -11.26 -15.70 -3.54
CA TYR A 5 -10.47 -14.50 -3.88
C TYR A 5 -10.06 -14.43 -5.33
N VAL A 6 -10.32 -13.32 -5.97
CA VAL A 6 -9.83 -13.11 -7.31
C VAL A 6 -8.88 -12.00 -7.28
N GLY A 7 -7.74 -12.14 -7.90
CA GLY A 7 -6.79 -11.05 -8.05
C GLY A 7 -6.78 -10.34 -9.42
N SER A 8 -6.39 -9.06 -9.39
CA SER A 8 -6.38 -8.24 -10.59
C SER A 8 -5.06 -7.47 -10.67
N ILE A 9 -4.26 -7.82 -11.67
CA ILE A 9 -3.07 -7.07 -12.11
C ILE A 9 -3.54 -5.86 -12.90
N ASP A 10 -3.27 -4.69 -12.39
CA ASP A 10 -3.73 -3.45 -13.04
C ASP A 10 -2.49 -2.71 -13.52
N GLN A 11 -2.20 -2.79 -14.82
CA GLN A 11 -0.91 -2.37 -15.38
C GLN A 11 -1.09 -1.05 -16.11
N GLY A 12 -0.62 0.02 -15.51
CA GLY A 12 -0.97 1.34 -15.96
C GLY A 12 0.23 2.01 -16.53
N THR A 13 0.05 3.27 -16.94
CA THR A 13 1.08 4.03 -17.64
C THR A 13 2.23 4.34 -16.75
N THR A 14 1.98 4.91 -15.59
CA THR A 14 3.07 5.24 -14.63
C THR A 14 3.35 4.14 -13.60
N SER A 15 2.44 3.20 -13.44
CA SER A 15 2.59 2.24 -12.38
C SER A 15 1.88 0.94 -12.65
N THR A 16 2.33 -0.12 -11.98
CA THR A 16 1.66 -1.43 -11.94
C THR A 16 1.20 -1.74 -10.50
N ARG A 17 0.04 -2.36 -10.35
CA ARG A 17 -0.48 -2.77 -9.04
C ARG A 17 -1.27 -4.02 -9.12
N PHE A 18 -1.28 -4.75 -8.02
CA PHE A 18 -2.09 -5.92 -7.89
C PHE A 18 -3.02 -5.68 -6.74
N ILE A 19 -4.32 -5.76 -7.02
CA ILE A 19 -5.35 -5.78 -6.01
C ILE A 19 -5.90 -7.19 -5.87
N ILE A 20 -6.22 -7.60 -4.65
CA ILE A 20 -6.89 -8.86 -4.45
C ILE A 20 -8.29 -8.53 -4.01
N PHE A 21 -9.29 -9.01 -4.73
CA PHE A 21 -10.69 -8.85 -4.33
C PHE A 21 -11.28 -10.14 -3.74
N ASP A 22 -12.18 -10.04 -2.77
CA ASP A 22 -12.95 -11.22 -2.28
C ASP A 22 -14.30 -11.37 -2.99
N GLU A 23 -15.07 -12.42 -2.67
CA GLU A 23 -16.39 -12.65 -3.25
C GLU A 23 -17.46 -11.60 -2.95
N ARG A 24 -17.14 -10.46 -2.35
CA ARG A 24 -18.09 -9.37 -2.05
C ARG A 24 -17.59 -8.11 -2.73
N GLN A 25 -16.66 -8.29 -3.68
CA GLN A 25 -16.03 -7.19 -4.44
C GLN A 25 -15.37 -6.15 -3.58
N ARG A 26 -14.78 -6.61 -2.49
CA ARG A 26 -13.97 -5.81 -1.62
C ARG A 26 -12.50 -5.97 -1.99
N PRO A 27 -11.81 -4.87 -2.31
CA PRO A 27 -10.37 -4.92 -2.37
C PRO A 27 -9.83 -5.10 -0.97
N VAL A 28 -9.11 -6.19 -0.72
CA VAL A 28 -8.64 -6.52 0.61
C VAL A 28 -7.12 -6.61 0.73
N SER A 29 -6.38 -6.31 -0.32
CA SER A 29 -4.90 -6.29 -0.28
C SER A 29 -4.42 -5.64 -1.56
N VAL A 30 -3.28 -4.96 -1.52
CA VAL A 30 -2.79 -4.20 -2.67
C VAL A 30 -1.33 -3.85 -2.55
N HIS A 31 -0.51 -4.17 -3.53
CA HIS A 31 0.79 -3.55 -3.65
C HIS A 31 0.84 -2.80 -4.97
N GLN A 32 1.75 -1.83 -5.05
CA GLN A 32 2.00 -1.05 -6.23
C GLN A 32 3.52 -0.88 -6.43
N VAL A 33 3.96 -0.90 -7.65
CA VAL A 33 5.37 -0.76 -7.99
C VAL A 33 5.43 0.17 -9.21
N PRO A 34 6.19 1.25 -9.14
CA PRO A 34 6.18 2.09 -10.33
C PRO A 34 7.18 1.52 -11.31
N HIS A 35 7.20 2.03 -12.54
CA HIS A 35 8.25 1.66 -13.51
C HIS A 35 8.71 2.96 -14.21
N THR A 36 9.86 2.88 -14.87
CA THR A 36 10.56 4.07 -15.33
C THR A 36 10.07 4.61 -16.67
N GLN A 37 9.84 5.92 -16.73
CA GLN A 37 9.38 6.62 -17.93
C GLN A 37 10.61 7.11 -18.68
N HIS A 38 11.09 6.29 -19.61
CA HIS A 38 12.17 6.67 -20.54
C HIS A 38 11.67 7.52 -21.72
N THR A 39 12.32 8.68 -21.95
CA THR A 39 11.97 9.62 -23.06
C THR A 39 13.19 10.15 -23.89
N PRO A 40 13.60 9.44 -24.97
CA PRO A 40 14.80 9.95 -25.68
C PRO A 40 14.67 11.41 -26.26
N HIS A 41 13.78 11.63 -27.23
CA HIS A 41 13.69 12.93 -27.90
C HIS A 41 12.35 13.49 -27.50
N PRO A 42 12.19 14.86 -27.50
CA PRO A 42 10.90 15.46 -27.05
C PRO A 42 9.67 14.79 -27.66
N GLY A 43 8.65 14.62 -26.84
CA GLY A 43 7.45 13.92 -27.27
C GLY A 43 7.52 12.42 -27.48
N TRP A 44 8.70 11.79 -27.43
CA TRP A 44 8.72 10.35 -27.32
C TRP A 44 8.43 9.94 -25.84
N LEU A 45 7.95 8.70 -25.69
CA LEU A 45 7.69 8.03 -24.42
C LEU A 45 7.78 6.53 -24.64
N GLU A 46 8.40 5.82 -23.71
CA GLU A 46 8.87 4.45 -23.99
C GLU A 46 9.04 3.71 -22.66
N HIS A 47 8.42 2.54 -22.53
CA HIS A 47 8.54 1.76 -21.30
C HIS A 47 9.36 0.52 -21.52
N ASP A 48 9.93 -0.01 -20.44
CA ASP A 48 10.77 -1.21 -20.39
C ASP A 48 9.94 -2.48 -20.09
N PRO A 49 9.76 -3.42 -21.06
CA PRO A 49 8.90 -4.64 -20.91
C PRO A 49 9.18 -5.65 -19.79
N MET A 50 10.45 -5.84 -19.51
CA MET A 50 10.85 -6.78 -18.49
C MET A 50 10.68 -6.13 -17.11
N GLU A 51 10.94 -4.83 -17.01
CA GLU A 51 10.74 -4.09 -15.77
C GLU A 51 9.25 -4.06 -15.38
N ILE A 52 8.40 -3.84 -16.37
CA ILE A 52 6.94 -3.88 -16.22
C ILE A 52 6.48 -5.27 -15.75
N PHE A 53 7.11 -6.30 -16.27
CA PHE A 53 6.81 -7.69 -15.91
C PHE A 53 7.21 -8.02 -14.46
N ARG A 54 8.34 -7.48 -14.01
CA ARG A 54 8.81 -7.75 -12.67
C ARG A 54 7.93 -7.09 -11.58
N SER A 55 7.45 -5.88 -11.87
CA SER A 55 6.52 -5.18 -10.98
C SER A 55 5.26 -6.02 -10.79
N ALA A 56 4.73 -6.51 -11.87
CA ALA A 56 3.52 -7.28 -11.80
C ALA A 56 3.77 -8.48 -10.90
N CYS A 57 4.96 -9.05 -10.99
CA CYS A 57 5.35 -10.19 -10.15
C CYS A 57 5.63 -9.80 -8.70
N LYS A 58 6.24 -8.66 -8.46
CA LYS A 58 6.41 -8.17 -7.09
C LYS A 58 5.08 -7.76 -6.44
N CYS A 59 4.21 -7.10 -7.21
CA CYS A 59 2.89 -6.76 -6.72
C CYS A 59 2.16 -8.00 -6.30
N MET A 60 2.24 -9.03 -7.12
CA MET A 60 1.55 -10.27 -6.79
C MET A 60 2.02 -10.78 -5.41
N SER A 61 3.33 -10.95 -5.27
CA SER A 61 3.91 -11.60 -4.09
C SER A 61 3.60 -10.89 -2.78
N VAL A 62 3.89 -9.60 -2.79
CA VAL A 62 3.71 -8.77 -1.64
C VAL A 62 2.22 -8.67 -1.24
N ALA A 63 1.31 -8.45 -2.17
CA ALA A 63 -0.11 -8.38 -1.80
C ALA A 63 -0.57 -9.70 -1.17
N ILE A 64 -0.17 -10.80 -1.78
CA ILE A 64 -0.46 -12.12 -1.24
C ILE A 64 0.17 -12.33 0.12
N ALA A 65 1.45 -12.02 0.26
CA ALA A 65 2.10 -12.10 1.59
C ALA A 65 1.31 -11.30 2.63
N LYS A 66 0.98 -10.03 2.32
CA LYS A 66 0.25 -9.18 3.28
C LYS A 66 -1.12 -9.79 3.59
N LEU A 67 -1.84 -10.29 2.57
CA LEU A 67 -3.21 -10.83 2.79
C LEU A 67 -3.29 -11.96 3.86
N ARG A 68 -2.62 -13.10 3.65
CA ARG A 68 -2.64 -14.17 4.68
C ARG A 68 -2.15 -13.74 6.04
N GLN A 69 -1.17 -12.84 6.04
CA GLN A 69 -0.75 -12.12 7.25
C GLN A 69 -1.88 -11.38 7.96
N LYS A 70 -3.04 -11.17 7.33
CA LYS A 70 -4.19 -10.53 7.96
C LYS A 70 -5.58 -11.10 7.60
N ASP A 71 -5.60 -12.24 6.90
CA ASP A 71 -6.83 -13.00 6.62
C ASP A 71 -6.50 -14.50 6.79
N ALA A 72 -6.88 -15.02 7.95
CA ALA A 72 -6.70 -16.42 8.20
C ALA A 72 -7.57 -17.28 7.24
N SER A 73 -8.62 -16.71 6.62
CA SER A 73 -9.49 -17.42 5.64
C SER A 73 -8.92 -17.50 4.25
N PHE A 74 -7.92 -16.69 3.95
CA PHE A 74 -7.34 -16.63 2.64
C PHE A 74 -6.49 -17.86 2.41
N ARG A 75 -6.85 -18.68 1.43
CA ARG A 75 -6.17 -19.96 1.21
C ARG A 75 -5.32 -19.82 -0.09
N LYS A 76 -6.01 -19.55 -1.21
CA LYS A 76 -5.43 -19.38 -2.57
C LYS A 76 -6.25 -18.35 -3.32
N ILE A 77 -5.74 -18.00 -4.49
CA ILE A 77 -6.43 -17.12 -5.45
C ILE A 77 -7.08 -17.95 -6.55
N GLU A 78 -8.34 -17.65 -6.85
CA GLU A 78 -9.13 -18.53 -7.72
C GLU A 78 -8.88 -18.30 -9.22
N ALA A 79 -8.48 -17.08 -9.59
CA ALA A 79 -7.97 -16.75 -10.91
C ALA A 79 -7.39 -15.33 -10.89
N ILE A 80 -6.80 -14.90 -11.99
CA ILE A 80 -6.20 -13.56 -12.14
C ILE A 80 -6.67 -12.94 -13.45
N GLY A 81 -7.19 -11.73 -13.38
CA GLY A 81 -7.48 -10.93 -14.57
C GLY A 81 -6.40 -9.90 -14.80
N ILE A 82 -6.33 -9.37 -16.01
CA ILE A 82 -5.32 -8.36 -16.34
C ILE A 82 -5.99 -7.21 -17.01
N THR A 83 -5.69 -6.01 -16.53
CA THR A 83 -6.13 -4.79 -17.20
C THR A 83 -4.93 -3.87 -17.36
N ASN A 84 -4.93 -3.16 -18.47
CA ASN A 84 -3.73 -2.50 -18.99
C ASN A 84 -3.98 -1.21 -19.76
N GLN A 85 -3.03 -0.31 -19.72
CA GLN A 85 -2.85 0.73 -20.74
C GLN A 85 -2.80 0.13 -22.16
N ARG A 86 -3.46 0.75 -23.15
CA ARG A 86 -4.04 -0.01 -24.20
C ARG A 86 -3.23 -0.06 -25.47
N GLU A 87 -2.84 1.06 -26.04
CA GLU A 87 -2.31 0.96 -27.42
C GLU A 87 -0.85 0.54 -27.42
N THR A 88 -0.18 0.69 -26.27
CA THR A 88 1.24 0.40 -26.05
C THR A 88 1.67 -1.01 -26.49
N THR A 89 2.78 -1.06 -27.22
CA THR A 89 3.08 -2.15 -28.09
C THR A 89 4.49 -2.65 -27.81
N VAL A 90 4.65 -3.97 -27.79
CA VAL A 90 5.92 -4.58 -27.40
C VAL A 90 6.38 -5.51 -28.53
N ALA A 91 7.66 -5.46 -28.89
CA ALA A 91 8.18 -6.50 -29.77
C ALA A 91 9.14 -7.34 -28.99
N TRP A 92 8.89 -8.66 -29.03
CA TRP A 92 9.78 -9.64 -28.43
C TRP A 92 10.05 -10.83 -29.37
N ASP A 93 11.05 -11.65 -28.98
CA ASP A 93 11.46 -12.83 -29.75
C ASP A 93 10.91 -14.11 -29.16
N ARG A 94 10.32 -14.95 -29.99
CA ARG A 94 9.82 -16.24 -29.53
C ARG A 94 10.89 -17.10 -28.84
N VAL A 95 12.14 -17.09 -29.35
CA VAL A 95 13.23 -18.01 -28.88
C VAL A 95 13.91 -17.45 -27.58
N THR A 96 14.33 -16.17 -27.63
CA THR A 96 14.98 -15.45 -26.51
C THR A 96 13.97 -15.08 -25.40
N LYS A 97 12.71 -14.84 -25.79
CA LYS A 97 11.60 -14.51 -24.88
C LYS A 97 11.84 -13.15 -24.22
N GLU A 98 12.56 -12.30 -24.92
CA GLU A 98 13.10 -11.05 -24.37
C GLU A 98 12.73 -9.94 -25.39
N PRO A 99 12.46 -8.71 -24.90
CA PRO A 99 12.08 -7.66 -25.83
C PRO A 99 13.23 -7.21 -26.76
N LEU A 100 12.90 -7.09 -28.06
CA LEU A 100 13.87 -6.67 -29.07
C LEU A 100 14.15 -5.20 -28.95
N CYS A 101 13.26 -4.47 -28.31
CA CYS A 101 13.59 -3.15 -27.86
C CYS A 101 12.57 -2.74 -26.84
N TYR A 102 12.65 -1.49 -26.44
CA TYR A 102 11.63 -0.89 -25.59
C TYR A 102 10.24 -0.76 -26.25
N ALA A 103 9.28 -0.38 -25.42
CA ALA A 103 7.90 -0.30 -25.86
C ALA A 103 7.46 1.14 -25.97
N PRO A 104 7.10 1.55 -27.19
CA PRO A 104 6.49 2.85 -27.39
C PRO A 104 5.04 2.90 -26.86
N VAL A 105 4.75 4.00 -26.19
CA VAL A 105 3.59 4.06 -25.32
C VAL A 105 2.47 4.73 -26.11
N TRP A 106 1.24 4.43 -25.73
CA TRP A 106 0.07 5.07 -26.37
C TRP A 106 0.18 6.56 -26.78
N ASN A 107 0.69 7.42 -25.90
CA ASN A 107 0.74 8.87 -26.18
C ASN A 107 2.02 9.33 -26.88
N ASP A 108 2.87 8.37 -27.23
CA ASP A 108 4.06 8.69 -28.02
C ASP A 108 3.78 9.15 -29.48
N LEU A 109 4.62 10.09 -29.93
CA LEU A 109 4.47 10.79 -31.20
C LEU A 109 5.51 10.40 -32.27
N ARG A 110 6.32 9.36 -32.05
CA ARG A 110 7.26 8.89 -33.09
C ARG A 110 6.59 8.26 -34.32
N THR A 111 5.29 7.95 -34.22
CA THR A 111 4.51 7.47 -35.35
C THR A 111 3.91 8.57 -36.25
N TYR A 112 4.14 9.85 -35.90
CA TYR A 112 3.75 11.04 -36.68
C TYR A 112 3.98 10.90 -38.17
N ASP A 113 5.23 10.64 -38.56
CA ASP A 113 5.54 10.51 -39.98
C ASP A 113 4.70 9.39 -40.56
N ILE A 114 4.94 8.15 -40.20
CA ILE A 114 4.08 7.02 -40.63
C ILE A 114 2.60 7.39 -40.71
N THR A 115 2.08 8.13 -39.71
CA THR A 115 0.65 8.47 -39.65
C THR A 115 0.18 9.39 -40.82
N LYS A 116 1.06 10.28 -41.30
CA LYS A 116 0.82 11.14 -42.48
C LYS A 116 0.95 10.31 -43.77
N LYS A 117 2.03 9.54 -43.85
CA LYS A 117 2.29 8.65 -44.99
C LYS A 117 1.13 7.68 -45.21
N VAL A 118 0.58 7.12 -44.13
CA VAL A 118 -0.55 6.18 -44.26
C VAL A 118 -1.85 6.92 -44.64
N THR A 119 -2.10 8.12 -44.10
CA THR A 119 -3.32 8.87 -44.47
C THR A 119 -3.27 9.38 -45.93
N ALA A 120 -2.13 9.87 -46.35
CA ALA A 120 -1.94 10.34 -47.69
C ALA A 120 -1.89 9.16 -48.69
N GLU A 121 -0.98 8.22 -48.49
CA GLU A 121 -0.76 7.19 -49.48
C GLU A 121 -1.78 6.04 -49.53
N LEU A 122 -2.66 5.91 -48.55
CA LEU A 122 -3.65 4.81 -48.58
C LEU A 122 -5.08 5.24 -48.32
N GLY A 123 -5.29 6.44 -47.79
CA GLY A 123 -6.63 6.95 -47.58
C GLY A 123 -6.90 8.20 -48.39
N GLY A 124 -6.28 8.33 -49.58
CA GLY A 124 -6.36 9.53 -50.42
C GLY A 124 -6.24 10.91 -49.75
N GLY A 125 -5.82 10.95 -48.48
CA GLY A 125 -5.94 12.16 -47.64
C GLY A 125 -7.10 12.15 -46.65
N ASP A 126 -7.98 11.14 -46.70
CA ASP A 126 -8.97 10.86 -45.65
C ASP A 126 -8.42 9.94 -44.52
N SER A 127 -8.39 10.48 -43.29
CA SER A 127 -7.84 9.78 -42.14
C SER A 127 -8.80 8.68 -41.67
N MET A 128 -10.07 8.81 -42.05
CA MET A 128 -11.13 7.85 -41.71
C MET A 128 -11.33 6.74 -42.73
N PHE A 129 -10.41 6.58 -43.69
CA PHE A 129 -10.62 5.54 -44.70
C PHE A 129 -10.93 4.12 -44.18
N ALA A 130 -10.31 3.71 -43.06
CA ALA A 130 -10.52 2.36 -42.50
C ALA A 130 -11.50 2.32 -41.28
N SER A 131 -12.02 3.48 -40.90
CA SER A 131 -12.95 3.65 -39.79
C SER A 131 -14.17 2.73 -39.79
N LYS A 132 -14.69 2.33 -40.95
CA LYS A 132 -15.80 1.37 -40.97
C LYS A 132 -15.38 -0.11 -40.72
N ILE A 133 -14.10 -0.43 -40.76
CA ILE A 133 -13.61 -1.74 -40.38
C ILE A 133 -13.02 -1.71 -38.97
N THR A 134 -12.03 -0.85 -38.76
CA THR A 134 -11.38 -0.76 -37.45
C THR A 134 -12.19 -0.11 -36.31
N GLY A 135 -13.03 0.86 -36.69
CA GLY A 135 -13.78 1.69 -35.77
C GLY A 135 -13.03 2.95 -35.44
N LEU A 136 -11.88 3.16 -36.09
CA LEU A 136 -10.90 4.12 -35.62
C LEU A 136 -10.34 4.94 -36.72
N PRO A 137 -9.99 6.20 -36.43
CA PRO A 137 -9.25 6.98 -37.37
C PRO A 137 -7.79 6.65 -37.22
N VAL A 138 -7.07 6.88 -38.32
CA VAL A 138 -5.62 6.93 -38.31
C VAL A 138 -5.19 8.01 -37.32
N SER A 139 -4.37 7.60 -36.35
CA SER A 139 -3.77 8.48 -35.36
C SER A 139 -2.45 7.90 -34.90
N THR A 140 -1.68 8.69 -34.18
CA THR A 140 -0.41 8.23 -33.64
C THR A 140 -0.56 7.19 -32.53
N TYR A 141 -1.76 7.01 -31.99
CA TYR A 141 -2.00 6.14 -30.82
C TYR A 141 -1.92 4.69 -31.08
N PHE A 142 -2.46 4.26 -32.20
CA PHE A 142 -2.81 2.88 -32.35
C PHE A 142 -1.63 1.93 -32.69
N ALA A 143 -1.83 0.69 -32.28
CA ALA A 143 -0.77 -0.29 -32.09
C ALA A 143 -0.02 -0.62 -33.38
N ALA A 144 -0.75 -0.68 -34.50
CA ALA A 144 -0.14 -1.09 -35.76
C ALA A 144 0.93 -0.11 -36.22
N PHE A 145 0.62 1.18 -36.19
CA PHE A 145 1.61 2.25 -36.50
C PHE A 145 2.86 2.21 -35.57
N LYS A 146 2.73 1.69 -34.35
CA LYS A 146 3.90 1.49 -33.49
C LYS A 146 4.68 0.25 -33.93
N MET A 147 3.96 -0.79 -34.34
CA MET A 147 4.58 -2.02 -34.80
C MET A 147 5.39 -1.69 -36.06
N ARG A 148 4.74 -1.05 -37.05
CA ARG A 148 5.38 -0.63 -38.31
C ARG A 148 6.64 0.16 -37.94
N TRP A 149 6.49 1.27 -37.21
CA TRP A 149 7.63 2.14 -36.89
C TRP A 149 8.85 1.40 -36.39
N MET A 150 8.64 0.30 -35.65
CA MET A 150 9.75 -0.48 -35.12
C MET A 150 10.46 -1.28 -36.21
N LEU A 151 9.71 -1.84 -37.16
CA LEU A 151 10.33 -2.44 -38.38
C LEU A 151 11.18 -1.40 -39.17
N GLU A 152 10.59 -0.25 -39.42
CA GLU A 152 11.27 0.87 -40.04
C GLU A 152 12.37 1.62 -39.23
N ASN A 153 12.50 1.46 -37.93
CA ASN A 153 13.66 2.07 -37.27
C ASN A 153 14.53 1.20 -36.40
N VAL A 154 14.13 -0.03 -36.12
CA VAL A 154 14.86 -0.80 -35.12
C VAL A 154 15.33 -2.10 -35.75
N PRO A 155 16.63 -2.17 -36.08
CA PRO A 155 17.21 -3.27 -36.89
C PRO A 155 17.02 -4.70 -36.36
N ALA A 156 16.91 -4.84 -35.03
CA ALA A 156 16.77 -6.14 -34.40
C ALA A 156 15.39 -6.73 -34.65
N VAL A 157 14.44 -5.84 -34.94
CA VAL A 157 13.03 -6.17 -35.06
C VAL A 157 12.76 -6.69 -36.48
N ALA A 158 13.21 -5.95 -37.49
CA ALA A 158 13.16 -6.41 -38.91
C ALA A 158 13.85 -7.77 -39.05
N ASP A 159 15.02 -7.85 -38.42
CA ASP A 159 15.77 -9.09 -38.24
C ASP A 159 14.86 -10.23 -37.82
N ALA A 160 14.21 -10.04 -36.66
CA ALA A 160 13.40 -11.10 -36.05
C ALA A 160 12.22 -11.57 -36.93
N CYS A 161 11.49 -10.60 -37.51
CA CYS A 161 10.38 -10.85 -38.44
C CYS A 161 10.83 -11.93 -39.42
N ARG A 162 11.90 -11.62 -40.14
CA ARG A 162 12.55 -12.50 -41.16
C ARG A 162 12.80 -13.96 -40.73
N ARG A 163 13.34 -14.10 -39.53
CA ARG A 163 13.79 -15.41 -39.04
C ARG A 163 12.62 -16.27 -38.53
N GLY A 164 11.39 -15.76 -38.65
CA GLY A 164 10.17 -16.44 -38.19
C GLY A 164 9.78 -16.18 -36.73
N THR A 165 10.65 -15.51 -35.98
CA THR A 165 10.62 -15.60 -34.53
C THR A 165 9.77 -14.49 -33.83
N LEU A 166 9.50 -13.39 -34.54
CA LEU A 166 8.90 -12.17 -33.96
C LEU A 166 7.44 -12.22 -33.53
N CYS A 167 7.21 -11.69 -32.32
CA CYS A 167 5.90 -11.33 -31.78
C CYS A 167 5.79 -9.83 -31.48
N PHE A 168 4.68 -9.24 -31.91
CA PHE A 168 4.18 -8.00 -31.34
C PHE A 168 3.04 -8.33 -30.41
N GLY A 169 2.93 -7.55 -29.36
CA GLY A 169 1.78 -7.65 -28.45
C GLY A 169 1.45 -6.36 -27.74
N THR A 170 0.17 -6.18 -27.45
CA THR A 170 -0.20 -5.17 -26.46
C THR A 170 0.16 -5.80 -25.09
N ILE A 171 0.10 -5.00 -24.03
CA ILE A 171 0.61 -5.34 -22.69
C ILE A 171 -0.11 -6.54 -22.11
N ASP A 172 -1.43 -6.62 -22.33
CA ASP A 172 -2.22 -7.79 -21.95
C ASP A 172 -1.56 -9.04 -22.53
N THR A 173 -1.23 -9.03 -23.84
CA THR A 173 -0.67 -10.19 -24.54
C THR A 173 0.71 -10.52 -24.00
N TRP A 174 1.52 -9.49 -23.82
CA TRP A 174 2.86 -9.63 -23.30
C TRP A 174 2.92 -10.17 -21.89
N LEU A 175 2.21 -9.50 -20.97
CA LEU A 175 2.08 -10.01 -19.58
C LEU A 175 1.63 -11.49 -19.56
N MET A 176 0.65 -11.80 -20.37
CA MET A 176 0.03 -13.10 -20.36
C MET A 176 1.00 -14.13 -20.96
N TYR A 177 1.95 -13.65 -21.78
CA TYR A 177 2.98 -14.50 -22.40
C TYR A 177 4.03 -14.87 -21.34
N LYS A 178 4.64 -13.85 -20.72
CA LYS A 178 5.67 -14.08 -19.68
C LYS A 178 5.07 -14.67 -18.40
N LEU A 179 3.79 -14.37 -18.09
CA LEU A 179 3.17 -14.99 -16.91
C LEU A 179 2.97 -16.46 -17.17
N SER A 180 2.73 -16.82 -18.43
CA SER A 180 2.61 -18.25 -18.79
C SER A 180 3.97 -18.98 -18.96
N GLY A 181 5.07 -18.28 -18.61
CA GLY A 181 6.40 -18.64 -19.08
C GLY A 181 6.44 -18.92 -20.57
N GLY A 182 5.90 -18.02 -21.36
CA GLY A 182 5.90 -18.18 -22.83
C GLY A 182 4.96 -19.19 -23.50
N LYS A 183 4.09 -19.87 -22.73
CA LYS A 183 3.13 -20.86 -23.29
C LYS A 183 1.91 -20.28 -24.01
N ALA A 184 1.35 -19.17 -23.54
CA ALA A 184 0.16 -18.55 -24.18
C ALA A 184 0.55 -17.31 -25.01
N PHE A 185 -0.09 -17.14 -26.17
CA PHE A 185 0.17 -15.99 -27.05
C PHE A 185 -1.15 -15.43 -27.61
N VAL A 186 -1.92 -14.82 -26.71
CA VAL A 186 -3.31 -14.40 -26.96
C VAL A 186 -3.56 -12.98 -26.51
N THR A 187 -4.61 -12.37 -27.06
CA THR A 187 -4.98 -11.02 -26.76
C THR A 187 -6.49 -10.99 -26.63
N ASP A 188 -7.00 -10.14 -25.77
CA ASP A 188 -8.46 -10.04 -25.65
C ASP A 188 -9.00 -9.10 -26.74
N VAL A 189 -10.32 -9.24 -27.01
CA VAL A 189 -11.03 -8.42 -28.00
C VAL A 189 -10.97 -6.93 -27.80
N THR A 190 -10.85 -6.46 -26.55
CA THR A 190 -10.91 -5.04 -26.30
C THR A 190 -9.61 -4.44 -26.71
N ASN A 191 -8.51 -5.07 -26.30
CA ASN A 191 -7.17 -4.61 -26.73
C ASN A 191 -6.93 -4.73 -28.21
N ALA A 192 -7.40 -5.84 -28.77
CA ALA A 192 -7.25 -6.11 -30.23
C ALA A 192 -7.91 -4.98 -31.03
N SER A 193 -9.02 -4.47 -30.48
CA SER A 193 -9.78 -3.40 -31.08
C SER A 193 -9.07 -2.05 -31.16
N ARG A 194 -7.86 -1.93 -30.62
CA ARG A 194 -7.14 -0.67 -30.58
C ARG A 194 -5.81 -0.77 -31.31
N THR A 195 -5.68 -1.84 -32.08
CA THR A 195 -4.48 -2.07 -32.88
C THR A 195 -4.55 -1.39 -34.21
N PHE A 196 -5.79 -1.24 -34.73
CA PHE A 196 -6.04 -0.79 -36.12
C PHE A 196 -5.83 -1.94 -37.13
N LEU A 197 -5.76 -3.18 -36.63
CA LEU A 197 -5.67 -4.35 -37.47
C LEU A 197 -6.83 -5.27 -37.27
N MET A 198 -7.78 -5.00 -36.39
CA MET A 198 -8.95 -5.87 -36.23
C MET A 198 -10.17 -5.31 -36.96
N ASP A 199 -11.03 -6.23 -37.38
CA ASP A 199 -12.29 -5.89 -38.03
C ASP A 199 -13.38 -5.92 -36.95
N LEU A 200 -13.97 -4.79 -36.64
CA LEU A 200 -14.98 -4.76 -35.57
C LEU A 200 -16.13 -5.73 -35.79
N ARG A 201 -16.59 -5.91 -37.01
CA ARG A 201 -17.81 -6.69 -37.22
C ARG A 201 -17.60 -8.20 -36.96
N THR A 202 -16.36 -8.68 -37.15
CA THR A 202 -16.02 -10.12 -37.03
C THR A 202 -15.19 -10.41 -35.79
N ARG A 203 -14.32 -9.44 -35.47
CA ARG A 203 -13.40 -9.47 -34.35
C ARG A 203 -12.34 -10.48 -34.63
N LYS A 204 -11.83 -10.34 -35.85
CA LYS A 204 -10.75 -11.13 -36.35
C LYS A 204 -9.79 -10.23 -37.05
N TRP A 205 -8.56 -10.66 -37.15
CA TRP A 205 -7.58 -9.86 -37.84
C TRP A 205 -8.02 -9.70 -39.29
N SER A 206 -7.97 -8.46 -39.76
CA SER A 206 -8.37 -8.08 -41.10
C SER A 206 -7.19 -8.31 -42.00
N PRO A 207 -7.31 -9.33 -42.91
CA PRO A 207 -6.23 -9.55 -43.89
C PRO A 207 -6.00 -8.35 -44.81
N GLU A 208 -7.07 -7.70 -45.27
CA GLU A 208 -6.95 -6.42 -46.02
C GLU A 208 -6.00 -5.40 -45.34
N LEU A 209 -6.27 -5.10 -44.06
CA LEU A 209 -5.47 -4.10 -43.30
C LEU A 209 -4.04 -4.51 -43.00
N CYS A 210 -3.84 -5.76 -42.60
CA CYS A 210 -2.50 -6.28 -42.45
C CYS A 210 -1.67 -6.19 -43.73
N GLU A 211 -2.21 -6.67 -44.84
CA GLU A 211 -1.56 -6.47 -46.12
C GLU A 211 -1.22 -4.99 -46.38
N LYS A 212 -2.23 -4.12 -46.41
CA LYS A 212 -1.95 -2.72 -46.74
C LYS A 212 -0.87 -2.11 -45.83
N LEU A 213 -1.03 -2.22 -44.50
CA LEU A 213 -0.03 -1.67 -43.53
C LEU A 213 1.27 -2.48 -43.39
N LYS A 214 1.24 -3.71 -43.88
CA LYS A 214 2.42 -4.55 -44.08
C LYS A 214 3.04 -4.96 -42.74
N ILE A 215 2.12 -5.36 -41.84
CA ILE A 215 2.38 -6.11 -40.60
C ILE A 215 1.97 -7.57 -40.89
N PRO A 216 2.95 -8.49 -40.85
CA PRO A 216 2.62 -9.89 -41.12
C PRO A 216 1.82 -10.50 -39.99
N MET A 217 0.93 -11.43 -40.30
CA MET A 217 0.01 -11.98 -39.31
C MET A 217 0.56 -13.10 -38.48
N GLU A 218 1.82 -13.46 -38.71
CA GLU A 218 2.54 -14.43 -37.84
C GLU A 218 3.02 -13.73 -36.56
N THR A 219 3.28 -12.43 -36.67
CA THR A 219 3.64 -11.60 -35.52
C THR A 219 2.44 -11.25 -34.60
N LEU A 220 1.21 -11.58 -35.03
CA LEU A 220 0.02 -11.33 -34.20
C LEU A 220 -0.49 -12.56 -33.45
N PRO A 221 -1.01 -12.33 -32.24
CA PRO A 221 -1.52 -13.36 -31.35
C PRO A 221 -2.98 -13.70 -31.62
N GLU A 222 -3.49 -14.68 -30.89
CA GLU A 222 -4.84 -15.15 -31.10
C GLU A 222 -5.86 -14.32 -30.30
N ILE A 223 -6.88 -13.81 -30.98
CA ILE A 223 -7.96 -13.00 -30.36
C ILE A 223 -8.91 -13.89 -29.58
N ARG A 224 -9.12 -13.58 -28.31
CA ARG A 224 -9.99 -14.35 -27.46
C ARG A 224 -10.92 -13.37 -26.79
N SER A 225 -11.87 -13.86 -26.00
CA SER A 225 -12.81 -12.99 -25.28
C SER A 225 -12.14 -12.27 -24.07
N ASN A 226 -12.96 -11.62 -23.24
CA ASN A 226 -12.48 -11.00 -21.98
C ASN A 226 -12.46 -11.95 -20.76
N SER A 227 -13.42 -12.86 -20.72
CA SER A 227 -13.55 -13.89 -19.71
C SER A 227 -13.58 -15.30 -20.32
N GLU A 228 -12.52 -16.07 -20.05
CA GLU A 228 -12.29 -17.49 -20.46
C GLU A 228 -10.94 -17.97 -19.89
N LEU A 229 -10.50 -19.20 -20.15
CA LEU A 229 -9.15 -19.61 -19.73
C LEU A 229 -8.09 -19.12 -20.72
N PHE A 230 -7.20 -18.21 -20.30
CA PHE A 230 -6.08 -17.76 -21.19
C PHE A 230 -4.81 -18.59 -21.03
N GLY A 231 -4.53 -18.96 -19.78
CA GLY A 231 -3.37 -19.77 -19.46
C GLY A 231 -3.28 -19.93 -17.96
N TYR A 232 -2.11 -20.37 -17.49
CA TYR A 232 -1.85 -20.48 -16.06
C TYR A 232 -0.61 -19.66 -15.76
N VAL A 233 -0.32 -19.47 -14.47
CA VAL A 233 0.91 -18.77 -14.05
C VAL A 233 2.04 -19.78 -13.80
N GLU A 234 3.14 -19.65 -14.51
CA GLU A 234 4.21 -20.65 -14.45
C GLU A 234 5.53 -19.92 -14.51
N THR A 235 5.72 -19.01 -13.58
CA THR A 235 6.97 -18.33 -13.50
C THR A 235 7.27 -18.21 -12.03
N ASP A 236 8.53 -18.05 -11.71
CA ASP A 236 8.92 -17.86 -10.36
C ASP A 236 9.70 -16.55 -10.33
N GLU A 237 9.27 -15.54 -11.13
CA GLU A 237 10.09 -14.34 -11.38
C GLU A 237 10.21 -13.37 -10.21
N CYS A 238 9.27 -13.31 -9.27
CA CYS A 238 9.63 -12.75 -7.94
C CYS A 238 9.05 -13.61 -6.85
N GLY A 239 9.29 -14.91 -6.99
CA GLY A 239 8.71 -15.89 -6.10
C GLY A 239 7.20 -15.82 -6.09
N VAL A 240 6.61 -15.75 -7.28
CA VAL A 240 5.18 -15.54 -7.45
C VAL A 240 4.43 -16.86 -7.50
N ALA A 241 5.02 -17.86 -8.16
CA ALA A 241 4.54 -19.25 -8.05
C ALA A 241 4.61 -19.71 -6.56
N ALA A 242 5.65 -19.27 -5.86
CA ALA A 242 5.80 -19.60 -4.44
C ALA A 242 4.72 -18.92 -3.65
N ALA A 243 4.53 -17.61 -3.85
CA ALA A 243 3.51 -16.83 -3.14
C ALA A 243 2.11 -17.36 -3.42
N LEU A 244 1.85 -17.66 -4.71
CA LEU A 244 0.54 -18.13 -5.14
C LEU A 244 0.21 -19.53 -4.66
N ASN A 245 1.25 -20.34 -4.40
CA ASN A 245 1.13 -21.71 -3.86
C ASN A 245 0.58 -22.70 -4.86
N GLU A 246 -0.64 -22.45 -5.33
CA GLU A 246 -1.37 -23.34 -6.23
C GLU A 246 -1.05 -23.08 -7.68
N ARG A 247 -1.54 -23.99 -8.53
CA ARG A 247 -1.85 -23.61 -9.90
C ARG A 247 -2.96 -22.56 -9.80
N THR A 248 -2.78 -21.47 -10.55
CA THR A 248 -3.68 -20.33 -10.58
C THR A 248 -3.87 -19.95 -12.04
N PRO A 249 -5.12 -20.05 -12.53
CA PRO A 249 -5.40 -19.70 -13.89
C PRO A 249 -5.55 -18.16 -14.13
N ILE A 250 -5.14 -17.72 -15.33
CA ILE A 250 -5.36 -16.37 -15.83
C ILE A 250 -6.61 -16.52 -16.66
N MET A 251 -7.70 -15.90 -16.21
CA MET A 251 -9.04 -16.09 -16.80
C MET A 251 -9.77 -14.79 -17.17
N GLY A 252 -9.08 -13.66 -17.12
CA GLY A 252 -9.64 -12.32 -17.33
C GLY A 252 -8.54 -11.44 -17.91
N SER A 253 -8.91 -10.68 -18.91
CA SER A 253 -7.99 -9.79 -19.61
C SER A 253 -8.84 -8.78 -20.32
N ILE A 254 -8.53 -7.48 -20.18
CA ILE A 254 -9.42 -6.38 -20.67
C ILE A 254 -8.75 -4.97 -20.60
N GLY A 255 -8.96 -4.17 -21.63
CA GLY A 255 -8.26 -2.87 -21.72
C GLY A 255 -8.77 -1.97 -20.64
N ASP A 256 -7.92 -1.12 -20.06
CA ASP A 256 -8.27 -0.37 -18.82
C ASP A 256 -9.63 0.33 -18.87
N GLN A 257 -9.85 1.05 -19.94
CA GLN A 257 -11.07 1.82 -20.06
C GLN A 257 -12.30 0.90 -20.10
N GLN A 258 -12.19 -0.21 -20.79
CA GLN A 258 -13.27 -1.14 -20.87
C GLN A 258 -13.41 -1.90 -19.54
N SER A 259 -12.28 -2.06 -18.85
CA SER A 259 -12.27 -2.54 -17.47
C SER A 259 -13.14 -1.66 -16.61
N ALA A 260 -12.95 -0.34 -16.70
CA ALA A 260 -13.79 0.62 -16.00
C ALA A 260 -15.26 0.43 -16.33
N LEU A 261 -15.59 0.45 -17.61
CA LEU A 261 -16.97 0.24 -18.08
C LEU A 261 -17.60 -1.01 -17.47
N PHE A 262 -16.87 -2.11 -17.55
CA PHE A 262 -17.31 -3.37 -17.01
C PHE A 262 -17.39 -3.32 -15.47
N GLY A 263 -16.41 -2.70 -14.86
CA GLY A 263 -16.37 -2.60 -13.41
C GLY A 263 -17.33 -1.62 -12.78
N ASN A 264 -17.91 -0.77 -13.61
CA ASN A 264 -18.99 0.09 -13.21
C ASN A 264 -20.34 -0.58 -13.56
N MET A 265 -20.32 -1.88 -13.86
CA MET A 265 -21.54 -2.66 -14.16
C MET A 265 -22.34 -2.15 -15.39
N CYS A 266 -21.71 -1.38 -16.29
CA CYS A 266 -22.41 -0.82 -17.45
C CYS A 266 -22.68 -1.88 -18.54
N PHE A 267 -23.51 -2.86 -18.22
CA PHE A 267 -23.67 -4.01 -19.06
C PHE A 267 -24.77 -3.84 -20.12
N GLU A 268 -25.57 -2.79 -20.02
CA GLU A 268 -26.73 -2.59 -20.89
C GLU A 268 -26.51 -1.48 -21.90
N LYS A 269 -27.29 -1.56 -22.98
CA LYS A 269 -27.23 -0.56 -24.03
C LYS A 269 -27.73 0.76 -23.44
N GLY A 270 -26.88 1.81 -23.44
CA GLY A 270 -27.24 3.13 -22.94
C GLY A 270 -26.72 3.46 -21.55
N GLU A 271 -25.90 2.56 -20.97
CA GLU A 271 -25.18 2.79 -19.70
C GLU A 271 -23.79 3.37 -20.01
N ALA A 272 -23.28 4.31 -19.24
CA ALA A 272 -21.97 4.90 -19.50
C ALA A 272 -21.13 5.04 -18.24
N LYS A 273 -19.80 5.13 -18.43
CA LYS A 273 -18.89 5.57 -17.39
C LYS A 273 -18.04 6.73 -17.90
N ASN A 274 -17.75 7.71 -17.03
CA ASN A 274 -16.72 8.72 -17.28
C ASN A 274 -15.72 8.59 -16.19
N THR A 275 -14.45 8.49 -16.59
CA THR A 275 -13.35 8.62 -15.68
C THR A 275 -12.76 10.02 -15.68
N TYR A 276 -13.05 10.73 -14.59
CA TYR A 276 -12.46 12.03 -14.27
C TYR A 276 -11.05 11.85 -13.66
N GLY A 277 -10.06 11.49 -14.46
CA GLY A 277 -8.64 11.60 -14.07
C GLY A 277 -8.10 12.94 -14.58
N THR A 278 -6.80 12.99 -14.88
CA THR A 278 -6.16 14.17 -15.58
C THR A 278 -6.93 14.72 -16.82
N GLY A 279 -7.21 13.84 -17.79
CA GLY A 279 -8.28 14.08 -18.73
C GLY A 279 -9.52 13.28 -18.36
N CYS A 280 -10.51 13.31 -19.23
CA CYS A 280 -11.69 12.46 -19.11
C CYS A 280 -11.69 11.41 -20.23
N PHE A 281 -12.19 10.22 -19.94
CA PHE A 281 -12.52 9.25 -20.93
C PHE A 281 -13.92 8.80 -20.66
N LEU A 282 -14.83 9.05 -21.62
CA LEU A 282 -16.20 8.57 -21.56
C LEU A 282 -16.38 7.36 -22.50
N LEU A 283 -17.06 6.31 -22.02
CA LEU A 283 -17.39 5.11 -22.79
C LEU A 283 -18.81 4.73 -22.53
N MET A 284 -19.64 4.77 -23.56
CA MET A 284 -21.01 4.29 -23.44
C MET A 284 -21.10 2.91 -24.00
N ASN A 285 -21.87 2.03 -23.38
CA ASN A 285 -22.22 0.75 -23.97
C ASN A 285 -23.31 0.95 -25.04
N VAL A 286 -23.00 0.78 -26.31
CA VAL A 286 -23.99 1.04 -27.39
C VAL A 286 -24.80 -0.17 -27.78
N GLY A 287 -24.51 -1.33 -27.24
CA GLY A 287 -25.31 -2.50 -27.52
C GLY A 287 -24.53 -3.51 -28.35
N GLU A 288 -25.25 -4.54 -28.78
CA GLU A 288 -24.67 -5.81 -29.17
C GLU A 288 -24.17 -5.82 -30.63
N GLU A 289 -24.48 -4.72 -31.36
CA GLU A 289 -23.91 -4.49 -32.67
C GLU A 289 -23.34 -3.07 -32.78
N ALA A 290 -22.19 -2.97 -33.45
CA ALA A 290 -21.37 -1.77 -33.47
C ALA A 290 -22.15 -0.57 -33.92
N ARG A 291 -21.74 0.60 -33.49
CA ARG A 291 -22.18 1.85 -34.09
C ARG A 291 -20.92 2.61 -34.44
N PHE A 292 -20.97 3.33 -35.54
CA PHE A 292 -19.86 4.11 -36.05
C PHE A 292 -20.15 5.58 -35.94
N SER A 293 -19.10 6.37 -35.93
CA SER A 293 -19.25 7.75 -35.57
C SER A 293 -18.97 8.68 -36.72
N LYS A 294 -19.76 9.75 -36.69
CA LYS A 294 -19.61 10.87 -37.56
C LYS A 294 -19.24 12.11 -36.77
N HIS A 295 -18.71 11.95 -35.54
CA HIS A 295 -18.28 13.11 -34.74
C HIS A 295 -16.80 13.05 -34.32
N GLY A 296 -16.07 12.04 -34.77
CA GLY A 296 -14.63 11.87 -34.43
C GLY A 296 -14.38 10.89 -33.27
N LEU A 297 -15.48 10.43 -32.63
CA LEU A 297 -15.46 9.48 -31.53
C LEU A 297 -14.92 8.20 -32.05
N LEU A 298 -14.48 7.31 -31.19
CA LEU A 298 -14.07 6.00 -31.57
C LEU A 298 -15.14 4.96 -31.30
N SER A 299 -15.30 4.01 -32.25
CA SER A 299 -16.04 2.76 -32.03
C SER A 299 -15.07 1.73 -31.51
N THR A 300 -15.54 0.89 -30.61
CA THR A 300 -14.67 -0.05 -29.95
C THR A 300 -15.49 -1.19 -29.38
N VAL A 301 -14.84 -2.28 -29.02
CA VAL A 301 -15.51 -3.36 -28.30
C VAL A 301 -15.67 -2.86 -26.85
N GLY A 302 -16.79 -3.15 -26.22
CA GLY A 302 -16.99 -2.68 -24.85
C GLY A 302 -16.43 -3.79 -24.01
N PHE A 303 -17.07 -4.94 -24.13
CA PHE A 303 -16.60 -6.16 -23.52
C PHE A 303 -17.25 -7.38 -24.21
N GLN A 304 -16.81 -8.57 -23.83
CA GLN A 304 -17.37 -9.81 -24.37
C GLN A 304 -17.03 -10.87 -23.34
N VAL A 305 -18.06 -11.48 -22.77
CA VAL A 305 -17.86 -12.44 -21.70
C VAL A 305 -18.12 -13.83 -22.20
N GLY A 306 -17.07 -14.65 -22.23
CA GLY A 306 -17.15 -16.03 -22.69
C GLY A 306 -16.57 -16.13 -24.07
N ARG A 307 -15.84 -17.21 -24.33
CA ARG A 307 -15.39 -17.48 -25.68
C ARG A 307 -16.63 -17.66 -26.58
N ASP A 308 -16.57 -17.07 -27.76
CA ASP A 308 -17.73 -16.93 -28.67
C ASP A 308 -19.01 -16.25 -28.10
N GLY A 309 -18.89 -15.64 -26.92
CA GLY A 309 -20.05 -15.17 -26.14
C GLY A 309 -20.55 -13.86 -26.69
N PRO A 310 -21.66 -13.33 -26.15
CA PRO A 310 -22.18 -12.06 -26.65
C PRO A 310 -21.12 -10.99 -26.57
N CYS A 311 -21.04 -10.21 -27.63
CA CYS A 311 -20.11 -9.12 -27.68
C CYS A 311 -20.84 -7.79 -27.70
N TYR A 312 -20.55 -6.96 -26.72
CA TYR A 312 -21.17 -5.66 -26.56
C TYR A 312 -20.19 -4.62 -27.05
N TYR A 313 -20.67 -3.63 -27.80
CA TYR A 313 -19.82 -2.62 -28.41
C TYR A 313 -19.97 -1.31 -27.72
N ALA A 314 -19.01 -0.43 -27.91
CA ALA A 314 -19.00 0.87 -27.29
C ALA A 314 -18.55 1.99 -28.22
N LEU A 315 -19.02 3.21 -27.92
CA LEU A 315 -18.43 4.42 -28.43
C LEU A 315 -17.58 5.00 -27.34
N GLU A 316 -16.52 5.72 -27.71
CA GLU A 316 -15.59 6.31 -26.75
C GLU A 316 -15.21 7.77 -27.11
N GLY A 317 -15.35 8.67 -26.14
CA GLY A 317 -14.91 10.03 -26.26
C GLY A 317 -13.99 10.31 -25.13
N ALA A 318 -13.07 11.24 -25.33
CA ALA A 318 -12.11 11.67 -24.32
C ALA A 318 -12.22 13.15 -24.20
N ILE A 319 -11.77 13.74 -23.10
CA ILE A 319 -11.44 15.18 -23.11
C ILE A 319 -10.09 15.36 -22.42
N ALA A 320 -9.35 16.38 -22.85
CA ALA A 320 -7.90 16.42 -22.62
C ALA A 320 -7.49 17.05 -21.31
N CYS A 321 -8.25 18.00 -20.81
CA CYS A 321 -7.83 18.78 -19.64
C CYS A 321 -8.97 18.90 -18.63
N ALA A 322 -8.99 17.96 -17.69
CA ALA A 322 -9.94 17.94 -16.59
C ALA A 322 -9.17 18.23 -15.32
N GLY A 323 -8.61 17.20 -14.69
CA GLY A 323 -7.85 17.38 -13.46
C GLY A 323 -6.66 18.27 -13.72
N ALA A 324 -6.11 18.19 -14.93
CA ALA A 324 -5.02 19.06 -15.33
C ALA A 324 -5.37 20.53 -15.17
N THR A 325 -6.63 20.89 -15.48
CA THR A 325 -7.09 22.28 -15.44
C THR A 325 -7.15 22.68 -13.98
N VAL A 326 -7.59 21.79 -13.14
CA VAL A 326 -7.57 22.09 -11.73
C VAL A 326 -6.14 22.33 -11.28
N GLU A 327 -5.27 21.38 -11.54
CA GLU A 327 -3.85 21.54 -11.25
C GLU A 327 -3.30 22.91 -11.71
N TRP A 328 -3.59 23.29 -12.95
CA TRP A 328 -3.12 24.56 -13.56
C TRP A 328 -3.60 25.78 -12.78
N MET A 329 -4.88 25.77 -12.40
CA MET A 329 -5.43 26.89 -11.68
C MET A 329 -4.62 27.07 -10.39
N ARG A 330 -4.47 25.95 -9.67
CA ARG A 330 -3.77 25.91 -8.42
C ARG A 330 -2.34 26.33 -8.58
N ARG A 331 -1.60 25.70 -9.50
CA ARG A 331 -0.14 25.87 -9.49
C ARG A 331 0.55 26.74 -10.54
N ASN A 332 -0.14 27.04 -11.65
CA ASN A 332 0.28 28.13 -12.52
C ASN A 332 -0.37 29.44 -12.20
N MET A 333 -1.55 29.41 -11.60
CA MET A 333 -2.33 30.64 -11.43
C MET A 333 -2.57 31.10 -9.99
N ASN A 334 -2.40 30.21 -9.01
CA ASN A 334 -2.52 30.56 -7.59
C ASN A 334 -3.96 30.95 -7.11
N LEU A 335 -4.96 30.53 -7.87
CA LEU A 335 -6.35 30.82 -7.53
C LEU A 335 -6.75 30.09 -6.26
N PHE A 336 -5.95 29.11 -5.86
CA PHE A 336 -6.02 28.53 -4.55
C PHE A 336 -4.71 27.81 -4.32
N SER A 337 -4.52 27.26 -3.13
CA SER A 337 -3.37 26.34 -2.90
C SER A 337 -3.78 24.91 -2.48
N HIS A 338 -4.66 24.76 -1.49
CA HIS A 338 -5.03 23.44 -0.99
C HIS A 338 -6.29 22.94 -1.67
N ILE A 339 -6.14 21.84 -2.42
CA ILE A 339 -7.20 21.03 -3.11
C ILE A 339 -8.67 21.14 -2.68
N THR A 340 -8.93 21.08 -1.38
CA THR A 340 -10.29 21.18 -0.87
C THR A 340 -10.92 22.53 -1.21
N GLU A 341 -10.10 23.60 -1.31
CA GLU A 341 -10.57 24.99 -1.57
C GLU A 341 -11.18 25.21 -2.94
N CYS A 342 -10.80 24.36 -3.90
CA CYS A 342 -11.35 24.46 -5.25
C CYS A 342 -12.88 24.43 -5.15
N GLU A 343 -13.43 23.31 -4.62
CA GLU A 343 -14.88 23.15 -4.48
C GLU A 343 -15.45 24.10 -3.44
N LYS A 344 -14.66 24.53 -2.47
CA LYS A 344 -15.21 25.46 -1.47
C LYS A 344 -15.45 26.87 -2.07
N LEU A 345 -14.63 27.26 -3.05
CA LEU A 345 -14.72 28.56 -3.75
C LEU A 345 -15.76 28.56 -4.88
N ALA A 346 -15.83 27.46 -5.61
CA ALA A 346 -16.88 27.28 -6.59
C ALA A 346 -18.24 27.34 -5.94
N ARG A 347 -18.36 26.65 -4.80
CA ARG A 347 -19.54 26.66 -3.96
C ARG A 347 -19.91 28.05 -3.45
N SER A 348 -18.93 28.90 -3.22
CA SER A 348 -19.18 30.23 -2.63
C SER A 348 -19.85 31.29 -3.55
N VAL A 349 -20.18 30.96 -4.79
CA VAL A 349 -20.96 31.86 -5.64
C VAL A 349 -22.13 31.15 -6.30
N PRO A 350 -23.23 31.87 -6.49
CA PRO A 350 -24.44 31.22 -7.02
C PRO A 350 -24.22 30.59 -8.41
N GLY A 351 -23.55 31.33 -9.31
CA GLY A 351 -23.05 30.74 -10.56
C GLY A 351 -21.81 31.45 -11.08
N THR A 352 -21.65 31.44 -12.39
CA THR A 352 -20.50 32.09 -13.04
C THR A 352 -20.75 33.54 -13.46
N GLN A 353 -21.90 34.10 -13.08
CA GLN A 353 -22.39 35.41 -13.55
C GLN A 353 -21.85 35.91 -14.91
N GLY A 354 -22.06 35.07 -15.91
CA GLY A 354 -21.78 35.45 -17.27
C GLY A 354 -20.53 34.91 -17.94
N ILE A 355 -19.50 34.56 -17.15
CA ILE A 355 -18.23 34.18 -17.75
C ILE A 355 -18.24 32.73 -18.26
N VAL A 356 -17.48 32.49 -19.33
CA VAL A 356 -17.11 31.15 -19.73
C VAL A 356 -15.59 31.11 -19.78
N PHE A 357 -15.07 29.93 -19.41
CA PHE A 357 -13.66 29.58 -19.39
C PHE A 357 -13.50 28.27 -20.14
N VAL A 358 -13.08 28.34 -21.39
CA VAL A 358 -12.73 27.11 -22.15
C VAL A 358 -11.25 26.65 -21.87
N PRO A 359 -11.03 25.53 -21.14
CA PRO A 359 -9.67 25.15 -20.77
C PRO A 359 -9.07 24.27 -21.87
N ALA A 360 -8.87 24.93 -23.01
CA ALA A 360 -8.47 24.31 -24.28
C ALA A 360 -6.99 24.58 -24.51
N PHE A 361 -6.17 24.13 -23.57
CA PHE A 361 -4.74 24.46 -23.58
C PHE A 361 -4.09 23.72 -24.74
N SER A 362 -4.18 22.41 -24.73
CA SER A 362 -3.70 21.57 -25.81
C SER A 362 -4.80 21.23 -26.84
N GLY A 363 -5.68 22.20 -27.17
CA GLY A 363 -6.76 22.04 -28.14
C GLY A 363 -8.05 21.39 -27.65
N LEU A 364 -9.02 21.29 -28.58
CA LEU A 364 -10.35 20.68 -28.32
C LEU A 364 -10.54 19.17 -28.72
N LEU A 365 -10.34 18.25 -27.80
CA LEU A 365 -10.42 16.80 -28.12
C LEU A 365 -11.82 16.12 -28.19
N ALA A 366 -12.88 16.84 -27.87
CA ALA A 366 -14.21 16.25 -27.79
C ALA A 366 -14.86 16.39 -29.18
N PRO A 367 -16.20 16.31 -29.34
CA PRO A 367 -16.70 16.20 -30.71
C PRO A 367 -16.79 17.56 -31.43
N TYR A 368 -15.64 18.21 -31.55
CA TYR A 368 -15.45 19.43 -32.32
C TYR A 368 -13.94 19.55 -32.26
N TRP A 369 -13.27 19.23 -33.36
CA TRP A 369 -11.96 18.67 -33.27
C TRP A 369 -10.86 19.63 -33.68
N ASP A 370 -10.89 20.81 -33.07
CA ASP A 370 -9.94 21.88 -33.35
C ASP A 370 -8.65 21.77 -32.46
N PRO A 371 -7.48 21.60 -33.08
CA PRO A 371 -6.23 21.67 -32.34
C PRO A 371 -5.61 23.07 -32.30
N SER A 372 -6.24 24.05 -32.96
CA SER A 372 -5.84 25.46 -32.83
C SER A 372 -6.60 26.17 -31.66
N ALA A 373 -7.54 25.46 -31.08
CA ALA A 373 -8.20 25.88 -29.86
C ALA A 373 -7.14 26.13 -28.84
N ARG A 374 -7.26 27.25 -28.16
CA ARG A 374 -6.47 27.54 -27.00
C ARG A 374 -7.36 28.08 -25.85
N GLY A 375 -6.88 27.92 -24.62
CA GLY A 375 -7.57 28.37 -23.41
C GLY A 375 -8.06 29.80 -23.43
N THR A 376 -9.36 30.01 -23.29
CA THR A 376 -9.87 31.37 -23.28
C THR A 376 -10.81 31.54 -22.14
N ILE A 377 -10.79 32.75 -21.59
CA ILE A 377 -11.83 33.21 -20.71
C ILE A 377 -12.53 34.35 -21.38
N VAL A 378 -13.88 34.37 -21.31
CA VAL A 378 -14.67 35.51 -21.81
C VAL A 378 -15.69 36.00 -20.83
N GLY A 379 -15.98 37.30 -20.87
CA GLY A 379 -17.06 37.86 -20.03
C GLY A 379 -16.75 38.48 -18.67
N MET A 380 -15.51 38.81 -18.38
CA MET A 380 -15.18 39.25 -17.02
C MET A 380 -15.56 40.71 -16.79
N THR A 381 -16.02 41.01 -15.58
CA THR A 381 -16.25 42.35 -15.12
C THR A 381 -15.29 42.57 -13.96
N LEU A 382 -15.34 43.71 -13.26
CA LEU A 382 -14.59 43.86 -12.02
C LEU A 382 -15.24 43.09 -10.88
N LYS A 383 -16.50 42.65 -11.05
CA LYS A 383 -17.18 41.76 -10.08
C LYS A 383 -16.79 40.26 -10.22
N THR A 384 -15.95 39.95 -11.19
CA THR A 384 -15.46 38.58 -11.43
C THR A 384 -14.34 38.29 -10.46
N THR A 385 -14.21 37.05 -9.99
CA THR A 385 -13.26 36.65 -8.93
C THR A 385 -12.83 35.24 -9.21
N ARG A 386 -11.81 34.81 -8.51
CA ARG A 386 -11.31 33.50 -8.71
C ARG A 386 -12.36 32.43 -8.40
N ALA A 387 -13.26 32.74 -7.45
CA ALA A 387 -14.39 31.85 -7.18
C ALA A 387 -15.12 31.50 -8.47
N HIS A 388 -15.42 32.52 -9.24
CA HIS A 388 -16.16 32.37 -10.49
C HIS A 388 -15.37 31.57 -11.52
N VAL A 389 -14.16 32.05 -11.79
CA VAL A 389 -13.24 31.34 -12.69
C VAL A 389 -13.14 29.82 -12.41
N ILE A 390 -13.04 29.49 -11.15
CA ILE A 390 -12.92 28.12 -10.72
C ILE A 390 -14.20 27.39 -11.04
N ARG A 391 -15.33 27.95 -10.64
CA ARG A 391 -16.58 27.29 -10.92
C ARG A 391 -16.75 27.07 -12.44
N ALA A 392 -16.38 28.11 -13.21
CA ALA A 392 -16.40 28.09 -14.63
C ALA A 392 -15.58 26.93 -15.23
N ALA A 393 -14.42 26.62 -14.65
CA ALA A 393 -13.67 25.43 -15.06
C ALA A 393 -14.47 24.13 -14.87
N LEU A 394 -15.19 24.05 -13.75
CA LEU A 394 -16.01 22.85 -13.50
C LEU A 394 -17.13 22.76 -14.46
N GLN A 395 -17.72 23.91 -14.74
CA GLN A 395 -18.77 23.97 -15.74
C GLN A 395 -18.29 23.47 -17.08
N ALA A 396 -17.11 23.93 -17.47
CA ALA A 396 -16.48 23.53 -18.74
C ALA A 396 -16.27 22.03 -18.80
N ILE A 397 -15.60 21.46 -17.82
CA ILE A 397 -15.47 20.03 -17.83
C ILE A 397 -16.82 19.36 -18.07
N ALA A 398 -17.88 19.96 -17.51
CA ALA A 398 -19.24 19.44 -17.62
C ALA A 398 -19.87 19.69 -18.97
N LEU A 399 -19.52 20.79 -19.62
CA LEU A 399 -20.11 21.09 -20.90
C LEU A 399 -19.50 20.22 -22.01
N GLN A 400 -18.20 19.89 -21.94
CA GLN A 400 -17.61 18.97 -22.90
C GLN A 400 -18.23 17.61 -22.78
N LEU A 401 -18.40 17.10 -21.58
CA LEU A 401 -19.06 15.79 -21.49
C LEU A 401 -20.41 15.82 -22.14
N ASN A 402 -21.21 16.80 -21.78
CA ASN A 402 -22.60 16.93 -22.26
C ASN A 402 -22.71 16.84 -23.79
N ASP A 403 -21.81 17.58 -24.44
CA ASP A 403 -21.63 17.62 -25.87
C ASP A 403 -21.13 16.26 -26.48
N VAL A 404 -20.24 15.55 -25.77
CA VAL A 404 -19.76 14.23 -26.12
C VAL A 404 -20.88 13.22 -26.00
N VAL A 405 -21.58 13.26 -24.88
CA VAL A 405 -22.77 12.39 -24.65
C VAL A 405 -23.84 12.57 -25.74
N GLY A 406 -24.05 13.81 -26.13
CA GLY A 406 -24.91 14.17 -27.24
C GLY A 406 -24.57 13.40 -28.49
N SER A 407 -23.35 13.63 -29.05
CA SER A 407 -22.81 12.88 -30.17
C SER A 407 -23.13 11.38 -30.06
N MET A 408 -22.71 10.76 -28.96
CA MET A 408 -22.94 9.34 -28.79
C MET A 408 -24.43 9.00 -28.93
N LYS A 409 -25.33 9.74 -28.27
CA LYS A 409 -26.78 9.46 -28.36
C LYS A 409 -27.25 9.46 -29.83
N ARG A 410 -26.71 10.39 -30.64
CA ARG A 410 -27.07 10.54 -32.05
C ARG A 410 -26.59 9.28 -32.78
N ASP A 411 -25.28 9.03 -32.68
CA ASP A 411 -24.64 7.89 -33.32
C ASP A 411 -25.14 6.55 -32.84
N ALA A 412 -25.59 6.46 -31.61
CA ALA A 412 -25.98 5.16 -31.12
C ALA A 412 -27.47 4.91 -31.31
N GLY A 413 -28.24 5.98 -31.50
CA GLY A 413 -29.70 5.90 -31.51
C GLY A 413 -30.33 5.56 -30.16
N LEU A 414 -29.72 6.03 -29.06
CA LEU A 414 -30.31 5.84 -27.73
C LEU A 414 -30.04 6.95 -26.73
N ASN A 415 -30.84 6.96 -25.66
CA ASN A 415 -30.61 7.87 -24.54
C ASN A 415 -29.60 7.21 -23.62
N LEU A 416 -28.94 8.06 -22.85
CA LEU A 416 -28.12 7.64 -21.72
C LEU A 416 -29.06 7.35 -20.55
N SER A 417 -29.10 6.10 -20.10
CA SER A 417 -29.93 5.69 -18.95
C SER A 417 -29.33 6.18 -17.63
N SER A 418 -28.01 6.14 -17.55
CA SER A 418 -27.30 6.41 -16.32
C SER A 418 -25.81 6.57 -16.54
N LEU A 419 -25.17 7.48 -15.80
CA LEU A 419 -23.72 7.71 -15.89
C LEU A 419 -23.02 7.35 -14.58
N ARG A 420 -22.13 6.35 -14.61
CA ARG A 420 -21.30 6.07 -13.44
C ARG A 420 -20.03 6.89 -13.58
N VAL A 421 -19.43 7.22 -12.44
CA VAL A 421 -18.19 7.99 -12.40
C VAL A 421 -17.13 7.41 -11.45
N ASP A 422 -15.90 7.82 -11.71
CA ASP A 422 -14.73 7.38 -11.00
C ASP A 422 -13.64 8.36 -11.43
N GLY A 423 -12.44 8.20 -10.87
CA GLY A 423 -11.36 9.14 -11.09
C GLY A 423 -11.42 10.07 -9.91
N GLY A 424 -10.33 10.78 -9.65
CA GLY A 424 -10.24 11.67 -8.50
C GLY A 424 -11.32 12.73 -8.45
N LEU A 425 -11.42 13.52 -9.54
CA LEU A 425 -12.43 14.59 -9.64
C LEU A 425 -13.89 14.18 -9.38
N SER A 426 -14.18 12.87 -9.41
CA SER A 426 -15.42 12.32 -8.87
C SER A 426 -15.70 12.59 -7.35
N LYS A 427 -14.68 12.96 -6.57
CA LYS A 427 -14.88 13.33 -5.18
C LYS A 427 -15.15 14.85 -5.04
N ASN A 428 -15.54 15.53 -6.12
CA ASN A 428 -15.93 16.93 -6.06
C ASN A 428 -17.43 16.93 -6.40
N GLY A 429 -18.24 17.01 -5.35
CA GLY A 429 -19.69 16.91 -5.45
C GLY A 429 -20.30 18.00 -6.26
N LEU A 430 -19.64 19.16 -6.32
CA LEU A 430 -20.19 20.25 -7.11
C LEU A 430 -20.07 19.97 -8.60
N LEU A 431 -18.93 19.48 -9.05
CA LEU A 431 -18.83 19.07 -10.42
C LEU A 431 -19.90 18.04 -10.74
N MET A 432 -20.05 17.09 -9.83
CA MET A 432 -20.96 15.97 -10.05
C MET A 432 -22.41 16.44 -10.24
N GLU A 433 -22.80 17.47 -9.51
CA GLU A 433 -24.17 17.98 -9.55
C GLU A 433 -24.44 18.89 -10.76
N ILE A 434 -23.44 19.71 -11.11
CA ILE A 434 -23.43 20.44 -12.40
C ILE A 434 -23.57 19.44 -13.56
N GLN A 435 -22.88 18.31 -13.45
CA GLN A 435 -22.95 17.25 -14.43
C GLN A 435 -24.33 16.54 -14.51
N ALA A 436 -24.96 16.17 -13.39
CA ALA A 436 -26.30 15.59 -13.50
C ALA A 436 -27.26 16.60 -14.02
N SER A 437 -27.24 17.82 -13.47
CA SER A 437 -28.17 18.87 -13.90
C SER A 437 -28.12 19.10 -15.42
N LEU A 438 -26.91 19.26 -15.96
CA LEU A 438 -26.70 19.32 -17.42
C LEU A 438 -27.26 18.15 -18.19
N LEU A 439 -27.01 16.93 -17.74
CA LEU A 439 -27.42 15.74 -18.50
C LEU A 439 -28.82 15.25 -18.21
N GLY A 440 -29.39 15.63 -17.07
CA GLY A 440 -30.72 15.14 -16.69
C GLY A 440 -30.77 13.61 -16.63
N VAL A 441 -29.85 13.06 -15.84
CA VAL A 441 -29.83 11.64 -15.47
C VAL A 441 -29.11 11.62 -14.17
N ASP A 442 -29.35 10.61 -13.34
CA ASP A 442 -28.62 10.57 -12.05
C ASP A 442 -27.23 10.13 -12.38
N ILE A 443 -26.34 10.46 -11.47
CA ILE A 443 -24.96 10.12 -11.63
C ILE A 443 -24.62 9.22 -10.48
N LEU A 444 -24.04 8.06 -10.75
CA LEU A 444 -23.71 7.11 -9.68
C LEU A 444 -22.23 7.17 -9.38
N VAL A 445 -21.90 7.19 -8.07
CA VAL A 445 -20.53 7.29 -7.56
C VAL A 445 -20.30 6.10 -6.65
N PRO A 446 -19.36 5.19 -6.99
CA PRO A 446 -19.07 4.04 -6.14
C PRO A 446 -18.20 4.40 -5.01
N SER A 447 -18.47 3.79 -3.88
CA SER A 447 -17.70 4.10 -2.70
C SER A 447 -16.39 3.34 -2.80
N MET A 448 -16.48 2.11 -3.31
CA MET A 448 -15.31 1.31 -3.65
C MET A 448 -14.84 1.81 -5.01
N HIS A 449 -13.82 2.67 -5.04
CA HIS A 449 -13.50 3.45 -6.27
C HIS A 449 -12.23 2.90 -6.97
N GLU A 450 -12.26 1.58 -7.14
CA GLU A 450 -11.17 0.77 -7.61
C GLU A 450 -11.78 -0.05 -8.75
N THR A 451 -12.59 0.66 -9.52
CA THR A 451 -13.43 0.11 -10.59
C THR A 451 -12.58 -0.42 -11.78
N THR A 452 -11.50 0.23 -12.13
CA THR A 452 -10.73 -0.26 -13.25
C THR A 452 -10.20 -1.65 -12.91
N ALA A 453 -9.65 -1.85 -11.74
CA ALA A 453 -9.13 -3.17 -11.40
C ALA A 453 -10.25 -4.13 -11.14
N LEU A 454 -11.43 -3.65 -10.80
CA LEU A 454 -12.54 -4.53 -10.55
C LEU A 454 -13.04 -5.17 -11.82
N GLY A 455 -12.94 -4.46 -12.92
CA GLY A 455 -13.39 -4.98 -14.19
C GLY A 455 -12.64 -6.26 -14.50
N ALA A 456 -11.31 -6.21 -14.42
CA ALA A 456 -10.44 -7.35 -14.68
C ALA A 456 -10.75 -8.53 -13.76
N ALA A 457 -10.97 -8.21 -12.49
CA ALA A 457 -11.31 -9.20 -11.49
C ALA A 457 -12.64 -9.88 -11.78
N LEU A 458 -13.63 -9.17 -12.33
CA LEU A 458 -14.95 -9.79 -12.61
C LEU A 458 -14.86 -10.82 -13.73
N CYS A 459 -14.25 -10.43 -14.83
CA CYS A 459 -14.04 -11.32 -15.94
C CYS A 459 -13.38 -12.59 -15.45
N ALA A 460 -12.29 -12.44 -14.68
CA ALA A 460 -11.57 -13.58 -14.06
C ALA A 460 -12.49 -14.42 -13.17
N GLY A 461 -13.25 -13.78 -12.32
CA GLY A 461 -14.17 -14.51 -11.45
C GLY A 461 -15.42 -15.11 -12.11
N LEU A 462 -15.86 -14.55 -13.24
CA LEU A 462 -16.97 -15.17 -13.96
C LEU A 462 -16.45 -16.47 -14.55
N ALA A 463 -15.33 -16.41 -15.28
CA ALA A 463 -14.73 -17.62 -15.88
C ALA A 463 -14.37 -18.67 -14.84
N ALA A 464 -13.98 -18.30 -13.62
CA ALA A 464 -13.78 -19.27 -12.58
C ALA A 464 -15.07 -19.58 -11.77
N GLY A 465 -16.19 -18.96 -12.06
CA GLY A 465 -17.41 -19.24 -11.35
C GLY A 465 -17.41 -18.76 -9.91
N VAL A 466 -16.62 -17.72 -9.58
CA VAL A 466 -16.69 -17.08 -8.25
C VAL A 466 -18.07 -16.44 -8.20
N TRP A 467 -18.31 -15.56 -9.16
CA TRP A 467 -19.66 -15.13 -9.51
C TRP A 467 -20.05 -15.99 -10.72
N THR A 468 -21.35 -16.18 -10.88
CA THR A 468 -21.94 -17.06 -11.92
C THR A 468 -22.72 -16.35 -13.05
N SER A 469 -22.98 -15.04 -12.92
CA SER A 469 -23.74 -14.33 -13.95
C SER A 469 -23.68 -12.82 -13.78
N LEU A 470 -24.14 -12.10 -14.81
CA LEU A 470 -24.19 -10.63 -14.74
C LEU A 470 -25.33 -10.04 -13.86
N GLU A 471 -26.35 -10.83 -13.54
CA GLU A 471 -27.34 -10.41 -12.56
C GLU A 471 -26.71 -10.61 -11.17
N GLU A 472 -25.93 -11.67 -10.98
CA GLU A 472 -25.27 -11.91 -9.68
C GLU A 472 -24.23 -10.83 -9.34
N VAL A 473 -23.20 -10.71 -10.20
CA VAL A 473 -22.22 -9.62 -10.12
C VAL A 473 -22.86 -8.31 -9.74
N LYS A 474 -23.98 -7.97 -10.37
CA LYS A 474 -24.67 -6.69 -10.09
C LYS A 474 -25.39 -6.69 -8.75
N ALA A 475 -25.93 -7.83 -8.34
CA ALA A 475 -26.55 -8.00 -6.97
C ALA A 475 -25.55 -7.94 -5.82
N VAL A 476 -24.44 -8.67 -5.96
CA VAL A 476 -23.42 -8.66 -4.93
C VAL A 476 -22.92 -7.25 -4.77
N SER A 477 -22.77 -6.51 -5.85
CA SER A 477 -22.35 -5.12 -5.72
C SER A 477 -23.35 -4.29 -4.94
N ARG A 478 -24.63 -4.40 -5.31
CA ARG A 478 -25.65 -3.49 -4.78
C ARG A 478 -25.81 -3.67 -3.25
N ARG A 479 -25.88 -4.94 -2.85
CA ARG A 479 -25.79 -5.39 -1.44
C ARG A 479 -24.49 -4.95 -0.74
N GLU A 480 -23.35 -5.43 -1.19
CA GLU A 480 -22.12 -5.31 -0.42
C GLU A 480 -21.45 -3.99 -0.51
N ASN A 481 -21.40 -3.41 -1.69
CA ASN A 481 -20.72 -2.13 -1.91
C ASN A 481 -21.72 -1.01 -2.05
N SER A 482 -21.49 0.07 -1.33
CA SER A 482 -22.34 1.24 -1.37
C SER A 482 -22.09 2.06 -2.64
N TRP A 483 -23.07 2.90 -2.98
CA TRP A 483 -23.10 3.76 -4.18
C TRP A 483 -23.71 5.10 -3.77
N LYS A 484 -22.99 6.22 -3.92
CA LYS A 484 -23.62 7.56 -3.73
C LYS A 484 -24.56 7.75 -4.90
N THR A 485 -25.45 8.73 -4.85
CA THR A 485 -26.32 8.95 -6.02
C THR A 485 -26.73 10.43 -6.15
N VAL A 486 -26.61 11.00 -7.33
CA VAL A 486 -26.65 12.44 -7.52
C VAL A 486 -27.64 12.76 -8.62
N SER A 487 -28.74 13.36 -8.22
CA SER A 487 -29.87 13.61 -9.09
C SER A 487 -29.83 15.01 -9.67
N PRO A 488 -30.40 15.16 -10.89
CA PRO A 488 -30.35 16.43 -11.55
C PRO A 488 -31.08 17.43 -10.69
N SER A 489 -30.68 18.69 -10.71
CA SER A 489 -31.37 19.66 -9.88
C SER A 489 -31.08 21.09 -10.30
N GLY A 490 -31.54 21.47 -11.46
CA GLY A 490 -31.42 22.87 -11.87
C GLY A 490 -32.45 23.09 -12.94
N SER A 491 -32.93 24.31 -13.09
CA SER A 491 -33.89 24.60 -14.15
C SER A 491 -33.33 24.18 -15.51
N ALA A 492 -34.21 23.77 -16.41
CA ALA A 492 -33.81 23.47 -17.77
C ALA A 492 -33.65 24.75 -18.63
N MET A 493 -33.95 25.92 -18.04
CA MET A 493 -33.65 27.20 -18.66
C MET A 493 -32.29 27.77 -18.23
N GLU A 494 -31.84 27.49 -17.00
CA GLU A 494 -30.42 27.74 -16.65
C GLU A 494 -29.52 26.79 -17.48
N ARG A 495 -29.98 25.55 -17.64
CA ARG A 495 -29.32 24.52 -18.47
C ARG A 495 -29.14 25.05 -19.90
N GLU A 496 -30.20 25.51 -20.56
CA GLU A 496 -30.10 26.08 -21.91
C GLU A 496 -29.13 27.27 -21.98
N ALA A 497 -29.16 28.13 -20.96
CA ALA A 497 -28.33 29.33 -20.96
C ALA A 497 -26.82 29.02 -20.95
N MET A 498 -26.41 28.11 -20.06
CA MET A 498 -25.04 27.62 -20.01
C MET A 498 -24.59 27.05 -21.37
N ILE A 499 -25.45 26.26 -22.01
CA ILE A 499 -25.10 25.62 -23.26
C ILE A 499 -24.97 26.68 -24.32
N ALA A 500 -25.83 27.68 -24.28
CA ALA A 500 -25.76 28.80 -25.20
C ALA A 500 -24.49 29.63 -25.00
N GLU A 501 -24.18 30.01 -23.75
CA GLU A 501 -22.89 30.66 -23.45
C GLU A 501 -21.67 29.81 -23.88
N TRP A 502 -21.77 28.49 -23.69
CA TRP A 502 -20.70 27.57 -24.00
C TRP A 502 -20.42 27.71 -25.48
N ARG A 503 -21.45 27.46 -26.29
CA ARG A 503 -21.43 27.65 -27.77
C ARG A 503 -20.85 28.97 -28.24
N GLU A 504 -21.32 30.10 -27.71
CA GLU A 504 -20.72 31.39 -28.08
C GLU A 504 -19.23 31.48 -27.76
N ALA A 505 -18.86 30.91 -26.63
CA ALA A 505 -17.48 30.93 -26.16
C ALA A 505 -16.54 30.10 -27.06
N LEU A 506 -17.00 28.91 -27.44
CA LEU A 506 -16.28 28.06 -28.40
C LEU A 506 -15.83 28.85 -29.65
N LYS A 507 -16.79 29.52 -30.28
CA LYS A 507 -16.51 30.46 -31.36
C LYS A 507 -15.38 31.53 -31.14
N ARG A 508 -14.75 31.59 -29.98
CA ARG A 508 -13.66 32.56 -29.68
C ARG A 508 -12.30 31.94 -29.31
N THR A 509 -12.28 30.62 -29.27
CA THR A 509 -11.13 29.86 -28.78
C THR A 509 -9.91 29.78 -29.70
N LYS A 510 -10.12 30.10 -30.98
CA LYS A 510 -9.24 29.72 -32.08
C LYS A 510 -8.09 30.68 -32.15
N TRP A 511 -6.87 30.21 -31.98
CA TRP A 511 -5.72 31.12 -31.81
C TRP A 511 -4.39 30.71 -32.50
N ALA A 512 -4.09 29.40 -32.48
CA ALA A 512 -2.81 28.89 -32.95
C ALA A 512 -2.60 29.03 -34.47
N LYS A 513 -1.31 28.99 -34.87
CA LYS A 513 -0.86 28.99 -36.28
C LYS A 513 -1.24 30.22 -37.11
N ALA B 1 13.71 86.93 0.73
CA ALA B 1 13.04 87.47 1.95
C ALA B 1 11.59 87.91 1.67
N THR B 2 10.65 87.48 2.52
CA THR B 2 9.17 87.67 2.38
C THR B 2 8.51 86.61 1.42
N MET B 3 8.53 85.35 1.89
CA MET B 3 8.07 84.14 1.12
C MET B 3 6.54 84.01 0.82
N LYS B 4 6.25 83.87 -0.46
CA LYS B 4 4.91 83.92 -1.03
C LYS B 4 4.40 82.50 -1.27
N TYR B 5 3.08 82.30 -1.07
CA TYR B 5 2.38 80.99 -1.23
C TYR B 5 0.99 81.07 -1.91
N VAL B 6 0.71 80.14 -2.82
CA VAL B 6 -0.61 79.99 -3.49
C VAL B 6 -1.20 78.68 -3.06
N GLY B 7 -2.52 78.66 -2.94
CA GLY B 7 -3.23 77.50 -2.48
C GLY B 7 -4.04 76.90 -3.59
N SER B 8 -4.23 75.57 -3.55
CA SER B 8 -5.06 74.80 -4.48
C SER B 8 -6.01 73.75 -3.84
N ILE B 9 -7.29 73.74 -4.22
CA ILE B 9 -8.27 72.74 -3.75
C ILE B 9 -8.47 71.67 -4.82
N ASP B 10 -7.78 70.54 -4.70
CA ASP B 10 -8.01 69.35 -5.56
C ASP B 10 -9.24 68.60 -5.03
N GLN B 11 -10.42 68.85 -5.63
CA GLN B 11 -11.68 68.17 -5.28
C GLN B 11 -11.79 66.98 -6.22
N GLY B 12 -11.67 65.76 -5.70
CA GLY B 12 -11.69 64.55 -6.53
C GLY B 12 -12.94 63.73 -6.39
N THR B 13 -12.98 62.59 -7.05
CA THR B 13 -14.13 61.67 -7.04
C THR B 13 -14.38 61.02 -5.68
N THR B 14 -13.32 60.42 -5.10
CA THR B 14 -13.39 59.77 -3.75
C THR B 14 -12.92 60.61 -2.55
N SER B 15 -12.22 61.72 -2.80
CA SER B 15 -11.78 62.61 -1.74
C SER B 15 -11.55 64.04 -2.18
N THR B 16 -11.39 64.91 -1.19
CA THR B 16 -11.07 66.30 -1.39
C THR B 16 -9.72 66.51 -0.71
N ARG B 17 -9.03 67.60 -1.08
CA ARG B 17 -7.70 67.92 -0.54
C ARG B 17 -7.36 69.36 -0.90
N PHE B 18 -6.46 69.92 -0.09
CA PHE B 18 -5.99 71.27 -0.23
C PHE B 18 -4.49 71.19 -0.08
N ILE B 19 -3.77 71.96 -0.90
CA ILE B 19 -2.32 71.86 -1.09
C ILE B 19 -1.74 73.24 -1.28
N ILE B 20 -0.98 73.67 -0.30
CA ILE B 20 -0.34 74.98 -0.38
C ILE B 20 0.99 74.84 -1.11
N PHE B 21 1.16 75.62 -2.17
CA PHE B 21 2.44 75.67 -2.87
C PHE B 21 3.18 76.93 -2.51
N ASP B 22 4.51 76.85 -2.45
CA ASP B 22 5.34 78.07 -2.40
C ASP B 22 5.50 78.68 -3.81
N GLU B 23 6.33 79.73 -3.90
CA GLU B 23 6.67 80.41 -5.18
C GLU B 23 7.77 79.66 -5.95
N ARG B 24 8.47 78.79 -5.25
CA ARG B 24 9.43 77.88 -5.84
C ARG B 24 8.76 76.63 -6.41
N GLN B 25 7.43 76.51 -6.26
CA GLN B 25 6.57 75.38 -6.76
C GLN B 25 6.52 74.04 -5.93
N ARG B 26 6.80 74.12 -4.62
CA ARG B 26 6.74 72.98 -3.69
C ARG B 26 5.40 72.90 -2.93
N PRO B 27 4.80 71.71 -2.85
CA PRO B 27 3.75 71.56 -1.86
C PRO B 27 4.38 71.62 -0.46
N VAL B 28 3.89 72.54 0.37
CA VAL B 28 4.45 72.79 1.69
C VAL B 28 3.49 72.43 2.82
N SER B 29 2.19 72.31 2.49
CA SER B 29 1.15 71.77 3.39
C SER B 29 0.16 71.03 2.55
N VAL B 30 -0.37 69.95 3.11
CA VAL B 30 -1.40 69.17 2.43
C VAL B 30 -2.33 68.62 3.49
N HIS B 31 -3.60 68.44 3.09
CA HIS B 31 -4.55 67.70 3.92
C HIS B 31 -5.66 67.12 3.06
N GLN B 32 -6.10 65.91 3.38
CA GLN B 32 -7.08 65.15 2.62
C GLN B 32 -8.28 64.79 3.49
N VAL B 33 -9.46 64.66 2.90
CA VAL B 33 -10.71 64.28 3.63
C VAL B 33 -11.67 63.59 2.66
N PRO B 34 -12.07 62.35 2.95
CA PRO B 34 -12.97 61.68 2.02
C PRO B 34 -14.44 62.04 2.14
N HIS B 35 -15.19 61.71 1.10
CA HIS B 35 -16.63 61.81 1.20
C HIS B 35 -17.25 60.50 0.77
N THR B 36 -18.56 60.40 0.94
CA THR B 36 -19.20 59.15 0.73
C THR B 36 -19.57 58.93 -0.75
N GLN B 37 -19.42 57.66 -1.12
CA GLN B 37 -19.74 57.17 -2.44
C GLN B 37 -21.06 56.45 -2.32
N HIS B 38 -22.16 57.20 -2.47
CA HIS B 38 -23.54 56.61 -2.46
C HIS B 38 -23.97 55.87 -3.77
N THR B 39 -24.47 54.63 -3.65
CA THR B 39 -24.87 53.80 -4.78
C THR B 39 -26.25 53.16 -4.56
N PRO B 40 -27.33 53.92 -4.79
CA PRO B 40 -28.70 53.41 -4.67
C PRO B 40 -28.94 52.05 -5.34
N HIS B 41 -28.90 51.98 -6.66
CA HIS B 41 -29.16 50.74 -7.41
C HIS B 41 -27.96 50.52 -8.27
N PRO B 42 -27.79 49.31 -8.84
CA PRO B 42 -26.56 49.11 -9.64
C PRO B 42 -26.33 50.17 -10.75
N GLY B 43 -25.07 50.58 -10.92
CA GLY B 43 -24.70 51.68 -11.83
C GLY B 43 -24.86 53.14 -11.37
N TRP B 44 -25.50 53.42 -10.24
CA TRP B 44 -25.72 54.81 -9.83
C TRP B 44 -24.56 55.29 -8.97
N LEU B 45 -24.40 56.61 -8.90
CA LEU B 45 -23.35 57.20 -8.09
C LEU B 45 -23.58 58.68 -7.79
N GLU B 46 -23.75 58.96 -6.50
CA GLU B 46 -24.08 60.26 -5.98
C GLU B 46 -23.07 60.72 -4.94
N HIS B 47 -22.82 62.02 -4.90
CA HIS B 47 -22.08 62.64 -3.82
C HIS B 47 -22.96 63.62 -3.08
N ASP B 48 -22.79 63.75 -1.76
CA ASP B 48 -23.39 64.83 -1.00
C ASP B 48 -22.55 66.09 -1.23
N PRO B 49 -23.15 67.18 -1.79
CA PRO B 49 -22.52 68.50 -2.00
C PRO B 49 -22.06 69.26 -0.79
N MET B 50 -22.85 69.19 0.28
CA MET B 50 -22.49 69.78 1.55
C MET B 50 -21.24 69.09 2.10
N GLU B 51 -21.27 67.75 2.10
CA GLU B 51 -20.09 66.93 2.45
C GLU B 51 -18.83 67.42 1.67
N ILE B 52 -18.97 67.69 0.39
CA ILE B 52 -17.83 68.14 -0.40
C ILE B 52 -17.27 69.50 0.08
N PHE B 53 -18.16 70.45 0.35
CA PHE B 53 -17.79 71.81 0.75
C PHE B 53 -17.25 71.85 2.18
N ARG B 54 -17.89 71.04 3.02
CA ARG B 54 -17.37 70.77 4.35
C ARG B 54 -15.98 70.12 4.27
N SER B 55 -15.80 69.20 3.34
CA SER B 55 -14.51 68.55 3.19
C SER B 55 -13.48 69.58 2.77
N ALA B 56 -13.88 70.41 1.83
CA ALA B 56 -12.98 71.36 1.29
C ALA B 56 -12.53 72.33 2.36
N CYS B 57 -13.43 72.72 3.25
CA CYS B 57 -13.07 73.70 4.29
C CYS B 57 -12.19 73.12 5.38
N LYS B 58 -12.47 71.88 5.78
CA LYS B 58 -11.64 71.21 6.78
C LYS B 58 -10.21 71.00 6.27
N CYS B 59 -10.10 70.65 4.97
CA CYS B 59 -8.80 70.55 4.26
C CYS B 59 -8.10 71.88 4.35
N MET B 60 -8.86 72.94 4.11
CA MET B 60 -8.29 74.25 4.06
C MET B 60 -7.69 74.58 5.41
N SER B 61 -8.50 74.63 6.47
CA SER B 61 -8.02 75.18 7.70
C SER B 61 -6.98 74.29 8.38
N VAL B 62 -7.10 72.97 8.26
CA VAL B 62 -6.11 72.07 8.81
C VAL B 62 -4.78 72.22 8.06
N ALA B 63 -4.83 72.47 6.74
CA ALA B 63 -3.60 72.65 5.96
C ALA B 63 -2.88 73.91 6.37
N ILE B 64 -3.65 74.99 6.45
CA ILE B 64 -3.17 76.31 6.79
C ILE B 64 -2.49 76.29 8.17
N ALA B 65 -3.17 75.74 9.18
CA ALA B 65 -2.55 75.51 10.54
C ALA B 65 -1.24 74.75 10.50
N LYS B 66 -1.12 73.74 9.65
CA LYS B 66 0.14 72.99 9.56
C LYS B 66 1.27 73.82 8.94
N LEU B 67 0.96 74.69 7.99
CA LEU B 67 2.02 75.50 7.39
C LEU B 67 2.62 76.40 8.47
N ARG B 68 1.75 77.07 9.25
CA ARG B 68 2.22 77.91 10.37
C ARG B 68 3.18 77.17 11.32
N GLN B 69 2.77 75.99 11.74
CA GLN B 69 3.63 75.13 12.55
C GLN B 69 5.10 75.07 11.98
N LYS B 70 5.29 75.03 10.64
CA LYS B 70 6.65 74.95 9.99
C LYS B 70 7.18 76.26 9.32
N ASP B 71 6.32 77.27 9.23
CA ASP B 71 6.73 78.63 8.87
C ASP B 71 5.84 79.67 9.60
N ALA B 72 6.30 80.12 10.76
CA ALA B 72 5.54 81.04 11.61
C ALA B 72 5.40 82.48 11.10
N SER B 73 6.07 82.82 9.99
CA SER B 73 5.91 84.11 9.29
C SER B 73 4.82 84.14 8.22
N PHE B 74 4.40 82.96 7.79
CA PHE B 74 3.33 82.86 6.80
C PHE B 74 2.10 83.63 7.31
N ARG B 75 1.86 84.78 6.69
CA ARG B 75 0.75 85.69 7.05
C ARG B 75 -0.51 85.39 6.26
N LYS B 76 -0.34 85.00 5.00
CA LYS B 76 -1.46 84.74 4.09
C LYS B 76 -1.06 83.97 2.83
N ILE B 77 -2.07 83.58 2.08
CA ILE B 77 -1.88 82.98 0.77
C ILE B 77 -2.27 84.06 -0.22
N GLU B 78 -1.44 84.31 -1.24
CA GLU B 78 -1.82 85.29 -2.30
C GLU B 78 -3.19 85.01 -2.93
N ALA B 79 -3.38 83.78 -3.39
CA ALA B 79 -4.60 83.40 -4.06
C ALA B 79 -4.82 81.90 -3.94
N ILE B 80 -6.07 81.51 -4.15
CA ILE B 80 -6.49 80.12 -4.21
C ILE B 80 -6.96 79.73 -5.63
N GLY B 81 -6.40 78.65 -6.18
CA GLY B 81 -6.90 78.01 -7.42
C GLY B 81 -7.78 76.82 -7.10
N ILE B 82 -8.68 76.48 -8.02
CA ILE B 82 -9.51 75.27 -7.88
C ILE B 82 -9.27 74.37 -9.05
N THR B 83 -9.46 73.09 -8.77
CA THR B 83 -9.56 72.10 -9.77
C THR B 83 -10.40 70.96 -9.23
N ASN B 84 -10.98 70.18 -10.12
CA ASN B 84 -12.07 69.31 -9.74
C ASN B 84 -12.42 68.20 -10.69
N GLN B 85 -13.12 67.20 -10.12
CA GLN B 85 -13.82 66.25 -10.92
C GLN B 85 -14.82 67.05 -11.70
N ARG B 86 -14.91 66.70 -12.99
CA ARG B 86 -15.76 67.37 -13.98
C ARG B 86 -16.97 66.50 -14.34
N GLU B 87 -17.96 67.15 -14.96
CA GLU B 87 -19.25 66.54 -15.32
C GLU B 87 -20.17 66.35 -14.13
N THR B 88 -19.63 65.91 -12.98
CA THR B 88 -20.43 65.77 -11.74
C THR B 88 -21.19 67.03 -11.60
N THR B 89 -22.51 66.91 -11.51
CA THR B 89 -23.34 68.12 -11.52
C THR B 89 -24.17 68.27 -10.25
N VAL B 90 -24.12 69.48 -9.69
CA VAL B 90 -24.92 69.87 -8.51
C VAL B 90 -26.16 70.69 -8.93
N ALA B 91 -27.26 70.44 -8.22
CA ALA B 91 -28.49 71.21 -8.29
C ALA B 91 -28.68 72.06 -7.01
N TRP B 92 -28.73 73.39 -7.11
CA TRP B 92 -29.06 74.17 -5.91
C TRP B 92 -29.97 75.38 -6.02
N ASP B 93 -30.57 75.72 -4.86
CA ASP B 93 -31.51 76.83 -4.67
C ASP B 93 -30.75 78.13 -4.37
N ARG B 94 -31.13 79.21 -5.05
CA ARG B 94 -30.42 80.49 -4.98
C ARG B 94 -30.54 81.20 -3.63
N VAL B 95 -31.70 81.13 -2.98
CA VAL B 95 -31.89 81.73 -1.62
C VAL B 95 -31.89 80.72 -0.48
N THR B 96 -32.19 79.44 -0.76
CA THR B 96 -31.96 78.35 0.24
C THR B 96 -30.43 78.07 0.35
N LYS B 97 -29.70 78.36 -0.73
CA LYS B 97 -28.23 78.35 -0.77
C LYS B 97 -27.67 76.93 -0.68
N GLU B 98 -28.49 75.95 -1.06
CA GLU B 98 -28.36 74.59 -0.59
C GLU B 98 -28.81 73.58 -1.64
N PRO B 99 -28.27 72.33 -1.56
CA PRO B 99 -28.60 71.32 -2.54
C PRO B 99 -30.02 70.81 -2.41
N LEU B 100 -30.71 70.84 -3.54
CA LEU B 100 -32.00 70.22 -3.69
C LEU B 100 -31.91 68.69 -3.77
N CYS B 101 -30.72 68.16 -4.12
CA CYS B 101 -30.48 66.71 -4.17
C CYS B 101 -28.99 66.38 -4.27
N TYR B 102 -28.67 65.13 -3.95
CA TYR B 102 -27.33 64.61 -4.18
C TYR B 102 -26.90 64.72 -5.66
N ALA B 103 -25.60 64.91 -5.85
CA ALA B 103 -25.06 65.27 -7.15
C ALA B 103 -24.70 64.00 -7.82
N PRO B 104 -25.33 63.72 -8.95
CA PRO B 104 -24.89 62.57 -9.73
C PRO B 104 -23.51 62.78 -10.41
N VAL B 105 -22.72 61.72 -10.29
CA VAL B 105 -21.30 61.76 -10.56
C VAL B 105 -21.07 61.40 -12.04
N TRP B 106 -19.95 61.90 -12.59
CA TRP B 106 -19.58 61.67 -13.97
C TRP B 106 -19.87 60.28 -14.53
N ASN B 107 -19.53 59.21 -13.80
CA ASN B 107 -19.73 57.82 -14.31
C ASN B 107 -21.02 57.14 -13.86
N ASP B 108 -22.01 57.92 -13.46
CA ASP B 108 -23.32 57.38 -13.09
C ASP B 108 -24.02 57.04 -14.45
N LEU B 109 -24.89 56.03 -14.41
CA LEU B 109 -25.61 55.50 -15.57
C LEU B 109 -27.14 55.59 -15.41
N ARG B 110 -27.59 56.56 -14.64
CA ARG B 110 -29.02 56.74 -14.47
C ARG B 110 -29.57 57.46 -15.73
N THR B 111 -28.69 58.20 -16.40
CA THR B 111 -29.07 58.99 -17.56
C THR B 111 -29.25 58.15 -18.83
N TYR B 112 -29.02 56.83 -18.74
CA TYR B 112 -29.14 55.88 -19.86
C TYR B 112 -30.28 56.19 -20.83
N ASP B 113 -31.52 56.24 -20.34
CA ASP B 113 -32.67 56.47 -21.21
C ASP B 113 -32.68 57.87 -21.80
N ILE B 114 -32.45 58.90 -21.01
CA ILE B 114 -32.34 60.29 -21.52
C ILE B 114 -31.30 60.44 -22.66
N THR B 115 -30.23 59.65 -22.62
CA THR B 115 -29.19 59.63 -23.67
C THR B 115 -29.73 59.09 -25.01
N LYS B 116 -30.69 58.16 -24.95
CA LYS B 116 -31.27 57.50 -26.12
C LYS B 116 -32.41 58.35 -26.73
N LYS B 117 -33.25 58.95 -25.89
CA LYS B 117 -34.20 59.99 -26.31
C LYS B 117 -33.46 61.03 -27.17
N VAL B 118 -32.35 61.54 -26.66
CA VAL B 118 -31.61 62.63 -27.31
C VAL B 118 -30.92 62.15 -28.60
N THR B 119 -30.18 61.04 -28.52
CA THR B 119 -29.37 60.52 -29.64
C THR B 119 -30.25 59.99 -30.78
N ALA B 120 -31.47 59.58 -30.45
CA ALA B 120 -32.47 59.21 -31.44
C ALA B 120 -33.16 60.47 -31.96
N GLU B 121 -33.89 61.16 -31.09
CA GLU B 121 -34.69 62.33 -31.48
C GLU B 121 -33.78 63.50 -31.84
N LEU B 122 -33.35 64.31 -30.89
CA LEU B 122 -32.49 65.47 -31.19
C LEU B 122 -31.31 65.19 -32.17
N GLY B 123 -30.66 64.03 -32.04
CA GLY B 123 -29.49 63.66 -32.86
C GLY B 123 -29.72 62.89 -34.15
N GLY B 124 -30.99 62.62 -34.47
CA GLY B 124 -31.40 61.86 -35.66
C GLY B 124 -30.60 60.59 -35.86
N GLY B 125 -30.41 59.84 -34.78
CA GLY B 125 -29.55 58.65 -34.77
C GLY B 125 -28.08 58.88 -34.59
N ASP B 126 -27.56 60.01 -35.07
CA ASP B 126 -26.16 60.41 -34.88
C ASP B 126 -25.78 60.95 -33.42
N SER B 127 -25.09 60.14 -32.64
CA SER B 127 -24.59 60.56 -31.31
C SER B 127 -23.63 61.78 -31.43
N MET B 128 -22.89 61.84 -32.54
CA MET B 128 -21.93 62.93 -32.82
C MET B 128 -22.56 64.23 -33.21
N PHE B 129 -23.80 64.17 -33.70
CA PHE B 129 -24.55 65.36 -34.17
C PHE B 129 -24.09 66.78 -33.68
N ALA B 130 -23.87 66.95 -32.36
CA ALA B 130 -23.52 68.28 -31.84
C ALA B 130 -22.00 68.58 -31.80
N SER B 131 -21.16 67.65 -32.32
CA SER B 131 -19.69 67.66 -32.07
C SER B 131 -18.78 68.69 -32.75
N LYS B 132 -19.22 69.37 -33.79
CA LYS B 132 -18.44 70.54 -34.26
C LYS B 132 -18.83 71.79 -33.43
N ILE B 133 -19.67 71.62 -32.39
CA ILE B 133 -20.06 72.67 -31.42
C ILE B 133 -19.48 72.38 -29.98
N THR B 134 -19.97 71.31 -29.36
CA THR B 134 -19.56 70.91 -28.01
C THR B 134 -18.15 70.38 -28.00
N GLY B 135 -17.82 69.64 -29.08
CA GLY B 135 -16.60 68.85 -29.21
C GLY B 135 -16.75 67.46 -28.59
N LEU B 136 -17.99 66.95 -28.52
CA LEU B 136 -18.28 65.75 -27.75
C LEU B 136 -19.38 64.95 -28.34
N PRO B 137 -19.34 63.59 -28.20
CA PRO B 137 -20.50 62.73 -28.45
C PRO B 137 -21.54 63.01 -27.43
N VAL B 138 -22.68 62.33 -27.55
CA VAL B 138 -23.71 62.37 -26.53
C VAL B 138 -23.42 61.15 -25.71
N SER B 139 -23.34 61.35 -24.39
CA SER B 139 -23.19 60.25 -23.44
C SER B 139 -23.84 60.52 -22.07
N THR B 140 -23.86 59.47 -21.24
CA THR B 140 -24.37 59.51 -19.86
C THR B 140 -23.49 60.37 -18.97
N TYR B 141 -22.26 60.58 -19.43
CA TYR B 141 -21.26 61.30 -18.67
C TYR B 141 -21.45 62.80 -18.54
N PHE B 142 -21.81 63.48 -19.62
CA PHE B 142 -21.75 64.95 -19.65
C PHE B 142 -22.90 65.67 -18.95
N ALA B 143 -22.68 66.92 -18.57
CA ALA B 143 -23.54 67.61 -17.57
C ALA B 143 -25.02 67.72 -17.90
N ALA B 144 -25.31 68.34 -19.05
CA ALA B 144 -26.69 68.57 -19.54
C ALA B 144 -27.67 67.39 -19.33
N PHE B 145 -27.18 66.19 -19.60
CA PHE B 145 -27.96 64.96 -19.44
C PHE B 145 -28.28 64.67 -17.97
N LYS B 146 -27.37 65.02 -17.06
CA LYS B 146 -27.68 65.03 -15.62
C LYS B 146 -28.69 66.10 -15.29
N MET B 147 -28.45 67.33 -15.74
CA MET B 147 -29.40 68.43 -15.56
C MET B 147 -30.82 68.02 -15.93
N ARG B 148 -31.01 67.39 -17.09
CA ARG B 148 -32.36 66.92 -17.52
C ARG B 148 -32.95 65.99 -16.47
N TRP B 149 -32.20 64.94 -16.15
CA TRP B 149 -32.67 63.88 -15.23
C TRP B 149 -33.15 64.48 -13.94
N MET B 150 -32.44 65.53 -13.50
CA MET B 150 -32.79 66.25 -12.28
C MET B 150 -34.04 67.15 -12.43
N LEU B 151 -34.16 67.85 -13.55
CA LEU B 151 -35.42 68.60 -13.89
C LEU B 151 -36.66 67.67 -14.08
N GLU B 152 -36.44 66.49 -14.68
CA GLU B 152 -37.46 65.46 -14.84
C GLU B 152 -37.79 64.77 -13.50
N ASN B 153 -36.77 64.25 -12.81
CA ASN B 153 -37.01 63.26 -11.74
C ASN B 153 -37.06 63.69 -10.25
N VAL B 154 -36.84 64.97 -9.94
CA VAL B 154 -36.67 65.39 -8.54
C VAL B 154 -37.71 66.44 -8.11
N PRO B 155 -38.67 66.04 -7.21
CA PRO B 155 -39.67 66.99 -6.70
C PRO B 155 -39.12 68.42 -6.46
N ALA B 156 -38.14 68.55 -5.57
CA ALA B 156 -37.54 69.85 -5.27
C ALA B 156 -37.01 70.57 -6.54
N VAL B 157 -36.32 69.85 -7.42
CA VAL B 157 -35.63 70.48 -8.56
C VAL B 157 -36.63 71.03 -9.56
N ALA B 158 -37.64 70.22 -9.87
CA ALA B 158 -38.75 70.62 -10.77
C ALA B 158 -39.57 71.76 -10.15
N ASP B 159 -39.68 71.77 -8.82
CA ASP B 159 -40.35 72.84 -8.09
C ASP B 159 -39.59 74.16 -8.28
N ALA B 160 -38.30 74.15 -7.93
CA ALA B 160 -37.43 75.32 -8.07
C ALA B 160 -37.25 75.82 -9.52
N CYS B 161 -37.37 74.92 -10.50
CA CYS B 161 -37.30 75.24 -11.94
C CYS B 161 -38.14 76.43 -12.31
N ARG B 162 -39.40 76.37 -11.86
CA ARG B 162 -40.43 77.32 -12.23
C ARG B 162 -40.31 78.63 -11.41
N ARG B 163 -39.96 78.53 -10.13
CA ARG B 163 -39.83 79.70 -9.25
C ARG B 163 -38.59 80.58 -9.51
N GLY B 164 -37.72 80.20 -10.45
CA GLY B 164 -36.48 80.93 -10.69
C GLY B 164 -35.49 80.93 -9.53
N THR B 165 -35.50 79.86 -8.71
CA THR B 165 -34.47 79.65 -7.66
C THR B 165 -33.36 78.67 -8.12
N LEU B 166 -33.55 77.99 -9.26
CA LEU B 166 -32.70 76.83 -9.62
C LEU B 166 -31.39 77.25 -10.29
N CYS B 167 -30.32 77.22 -9.50
CA CYS B 167 -28.96 77.20 -10.02
C CYS B 167 -28.56 75.76 -10.35
N PHE B 168 -27.80 75.59 -11.43
CA PHE B 168 -27.06 74.34 -11.72
C PHE B 168 -25.57 74.69 -11.83
N GLY B 169 -24.69 73.81 -11.32
CA GLY B 169 -23.26 73.93 -11.60
C GLY B 169 -22.51 72.59 -11.62
N THR B 170 -21.35 72.61 -12.27
CA THR B 170 -20.34 71.56 -12.03
C THR B 170 -19.69 71.82 -10.64
N ILE B 171 -18.92 70.87 -10.12
CA ILE B 171 -18.36 71.03 -8.77
C ILE B 171 -17.51 72.30 -8.65
N ASP B 172 -16.82 72.70 -9.73
CA ASP B 172 -16.03 73.93 -9.74
C ASP B 172 -16.88 75.17 -9.46
N THR B 173 -18.10 75.20 -10.02
CA THR B 173 -19.08 76.27 -9.85
C THR B 173 -19.54 76.23 -8.36
N TRP B 174 -20.06 75.08 -7.97
CA TRP B 174 -20.56 74.85 -6.61
C TRP B 174 -19.60 75.14 -5.47
N LEU B 175 -18.31 74.82 -5.65
CA LEU B 175 -17.26 75.21 -4.67
C LEU B 175 -17.18 76.70 -4.62
N MET B 176 -17.11 77.32 -5.80
CA MET B 176 -16.80 78.75 -5.91
C MET B 176 -17.99 79.57 -5.46
N TYR B 177 -19.18 78.98 -5.52
CA TYR B 177 -20.40 79.59 -4.99
C TYR B 177 -20.33 79.71 -3.45
N LYS B 178 -20.35 78.56 -2.75
CA LYS B 178 -20.40 78.51 -1.28
C LYS B 178 -19.16 79.07 -0.62
N LEU B 179 -18.01 78.91 -1.26
CA LEU B 179 -16.76 79.49 -0.74
C LEU B 179 -16.83 81.01 -0.58
N SER B 180 -17.38 81.68 -1.59
CA SER B 180 -17.53 83.13 -1.61
C SER B 180 -18.69 83.60 -0.74
N GLY B 181 -19.66 82.71 -0.57
CA GLY B 181 -20.77 82.85 0.37
C GLY B 181 -22.03 83.16 -0.37
N GLY B 182 -22.23 82.57 -1.54
CA GLY B 182 -23.33 82.92 -2.44
C GLY B 182 -22.99 84.08 -3.34
N LYS B 183 -21.78 84.64 -3.18
CA LYS B 183 -21.37 85.87 -3.87
C LYS B 183 -21.04 85.58 -5.34
N ALA B 184 -20.12 84.65 -5.57
CA ALA B 184 -19.70 84.28 -6.93
C ALA B 184 -20.59 83.17 -7.51
N PHE B 185 -20.75 83.19 -8.84
CA PHE B 185 -21.53 82.18 -9.60
C PHE B 185 -20.96 82.13 -11.02
N VAL B 186 -19.89 81.38 -11.19
CA VAL B 186 -19.09 81.31 -12.44
C VAL B 186 -18.51 79.92 -12.64
N THR B 187 -17.95 79.69 -13.82
CA THR B 187 -17.32 78.43 -14.21
C THR B 187 -16.18 78.83 -15.13
N ASP B 188 -15.12 78.04 -15.17
CA ASP B 188 -14.10 78.30 -16.17
C ASP B 188 -14.40 77.51 -17.42
N VAL B 189 -13.76 77.93 -18.49
CA VAL B 189 -13.96 77.35 -19.81
C VAL B 189 -13.73 75.82 -19.89
N THR B 190 -12.68 75.28 -19.26
CA THR B 190 -12.43 73.82 -19.35
C THR B 190 -13.59 73.02 -18.77
N ASN B 191 -14.14 73.50 -17.65
CA ASN B 191 -15.26 72.80 -16.99
C ASN B 191 -16.49 72.91 -17.85
N ALA B 192 -16.66 74.12 -18.41
CA ALA B 192 -17.77 74.52 -19.25
C ALA B 192 -17.87 73.62 -20.46
N SER B 193 -16.71 73.31 -21.03
CA SER B 193 -16.64 72.45 -22.21
C SER B 193 -17.12 71.03 -22.01
N ARG B 194 -17.47 70.67 -20.78
CA ARG B 194 -17.90 69.33 -20.44
C ARG B 194 -19.41 69.21 -20.32
N THR B 195 -20.08 70.36 -20.38
CA THR B 195 -21.48 70.45 -19.98
C THR B 195 -22.48 69.94 -21.03
N PHE B 196 -21.96 69.74 -22.25
CA PHE B 196 -22.70 69.58 -23.51
C PHE B 196 -23.52 70.84 -23.89
N LEU B 197 -23.10 72.02 -23.44
CA LEU B 197 -23.86 73.26 -23.67
C LEU B 197 -22.99 74.45 -24.10
N MET B 198 -21.70 74.23 -24.27
CA MET B 198 -20.79 75.29 -24.64
C MET B 198 -20.39 75.15 -26.12
N ASP B 199 -20.16 76.28 -26.80
CA ASP B 199 -19.50 76.24 -28.10
C ASP B 199 -17.97 76.16 -27.94
N LEU B 200 -17.35 75.02 -28.27
CA LEU B 200 -15.91 74.86 -28.13
C LEU B 200 -15.02 75.96 -28.75
N ARG B 201 -15.43 76.57 -29.87
CA ARG B 201 -14.54 77.53 -30.55
C ARG B 201 -14.68 78.98 -30.09
N THR B 202 -15.91 79.41 -29.77
CA THR B 202 -16.11 80.73 -29.18
C THR B 202 -15.90 80.75 -27.66
N ARG B 203 -15.91 79.59 -27.02
CA ARG B 203 -15.93 79.49 -25.54
C ARG B 203 -17.03 80.35 -24.94
N LYS B 204 -18.23 80.18 -25.52
CA LYS B 204 -19.45 80.92 -25.14
C LYS B 204 -20.63 79.94 -25.09
N TRP B 205 -21.67 80.25 -24.30
CA TRP B 205 -22.86 79.39 -24.19
C TRP B 205 -23.58 79.28 -25.52
N SER B 206 -24.06 78.07 -25.82
CA SER B 206 -24.70 77.74 -27.08
C SER B 206 -26.24 77.82 -26.92
N PRO B 207 -26.86 79.02 -27.22
CA PRO B 207 -28.31 79.18 -26.94
C PRO B 207 -29.23 78.33 -27.86
N GLU B 208 -28.76 77.99 -29.08
CA GLU B 208 -29.37 76.90 -29.86
C GLU B 208 -29.52 75.67 -28.97
N LEU B 209 -28.41 75.13 -28.46
CA LEU B 209 -28.41 73.84 -27.71
C LEU B 209 -29.07 73.85 -26.34
N CYS B 210 -28.90 74.91 -25.55
CA CYS B 210 -29.62 74.98 -24.27
C CYS B 210 -31.14 74.84 -24.57
N GLU B 211 -31.61 75.65 -25.53
CA GLU B 211 -32.99 75.63 -26.03
C GLU B 211 -33.36 74.28 -26.69
N LYS B 212 -32.61 73.84 -27.70
CA LYS B 212 -32.79 72.48 -28.26
C LYS B 212 -32.90 71.38 -27.18
N LEU B 213 -32.07 71.48 -26.13
CA LEU B 213 -31.99 70.45 -25.08
C LEU B 213 -32.80 70.72 -23.82
N LYS B 214 -33.57 71.82 -23.80
CA LYS B 214 -34.57 72.06 -22.75
C LYS B 214 -33.99 72.28 -21.30
N ILE B 215 -32.93 73.11 -21.25
CA ILE B 215 -32.33 73.62 -20.02
C ILE B 215 -32.38 75.16 -20.02
N PRO B 216 -33.27 75.78 -19.21
CA PRO B 216 -33.37 77.23 -18.99
C PRO B 216 -32.05 77.99 -18.81
N MET B 217 -31.55 78.64 -19.87
CA MET B 217 -30.26 79.39 -19.84
C MET B 217 -29.92 80.19 -18.56
N GLU B 218 -30.93 80.64 -17.79
CA GLU B 218 -30.68 81.43 -16.54
C GLU B 218 -30.14 80.59 -15.37
N THR B 219 -30.23 79.25 -15.45
CA THR B 219 -29.55 78.36 -14.46
C THR B 219 -28.02 78.34 -14.57
N LEU B 220 -27.48 78.77 -15.73
CA LEU B 220 -26.04 78.73 -16.00
C LEU B 220 -25.26 79.93 -15.47
N PRO B 221 -24.00 79.71 -15.04
CA PRO B 221 -23.10 80.80 -14.66
C PRO B 221 -22.36 81.47 -15.82
N GLU B 222 -21.64 82.55 -15.52
CA GLU B 222 -20.80 83.24 -16.53
C GLU B 222 -19.44 82.54 -16.72
N ILE B 223 -19.16 82.20 -17.96
CA ILE B 223 -17.91 81.56 -18.26
C ILE B 223 -16.78 82.60 -18.11
N ARG B 224 -15.66 82.18 -17.56
CA ARG B 224 -14.43 82.96 -17.61
C ARG B 224 -13.30 82.05 -18.02
N SER B 225 -12.10 82.58 -18.00
CA SER B 225 -10.95 81.75 -18.25
C SER B 225 -10.48 81.00 -16.94
N ASN B 226 -9.23 80.60 -16.90
CA ASN B 226 -8.74 79.83 -15.80
C ASN B 226 -7.86 80.65 -14.86
N SER B 227 -7.62 81.91 -15.24
CA SER B 227 -6.56 82.71 -14.65
C SER B 227 -7.01 84.16 -14.56
N GLU B 228 -7.92 84.38 -13.60
CA GLU B 228 -8.49 85.69 -13.32
C GLU B 228 -9.36 85.66 -12.07
N LEU B 229 -9.69 86.84 -11.51
CA LEU B 229 -10.71 86.99 -10.42
C LEU B 229 -11.95 86.13 -10.67
N PHE B 230 -12.49 85.58 -9.59
CA PHE B 230 -13.66 84.68 -9.66
C PHE B 230 -14.61 85.02 -8.52
N GLY B 231 -14.06 85.07 -7.32
CA GLY B 231 -14.76 85.60 -6.16
C GLY B 231 -13.72 85.90 -5.09
N TYR B 232 -14.17 86.00 -3.85
CA TYR B 232 -13.29 86.06 -2.68
C TYR B 232 -13.82 85.00 -1.70
N VAL B 233 -12.99 84.51 -0.78
CA VAL B 233 -13.44 83.63 0.29
C VAL B 233 -14.00 84.48 1.44
N GLU B 234 -15.33 84.40 1.62
CA GLU B 234 -16.05 84.97 2.76
C GLU B 234 -16.99 83.91 3.32
N THR B 235 -16.46 82.92 4.00
CA THR B 235 -17.32 82.08 4.84
C THR B 235 -16.50 81.60 6.03
N ASP B 236 -17.18 81.13 7.08
CA ASP B 236 -16.47 80.55 8.22
C ASP B 236 -17.07 79.19 8.49
N GLU B 237 -17.00 78.33 7.47
CA GLU B 237 -17.51 76.97 7.60
C GLU B 237 -16.68 76.23 8.65
N CYS B 238 -15.42 75.89 8.35
CA CYS B 238 -14.60 75.16 9.34
C CYS B 238 -13.46 76.06 9.79
N GLY B 239 -13.86 77.24 10.25
CA GLY B 239 -12.94 78.35 10.53
C GLY B 239 -12.14 78.83 9.33
N VAL B 240 -12.70 78.71 8.12
CA VAL B 240 -11.91 78.87 6.89
C VAL B 240 -11.37 80.31 6.59
N ALA B 241 -12.22 81.33 6.61
CA ALA B 241 -11.74 82.71 6.34
C ALA B 241 -10.91 83.30 7.49
N ALA B 242 -11.22 82.92 8.74
CA ALA B 242 -10.36 83.29 9.88
C ALA B 242 -8.91 82.82 9.71
N ALA B 243 -8.73 81.54 9.38
CA ALA B 243 -7.39 80.95 9.14
C ALA B 243 -6.61 81.63 7.99
N LEU B 244 -7.30 82.02 6.92
CA LEU B 244 -6.66 82.78 5.86
C LEU B 244 -6.08 84.15 6.31
N ASN B 245 -6.58 84.67 7.45
CA ASN B 245 -6.20 85.96 8.10
C ASN B 245 -6.44 87.23 7.27
N GLU B 246 -5.94 87.30 6.04
CA GLU B 246 -6.38 88.30 5.07
C GLU B 246 -7.61 87.79 4.35
N ARG B 247 -8.17 88.64 3.52
CA ARG B 247 -9.12 88.18 2.54
C ARG B 247 -8.26 87.78 1.35
N THR B 248 -8.25 86.49 1.09
CA THR B 248 -7.53 85.89 -0.02
C THR B 248 -8.50 85.73 -1.23
N PRO B 249 -8.05 85.98 -2.47
CA PRO B 249 -8.86 85.79 -3.70
C PRO B 249 -8.84 84.38 -4.37
N ILE B 250 -9.93 84.02 -5.06
CA ILE B 250 -10.02 82.79 -5.89
C ILE B 250 -9.66 83.19 -7.33
N MET B 251 -8.49 82.77 -7.80
CA MET B 251 -7.93 83.22 -9.08
C MET B 251 -7.48 82.12 -10.06
N GLY B 252 -7.75 80.85 -9.72
CA GLY B 252 -7.66 79.73 -10.63
C GLY B 252 -8.95 78.94 -10.48
N SER B 253 -9.55 78.50 -11.58
CA SER B 253 -10.49 77.39 -11.51
C SER B 253 -10.18 76.62 -12.76
N ILE B 254 -10.11 75.29 -12.69
CA ILE B 254 -9.81 74.47 -13.87
C ILE B 254 -10.16 72.98 -13.70
N GLY B 255 -10.85 72.37 -14.70
CA GLY B 255 -11.14 70.90 -14.70
C GLY B 255 -9.91 70.06 -14.45
N ASP B 256 -10.09 68.86 -13.90
CA ASP B 256 -8.93 68.12 -13.37
C ASP B 256 -7.96 67.54 -14.40
N GLN B 257 -8.44 67.01 -15.51
CA GLN B 257 -7.56 66.41 -16.51
C GLN B 257 -6.79 67.50 -17.25
N GLN B 258 -7.42 68.66 -17.39
CA GLN B 258 -6.70 69.80 -17.92
C GLN B 258 -5.76 70.41 -16.88
N SER B 259 -6.08 70.30 -15.60
CA SER B 259 -5.16 70.78 -14.55
C SER B 259 -3.90 70.00 -14.56
N ALA B 260 -3.98 68.71 -14.78
CA ALA B 260 -2.77 67.90 -14.89
C ALA B 260 -1.97 68.23 -16.16
N LEU B 261 -2.64 68.64 -17.23
CA LEU B 261 -1.95 69.06 -18.45
C LEU B 261 -1.15 70.34 -18.23
N PHE B 262 -1.81 71.34 -17.70
CA PHE B 262 -1.19 72.60 -17.46
C PHE B 262 0.03 72.47 -16.53
N GLY B 263 -0.12 71.72 -15.44
CA GLY B 263 0.91 71.64 -14.41
C GLY B 263 2.11 70.75 -14.70
N ASN B 264 1.96 69.90 -15.70
CA ASN B 264 3.07 69.13 -16.29
C ASN B 264 3.84 69.94 -17.32
N MET B 265 3.39 71.18 -17.59
CA MET B 265 4.04 72.14 -18.47
C MET B 265 3.88 71.67 -19.93
N CYS B 266 2.65 71.46 -20.37
CA CYS B 266 2.40 71.00 -21.74
C CYS B 266 1.77 72.15 -22.47
N PHE B 267 2.56 73.22 -22.55
CA PHE B 267 2.13 74.51 -23.07
C PHE B 267 2.11 74.55 -24.59
N GLU B 268 3.09 73.87 -25.21
CA GLU B 268 3.24 73.87 -26.68
C GLU B 268 2.50 72.69 -27.37
N LYS B 269 2.15 72.88 -28.65
CA LYS B 269 1.35 71.89 -29.42
C LYS B 269 2.11 70.58 -29.57
N GLY B 270 1.39 69.46 -29.61
CA GLY B 270 2.01 68.14 -29.64
C GLY B 270 2.61 67.68 -28.31
N GLU B 271 2.31 68.41 -27.22
CA GLU B 271 2.68 68.00 -25.85
C GLU B 271 1.49 67.37 -25.15
N ALA B 272 1.70 66.16 -24.62
CA ALA B 272 0.63 65.40 -23.98
C ALA B 272 0.95 64.89 -22.57
N LYS B 273 -0.05 64.30 -21.94
CA LYS B 273 0.17 63.61 -20.71
C LYS B 273 -0.94 62.62 -20.46
N ASN B 274 -0.61 61.68 -19.58
CA ASN B 274 -1.45 60.54 -19.23
C ASN B 274 -1.62 60.48 -17.70
N THR B 275 -2.85 60.62 -17.21
CA THR B 275 -3.13 60.48 -15.77
C THR B 275 -3.68 59.11 -15.46
N TYR B 276 -3.20 58.53 -14.35
CA TYR B 276 -3.80 57.32 -13.76
C TYR B 276 -4.45 57.69 -12.38
N GLY B 277 -5.78 57.92 -12.38
CA GLY B 277 -6.68 57.61 -11.24
C GLY B 277 -7.01 56.10 -11.34
N THR B 278 -8.30 55.76 -11.35
CA THR B 278 -8.70 54.34 -11.63
C THR B 278 -8.35 53.92 -13.11
N GLY B 279 -9.11 54.43 -14.06
CA GLY B 279 -8.76 54.33 -15.44
C GLY B 279 -7.59 55.25 -15.78
N CYS B 280 -7.78 55.96 -16.87
CA CYS B 280 -6.75 56.73 -17.54
C CYS B 280 -7.43 57.88 -18.22
N PHE B 281 -6.72 58.98 -18.37
CA PHE B 281 -7.06 59.98 -19.40
C PHE B 281 -5.78 60.44 -20.03
N LEU B 282 -5.81 60.51 -21.36
CA LEU B 282 -4.69 60.97 -22.17
C LEU B 282 -5.17 62.25 -22.80
N LEU B 283 -4.36 63.30 -22.68
CA LEU B 283 -4.67 64.64 -23.26
C LEU B 283 -3.47 65.17 -23.97
N MET B 284 -3.66 65.58 -25.22
CA MET B 284 -2.62 66.26 -26.03
C MET B 284 -3.03 67.69 -26.27
N ASN B 285 -2.09 68.61 -26.05
CA ASN B 285 -2.20 70.01 -26.47
C ASN B 285 -2.00 70.05 -27.95
N VAL B 286 -2.94 70.66 -28.66
CA VAL B 286 -2.92 70.64 -30.15
C VAL B 286 -2.63 72.01 -30.80
N GLY B 287 -2.37 73.02 -29.97
CA GLY B 287 -2.29 74.39 -30.43
C GLY B 287 -3.64 75.08 -30.36
N GLU B 288 -3.75 76.18 -31.11
CA GLU B 288 -4.87 77.11 -31.02
C GLU B 288 -6.06 76.75 -31.93
N GLU B 289 -5.79 75.90 -32.92
CA GLU B 289 -6.83 75.31 -33.77
C GLU B 289 -7.58 74.20 -33.04
N ALA B 290 -8.84 74.48 -32.66
CA ALA B 290 -9.79 73.41 -32.30
C ALA B 290 -9.79 72.26 -33.34
N ARG B 291 -9.51 71.03 -32.91
CA ARG B 291 -9.53 69.79 -33.72
C ARG B 291 -10.74 68.93 -33.42
N PHE B 292 -11.12 68.04 -34.32
CA PHE B 292 -12.36 67.22 -34.14
C PHE B 292 -12.21 65.73 -34.52
N SER B 293 -13.29 64.97 -34.32
CA SER B 293 -13.30 63.51 -34.41
C SER B 293 -12.75 63.05 -35.74
N LYS B 294 -12.22 61.85 -35.77
CA LYS B 294 -12.35 60.99 -36.94
C LYS B 294 -12.94 59.63 -36.53
N HIS B 295 -12.91 59.34 -35.24
CA HIS B 295 -13.00 57.97 -34.73
C HIS B 295 -14.13 58.07 -33.71
N GLY B 296 -13.74 57.93 -32.44
CA GLY B 296 -14.23 58.78 -31.36
C GLY B 296 -13.00 59.22 -30.55
N LEU B 297 -13.19 60.13 -29.60
CA LEU B 297 -12.15 60.93 -28.94
C LEU B 297 -12.91 62.21 -28.69
N LEU B 298 -12.33 63.10 -27.93
CA LEU B 298 -13.04 64.28 -27.48
C LEU B 298 -12.26 65.55 -27.82
N SER B 299 -12.99 66.61 -28.08
CA SER B 299 -12.36 67.89 -28.35
C SER B 299 -12.71 68.75 -27.15
N THR B 300 -11.75 69.40 -26.52
CA THR B 300 -12.04 70.12 -25.27
C THR B 300 -11.09 71.33 -25.15
N VAL B 301 -11.36 72.18 -24.16
CA VAL B 301 -10.45 73.28 -23.85
C VAL B 301 -9.27 72.70 -23.10
N GLY B 302 -8.06 73.06 -23.48
CA GLY B 302 -6.89 72.82 -22.65
C GLY B 302 -6.79 73.80 -21.46
N PHE B 303 -6.59 75.07 -21.80
CA PHE B 303 -6.46 76.14 -20.82
C PHE B 303 -6.43 77.48 -21.55
N GLN B 304 -7.26 78.43 -21.14
CA GLN B 304 -7.10 79.81 -21.54
C GLN B 304 -6.64 80.58 -20.31
N VAL B 305 -5.40 81.05 -20.38
CA VAL B 305 -4.77 81.79 -19.29
C VAL B 305 -5.11 83.28 -19.48
N GLY B 306 -6.07 83.77 -18.70
CA GLY B 306 -6.27 85.21 -18.57
C GLY B 306 -7.48 85.78 -19.26
N ARG B 307 -7.84 87.01 -18.83
CA ARG B 307 -8.91 87.78 -19.48
C ARG B 307 -8.72 87.69 -20.99
N ASP B 308 -9.56 86.87 -21.62
CA ASP B 308 -9.66 86.75 -23.07
C ASP B 308 -8.30 86.47 -23.75
N GLY B 309 -7.31 85.99 -22.98
CA GLY B 309 -5.93 85.85 -23.45
C GLY B 309 -5.78 84.58 -24.28
N PRO B 310 -4.54 84.24 -24.66
CA PRO B 310 -4.34 83.08 -25.56
C PRO B 310 -4.99 81.80 -25.06
N CYS B 311 -5.87 81.23 -25.90
CA CYS B 311 -6.54 79.96 -25.61
C CYS B 311 -5.94 78.76 -26.37
N TYR B 312 -6.02 77.59 -25.74
CA TYR B 312 -5.35 76.38 -26.17
C TYR B 312 -6.35 75.23 -26.08
N TYR B 313 -6.20 74.26 -26.96
CA TYR B 313 -7.24 73.27 -27.23
C TYR B 313 -6.59 71.95 -27.05
N ALA B 314 -7.41 70.90 -27.08
CA ALA B 314 -6.88 69.55 -26.88
C ALA B 314 -7.80 68.42 -27.27
N LEU B 315 -7.19 67.28 -27.56
CA LEU B 315 -7.93 66.03 -27.71
C LEU B 315 -7.81 65.16 -26.46
N GLU B 316 -8.87 64.36 -26.21
CA GLU B 316 -9.00 63.56 -25.00
C GLU B 316 -9.53 62.15 -25.29
N GLY B 317 -8.78 61.18 -24.78
CA GLY B 317 -9.19 59.79 -24.77
C GLY B 317 -9.06 59.20 -23.37
N ALA B 318 -9.85 58.16 -23.11
CA ALA B 318 -9.91 57.47 -21.85
C ALA B 318 -9.48 56.01 -21.99
N ILE B 319 -8.78 55.46 -21.01
CA ILE B 319 -8.86 54.00 -20.81
C ILE B 319 -9.64 53.82 -19.49
N ALA B 320 -10.58 52.87 -19.44
CA ALA B 320 -11.51 52.74 -18.27
C ALA B 320 -11.04 51.87 -17.03
N CYS B 321 -10.17 50.89 -17.28
CA CYS B 321 -9.60 50.07 -16.24
C CYS B 321 -8.05 49.95 -16.35
N ALA B 322 -7.29 50.84 -15.67
CA ALA B 322 -5.80 50.83 -15.76
C ALA B 322 -5.10 50.48 -14.44
N GLY B 323 -5.18 51.37 -13.46
CA GLY B 323 -4.76 51.04 -12.09
C GLY B 323 -5.73 49.99 -11.52
N ALA B 324 -7.03 50.12 -11.84
CA ALA B 324 -8.05 49.11 -11.50
C ALA B 324 -7.59 47.71 -11.84
N THR B 325 -7.14 47.51 -13.08
CA THR B 325 -6.71 46.19 -13.58
C THR B 325 -5.63 45.53 -12.69
N VAL B 326 -4.63 46.31 -12.31
CA VAL B 326 -3.57 45.76 -11.43
C VAL B 326 -4.17 45.33 -10.10
N GLU B 327 -5.01 46.18 -9.54
CA GLU B 327 -5.74 45.88 -8.32
C GLU B 327 -6.72 44.71 -8.48
N TRP B 328 -7.38 44.59 -9.60
CA TRP B 328 -8.26 43.43 -9.85
C TRP B 328 -7.52 42.03 -9.78
N MET B 329 -6.30 42.00 -10.27
CA MET B 329 -5.51 40.79 -10.36
C MET B 329 -5.05 40.38 -8.99
N ARG B 330 -5.04 41.35 -8.07
CA ARG B 330 -4.58 41.19 -6.69
C ARG B 330 -5.76 40.88 -5.81
N ARG B 331 -6.62 41.85 -5.53
CA ARG B 331 -7.75 41.57 -4.65
C ARG B 331 -8.69 40.50 -5.21
N ASN B 332 -9.14 40.55 -6.46
CA ASN B 332 -10.10 39.50 -6.93
C ASN B 332 -9.57 38.13 -7.33
N MET B 333 -8.37 38.08 -7.86
CA MET B 333 -7.87 36.85 -8.47
C MET B 333 -6.72 36.26 -7.69
N ASN B 334 -6.24 36.96 -6.68
CA ASN B 334 -5.17 36.43 -5.87
C ASN B 334 -3.94 36.05 -6.64
N LEU B 335 -3.67 36.75 -7.74
CA LEU B 335 -2.48 36.47 -8.53
C LEU B 335 -1.19 36.87 -7.80
N PHE B 336 -1.30 37.76 -6.81
CA PHE B 336 -0.18 38.17 -5.96
C PHE B 336 -0.63 39.01 -4.76
N SER B 337 0.08 38.95 -3.64
CA SER B 337 -0.38 39.65 -2.45
C SER B 337 0.10 41.08 -2.51
N HIS B 338 1.41 41.27 -2.53
CA HIS B 338 2.05 42.60 -2.39
C HIS B 338 2.23 43.32 -3.74
N ILE B 339 2.14 44.65 -3.71
CA ILE B 339 2.19 45.54 -4.91
C ILE B 339 3.43 45.34 -5.82
N THR B 340 4.60 45.19 -5.22
CA THR B 340 5.84 45.05 -6.00
C THR B 340 6.12 43.61 -6.43
N GLU B 341 5.27 42.67 -6.03
CA GLU B 341 5.27 41.35 -6.65
C GLU B 341 4.82 41.41 -8.12
N CYS B 342 3.77 42.20 -8.40
CA CYS B 342 3.30 42.42 -9.77
C CYS B 342 4.43 42.87 -10.71
N GLU B 343 5.09 43.97 -10.38
CA GLU B 343 6.21 44.50 -11.21
C GLU B 343 7.33 43.46 -11.37
N LYS B 344 7.63 42.64 -10.36
CA LYS B 344 8.70 41.63 -10.50
C LYS B 344 8.25 40.32 -11.13
N LEU B 345 6.99 39.95 -10.96
CA LEU B 345 6.45 38.82 -11.70
C LEU B 345 6.44 39.12 -13.24
N ALA B 346 5.96 40.29 -13.63
CA ALA B 346 6.05 40.70 -15.04
C ALA B 346 7.47 40.62 -15.63
N ARG B 347 8.47 40.99 -14.84
CA ARG B 347 9.88 40.92 -15.29
C ARG B 347 10.45 39.51 -15.39
N SER B 348 9.95 38.63 -14.52
CA SER B 348 10.38 37.22 -14.48
C SER B 348 10.11 36.38 -15.75
N VAL B 349 9.51 36.95 -16.78
CA VAL B 349 9.28 36.26 -18.04
C VAL B 349 9.71 37.13 -19.21
N PRO B 350 10.15 36.51 -20.31
CA PRO B 350 10.55 37.25 -21.51
C PRO B 350 9.41 37.99 -22.17
N GLY B 351 8.23 37.38 -22.27
CA GLY B 351 7.08 38.06 -22.86
C GLY B 351 5.78 37.33 -22.63
N THR B 352 4.73 37.71 -23.35
CA THR B 352 3.43 37.09 -23.19
C THR B 352 3.36 35.63 -23.59
N GLN B 353 4.35 35.13 -24.33
CA GLN B 353 4.41 33.72 -24.73
C GLN B 353 3.09 33.25 -25.41
N GLY B 354 2.48 34.15 -26.19
CA GLY B 354 1.26 33.85 -26.94
C GLY B 354 0.03 34.62 -26.53
N ILE B 355 -0.17 34.81 -25.22
CA ILE B 355 -1.47 35.25 -24.69
C ILE B 355 -1.70 36.73 -24.89
N VAL B 356 -2.98 37.07 -24.91
CA VAL B 356 -3.40 38.45 -24.76
C VAL B 356 -4.52 38.52 -23.72
N PHE B 357 -4.47 39.58 -22.92
CA PHE B 357 -5.44 39.90 -21.91
C PHE B 357 -5.95 41.24 -22.31
N VAL B 358 -7.25 41.35 -22.52
CA VAL B 358 -7.87 42.62 -22.84
C VAL B 358 -8.68 43.05 -21.61
N PRO B 359 -8.17 44.02 -20.85
CA PRO B 359 -8.81 44.44 -19.63
C PRO B 359 -9.91 45.44 -19.92
N ALA B 360 -10.98 44.89 -20.47
CA ALA B 360 -12.12 45.67 -20.92
C ALA B 360 -13.26 45.24 -20.06
N PHE B 361 -13.11 45.42 -18.77
CA PHE B 361 -14.08 44.81 -17.86
C PHE B 361 -15.46 45.43 -18.04
N SER B 362 -15.45 46.73 -18.31
CA SER B 362 -16.67 47.51 -18.33
C SER B 362 -16.74 48.18 -19.70
N GLY B 363 -16.69 47.33 -20.72
CA GLY B 363 -16.62 47.81 -22.08
C GLY B 363 -15.27 48.35 -22.43
N LEU B 364 -15.18 48.72 -23.71
CA LEU B 364 -13.97 49.11 -24.44
C LEU B 364 -14.16 50.55 -24.91
N LEU B 365 -13.21 51.44 -24.65
CA LEU B 365 -13.52 52.87 -24.75
C LEU B 365 -12.38 53.84 -24.93
N ALA B 366 -11.54 53.57 -25.91
CA ALA B 366 -10.58 54.53 -26.45
C ALA B 366 -11.03 54.38 -27.90
N PRO B 367 -10.18 54.54 -28.94
CA PRO B 367 -10.83 54.70 -30.24
C PRO B 367 -12.00 53.75 -30.55
N TYR B 368 -11.91 52.50 -30.13
CA TYR B 368 -13.00 51.49 -30.31
C TYR B 368 -14.05 51.67 -29.22
N TRP B 369 -15.30 51.99 -29.57
CA TRP B 369 -16.33 52.24 -28.54
C TRP B 369 -17.38 51.16 -28.37
N ASP B 370 -16.89 49.95 -28.09
CA ASP B 370 -17.75 48.83 -27.91
C ASP B 370 -18.08 48.74 -26.42
N PRO B 371 -19.34 49.01 -26.03
CA PRO B 371 -19.67 48.80 -24.63
C PRO B 371 -20.09 47.33 -24.34
N SER B 372 -20.10 46.45 -25.36
CA SER B 372 -20.33 44.97 -25.15
C SER B 372 -19.06 44.10 -24.94
N ALA B 373 -17.91 44.74 -25.14
CA ALA B 373 -16.65 44.13 -24.93
C ALA B 373 -16.51 43.86 -23.47
N ARG B 374 -16.11 42.64 -23.15
CA ARG B 374 -15.89 42.23 -21.81
C ARG B 374 -14.43 41.78 -21.66
N GLY B 375 -14.06 41.46 -20.42
CA GLY B 375 -12.70 41.04 -20.07
C GLY B 375 -12.45 39.67 -20.62
N THR B 376 -11.43 39.56 -21.47
CA THR B 376 -11.12 38.29 -22.11
C THR B 376 -9.60 38.02 -22.11
N ILE B 377 -9.25 36.74 -22.08
CA ILE B 377 -7.86 36.28 -22.23
C ILE B 377 -7.88 35.17 -23.26
N VAL B 378 -6.97 35.23 -24.23
CA VAL B 378 -6.92 34.21 -25.33
C VAL B 378 -5.51 33.66 -25.46
N GLY B 379 -5.41 32.45 -26.01
CA GLY B 379 -4.11 31.88 -26.38
C GLY B 379 -3.28 31.24 -25.28
N MET B 380 -3.94 30.73 -24.25
CA MET B 380 -3.26 30.24 -23.06
C MET B 380 -2.96 28.78 -23.26
N THR B 381 -1.84 28.38 -22.73
CA THR B 381 -1.36 27.04 -22.84
C THR B 381 -1.06 26.60 -21.42
N LEU B 382 -0.68 25.33 -21.20
CA LEU B 382 -0.38 24.89 -19.83
C LEU B 382 0.94 25.45 -19.31
N LYS B 383 1.70 26.06 -20.22
CA LYS B 383 2.92 26.78 -19.92
C LYS B 383 2.61 28.27 -19.75
N THR B 384 1.48 28.59 -19.13
CA THR B 384 1.10 29.99 -18.92
C THR B 384 0.87 30.17 -17.41
N THR B 385 1.74 30.95 -16.77
CA THR B 385 1.60 31.33 -15.34
C THR B 385 0.98 32.70 -15.17
N ARG B 386 0.84 33.13 -13.92
CA ARG B 386 0.36 34.49 -13.61
C ARG B 386 1.34 35.60 -14.03
N ALA B 387 2.61 35.25 -14.10
CA ALA B 387 3.62 36.16 -14.62
C ALA B 387 3.31 36.58 -16.06
N HIS B 388 2.91 35.63 -16.93
CA HIS B 388 2.56 35.99 -18.28
C HIS B 388 1.31 36.85 -18.24
N VAL B 389 0.29 36.43 -17.51
CA VAL B 389 -0.93 37.26 -17.40
C VAL B 389 -0.64 38.66 -16.86
N ILE B 390 0.20 38.80 -15.84
CA ILE B 390 0.48 40.14 -15.32
C ILE B 390 1.17 41.04 -16.37
N ARG B 391 2.09 40.48 -17.14
CA ARG B 391 2.76 41.22 -18.18
C ARG B 391 1.82 41.61 -19.32
N ALA B 392 0.85 40.74 -19.58
CA ALA B 392 -0.07 40.94 -20.65
C ALA B 392 -1.01 42.01 -20.25
N ALA B 393 -1.36 42.09 -18.98
CA ALA B 393 -2.22 43.19 -18.56
C ALA B 393 -1.49 44.54 -18.72
N LEU B 394 -0.19 44.56 -18.51
CA LEU B 394 0.60 45.78 -18.66
C LEU B 394 0.72 46.17 -20.11
N GLN B 395 1.09 45.20 -20.95
CA GLN B 395 1.07 45.41 -22.41
C GLN B 395 -0.22 45.98 -22.92
N ALA B 396 -1.34 45.46 -22.43
CA ALA B 396 -2.64 45.89 -22.84
C ALA B 396 -2.90 47.39 -22.56
N ILE B 397 -2.43 47.87 -21.41
CA ILE B 397 -2.68 49.27 -21.09
C ILE B 397 -1.98 50.12 -22.16
N ALA B 398 -0.69 49.83 -22.42
CA ALA B 398 0.12 50.51 -23.47
C ALA B 398 -0.32 50.27 -24.93
N LEU B 399 -0.91 49.12 -25.21
CA LEU B 399 -1.49 48.83 -26.50
C LEU B 399 -2.80 49.59 -26.77
N GLN B 400 -3.45 50.08 -25.72
CA GLN B 400 -4.66 50.92 -25.84
C GLN B 400 -4.19 52.35 -26.05
N LEU B 401 -3.24 52.78 -25.22
CA LEU B 401 -2.72 54.14 -25.28
C LEU B 401 -1.89 54.35 -26.51
N ASN B 402 -1.61 53.26 -27.22
CA ASN B 402 -1.03 53.31 -28.55
C ASN B 402 -2.08 53.66 -29.61
N ASP B 403 -3.09 52.82 -29.72
CA ASP B 403 -4.27 53.10 -30.48
C ASP B 403 -4.81 54.56 -30.22
N VAL B 404 -4.73 55.07 -28.99
CA VAL B 404 -5.20 56.44 -28.69
C VAL B 404 -4.32 57.48 -29.30
N VAL B 405 -3.00 57.35 -29.13
CA VAL B 405 -2.06 58.30 -29.69
C VAL B 405 -2.12 58.26 -31.24
N GLY B 406 -2.39 57.08 -31.82
CA GLY B 406 -2.53 56.93 -33.28
C GLY B 406 -3.66 57.81 -33.77
N SER B 407 -4.81 57.67 -33.14
CA SER B 407 -5.96 58.51 -33.38
C SER B 407 -5.64 59.97 -33.17
N MET B 408 -4.81 60.28 -32.20
CA MET B 408 -4.42 61.69 -32.00
C MET B 408 -3.48 62.20 -33.09
N LYS B 409 -2.58 61.37 -33.57
CA LYS B 409 -1.72 61.76 -34.67
C LYS B 409 -2.56 62.11 -35.96
N ARG B 410 -3.65 61.35 -36.22
CA ARG B 410 -4.63 61.66 -37.29
C ARG B 410 -5.41 62.94 -37.00
N ASP B 411 -6.37 62.89 -36.08
CA ASP B 411 -7.27 64.01 -35.82
C ASP B 411 -6.57 65.34 -35.65
N ALA B 412 -5.41 65.33 -35.00
CA ALA B 412 -4.72 66.59 -34.63
C ALA B 412 -3.83 67.10 -35.73
N GLY B 413 -3.42 66.19 -36.62
CA GLY B 413 -2.46 66.52 -37.65
C GLY B 413 -1.07 66.81 -37.13
N LEU B 414 -0.74 66.33 -35.93
CA LEU B 414 0.58 66.60 -35.35
C LEU B 414 1.19 65.28 -34.94
N ASN B 415 2.44 65.34 -34.55
CA ASN B 415 3.04 64.20 -33.91
C ASN B 415 3.07 64.42 -32.40
N LEU B 416 3.20 63.33 -31.65
CA LEU B 416 3.30 63.43 -30.21
C LEU B 416 4.78 63.71 -29.84
N SER B 417 5.09 64.92 -29.37
CA SER B 417 6.47 65.23 -28.93
C SER B 417 6.81 64.49 -27.66
N SER B 418 6.44 65.09 -26.51
CA SER B 418 6.69 64.52 -25.20
C SER B 418 5.44 63.83 -24.72
N LEU B 419 5.61 62.91 -23.79
CA LEU B 419 4.49 62.32 -23.01
C LEU B 419 4.88 62.24 -21.53
N ARG B 420 4.37 63.17 -20.73
CA ARG B 420 4.60 63.19 -19.27
C ARG B 420 3.48 62.31 -18.69
N VAL B 421 3.77 61.62 -17.60
CA VAL B 421 2.83 60.67 -17.02
C VAL B 421 2.81 60.85 -15.51
N ASP B 422 1.74 60.41 -14.85
CA ASP B 422 1.52 60.74 -13.42
C ASP B 422 0.43 59.88 -12.74
N GLY B 423 0.77 59.26 -11.59
CA GLY B 423 -0.22 58.57 -10.75
C GLY B 423 0.25 57.32 -9.98
N GLY B 424 -0.72 56.53 -9.55
CA GLY B 424 -0.49 55.24 -8.91
C GLY B 424 0.43 54.37 -9.75
N LEU B 425 0.15 54.30 -11.05
CA LEU B 425 0.87 53.42 -12.02
C LEU B 425 2.20 53.96 -12.66
N SER B 426 2.42 55.29 -12.67
CA SER B 426 3.69 55.87 -13.19
C SER B 426 4.92 55.56 -12.32
N LYS B 427 4.68 55.04 -11.11
CA LYS B 427 5.74 54.52 -10.24
C LYS B 427 6.11 53.06 -10.62
N ASN B 428 5.79 52.64 -11.86
CA ASN B 428 6.02 51.28 -12.36
C ASN B 428 6.98 51.35 -13.54
N GLY B 429 8.21 50.90 -13.33
CA GLY B 429 9.23 50.89 -14.34
C GLY B 429 8.86 50.20 -15.64
N LEU B 430 8.27 49.00 -15.55
CA LEU B 430 8.06 48.18 -16.75
C LEU B 430 7.02 48.73 -17.75
N LEU B 431 5.96 49.38 -17.28
CA LEU B 431 4.98 49.98 -18.18
C LEU B 431 5.57 51.18 -18.93
N MET B 432 6.26 52.08 -18.21
CA MET B 432 6.94 53.26 -18.82
C MET B 432 8.12 52.85 -19.72
N GLU B 433 8.55 51.59 -19.64
CA GLU B 433 9.44 51.00 -20.65
C GLU B 433 8.67 50.53 -21.89
N ILE B 434 7.67 49.68 -21.68
CA ILE B 434 6.89 49.11 -22.79
C ILE B 434 6.22 50.21 -23.58
N GLN B 435 5.57 51.10 -22.86
CA GLN B 435 4.82 52.17 -23.47
C GLN B 435 5.77 53.04 -24.26
N ALA B 436 6.92 53.36 -23.67
CA ALA B 436 7.93 54.19 -24.35
C ALA B 436 8.39 53.51 -25.63
N SER B 437 8.56 52.19 -25.59
CA SER B 437 8.82 51.41 -26.78
C SER B 437 7.70 51.49 -27.81
N LEU B 438 6.54 50.90 -27.51
CA LEU B 438 5.43 50.84 -28.47
C LEU B 438 5.00 52.14 -29.09
N LEU B 439 5.19 53.26 -28.39
CA LEU B 439 4.90 54.58 -28.93
C LEU B 439 6.09 55.23 -29.56
N GLY B 440 7.27 54.98 -29.00
CA GLY B 440 8.52 55.45 -29.56
C GLY B 440 8.79 56.91 -29.28
N VAL B 441 8.46 57.35 -28.08
CA VAL B 441 8.75 58.72 -27.69
C VAL B 441 9.49 58.72 -26.36
N ASP B 442 10.21 59.78 -26.05
CA ASP B 442 10.64 59.94 -24.69
C ASP B 442 9.35 59.89 -23.85
N ILE B 443 9.49 59.53 -22.58
CA ILE B 443 8.44 59.66 -21.56
C ILE B 443 9.09 60.25 -20.32
N LEU B 444 8.50 61.31 -19.79
CA LEU B 444 8.99 62.00 -18.61
C LEU B 444 8.11 61.64 -17.39
N VAL B 445 8.74 61.39 -16.26
CA VAL B 445 8.08 60.98 -15.03
C VAL B 445 8.51 61.98 -13.95
N PRO B 446 7.60 62.88 -13.52
CA PRO B 446 7.95 63.97 -12.62
C PRO B 446 8.12 63.50 -11.17
N SER B 447 9.16 64.02 -10.49
CA SER B 447 9.48 63.65 -9.09
C SER B 447 8.66 64.49 -8.09
N MET B 448 8.18 65.66 -8.53
CA MET B 448 7.14 66.38 -7.82
C MET B 448 5.87 65.91 -8.54
N HIS B 449 5.24 64.85 -8.04
CA HIS B 449 4.12 64.19 -8.80
C HIS B 449 2.70 64.75 -8.56
N GLU B 450 2.53 65.57 -7.51
CA GLU B 450 1.34 66.40 -7.30
C GLU B 450 0.96 67.42 -8.43
N THR B 451 0.97 67.01 -9.69
CA THR B 451 0.88 67.95 -10.79
C THR B 451 -0.55 68.41 -11.10
N THR B 452 -1.55 67.59 -10.81
CA THR B 452 -2.96 68.03 -10.96
C THR B 452 -3.34 69.22 -10.00
N ALA B 453 -2.94 69.10 -8.75
CA ALA B 453 -3.04 70.20 -7.80
C ALA B 453 -2.24 71.43 -8.27
N LEU B 454 -1.04 71.17 -8.79
CA LEU B 454 -0.13 72.21 -9.21
C LEU B 454 -0.79 73.07 -10.27
N GLY B 455 -1.49 72.44 -11.21
CA GLY B 455 -2.21 73.14 -12.23
C GLY B 455 -3.03 74.32 -11.76
N ALA B 456 -3.89 74.10 -10.79
CA ALA B 456 -4.77 75.17 -10.39
C ALA B 456 -3.98 76.27 -9.74
N ALA B 457 -3.06 75.91 -8.85
CA ALA B 457 -2.23 76.89 -8.14
C ALA B 457 -1.58 77.83 -9.11
N LEU B 458 -0.89 77.25 -10.11
CA LEU B 458 -0.28 78.05 -11.18
C LEU B 458 -1.26 79.06 -11.77
N CYS B 459 -2.49 78.65 -12.08
CA CYS B 459 -3.47 79.57 -12.67
C CYS B 459 -3.70 80.81 -11.80
N ALA B 460 -4.00 80.57 -10.53
CA ALA B 460 -4.12 81.62 -9.50
C ALA B 460 -2.80 82.39 -9.23
N GLY B 461 -1.68 81.68 -9.25
CA GLY B 461 -0.34 82.30 -9.24
C GLY B 461 -0.02 83.23 -10.41
N LEU B 462 -0.60 82.98 -11.58
CA LEU B 462 -0.40 83.85 -12.72
C LEU B 462 -1.32 85.06 -12.61
N ALA B 463 -2.57 84.80 -12.23
CA ALA B 463 -3.56 85.85 -12.20
C ALA B 463 -3.17 86.90 -11.17
N ALA B 464 -2.92 86.44 -9.95
CA ALA B 464 -2.41 87.32 -8.89
C ALA B 464 -0.96 87.74 -9.18
N GLY B 465 -0.22 86.90 -9.89
CA GLY B 465 1.11 87.26 -10.32
C GLY B 465 2.12 87.07 -9.22
N VAL B 466 2.35 85.80 -8.87
CA VAL B 466 3.50 85.34 -8.06
C VAL B 466 4.61 84.93 -9.05
N TRP B 467 4.17 84.36 -10.19
CA TRP B 467 4.89 84.29 -11.48
C TRP B 467 4.06 85.10 -12.52
N THR B 468 4.68 85.56 -13.64
CA THR B 468 3.91 86.24 -14.75
C THR B 468 4.02 85.57 -16.11
N SER B 469 5.23 85.18 -16.52
CA SER B 469 5.41 84.50 -17.81
C SER B 469 5.39 82.98 -17.61
N LEU B 470 4.87 82.25 -18.60
CA LEU B 470 4.93 80.79 -18.60
C LEU B 470 6.39 80.28 -18.75
N GLU B 471 7.26 81.14 -19.28
CA GLU B 471 8.70 80.91 -19.22
C GLU B 471 9.20 80.85 -17.76
N GLU B 472 8.87 81.86 -16.96
CA GLU B 472 9.21 81.83 -15.53
C GLU B 472 8.71 80.51 -14.93
N VAL B 473 7.41 80.22 -15.14
CA VAL B 473 6.75 79.03 -14.58
C VAL B 473 7.59 77.81 -14.99
N LYS B 474 7.84 77.66 -16.29
CA LYS B 474 8.57 76.49 -16.82
C LYS B 474 10.02 76.41 -16.31
N ALA B 475 10.68 77.56 -16.12
CA ALA B 475 12.09 77.62 -15.66
C ALA B 475 12.28 77.22 -14.18
N VAL B 476 11.29 77.54 -13.34
CA VAL B 476 11.31 77.07 -11.95
C VAL B 476 11.11 75.55 -11.99
N SER B 477 10.12 75.06 -12.75
CA SER B 477 9.89 73.59 -12.89
C SER B 477 11.07 72.84 -13.55
N ARG B 478 12.02 73.56 -14.14
CA ARG B 478 13.29 72.97 -14.55
C ARG B 478 14.34 73.10 -13.43
N ARG B 479 14.43 74.27 -12.79
CA ARG B 479 15.45 74.48 -11.75
C ARG B 479 15.12 73.77 -10.43
N GLU B 480 13.85 73.38 -10.25
CA GLU B 480 13.36 72.67 -9.06
C GLU B 480 13.01 71.20 -9.35
N ASN B 481 11.79 70.95 -9.86
CA ASN B 481 11.12 69.64 -9.77
C ASN B 481 11.68 68.60 -10.76
N SER B 482 12.53 67.72 -10.25
CA SER B 482 13.24 66.68 -11.04
C SER B 482 12.35 65.88 -11.97
N TRP B 483 12.80 65.70 -13.22
CA TRP B 483 12.24 64.70 -14.14
C TRP B 483 13.13 63.48 -14.07
N LYS B 484 12.51 62.32 -14.08
CA LYS B 484 13.16 61.13 -14.59
C LYS B 484 12.65 61.07 -16.04
N THR B 485 13.39 60.37 -16.90
CA THR B 485 13.08 60.32 -18.34
C THR B 485 13.33 58.88 -18.86
N VAL B 486 12.46 58.38 -19.73
CA VAL B 486 12.55 57.00 -20.23
C VAL B 486 12.48 56.90 -21.76
N SER B 487 13.61 56.51 -22.37
CA SER B 487 13.71 56.30 -23.82
C SER B 487 13.05 55.00 -24.25
N PRO B 488 12.76 54.84 -25.56
CA PRO B 488 12.39 53.53 -26.16
C PRO B 488 13.56 52.58 -26.34
N SER B 489 13.24 51.27 -26.34
CA SER B 489 14.22 50.18 -26.53
C SER B 489 13.56 48.89 -27.07
N GLY B 490 12.66 49.02 -28.05
CA GLY B 490 11.97 47.89 -28.69
C GLY B 490 11.84 47.98 -30.22
N SER B 491 12.26 46.91 -30.91
CA SER B 491 12.41 46.92 -32.38
C SER B 491 11.09 46.84 -33.21
N ALA B 492 10.93 47.77 -34.16
CA ALA B 492 9.76 47.88 -35.08
C ALA B 492 8.83 46.65 -35.26
N MET B 493 9.39 45.45 -35.52
CA MET B 493 8.56 44.23 -35.73
C MET B 493 8.36 43.34 -34.47
N GLU B 494 9.06 43.63 -33.35
CA GLU B 494 8.58 43.18 -32.01
C GLU B 494 7.25 43.91 -31.77
N ARG B 495 7.33 45.23 -31.81
CA ARG B 495 6.19 46.14 -31.80
C ARG B 495 5.05 45.81 -32.80
N GLU B 496 5.36 45.30 -33.98
CA GLU B 496 4.29 44.95 -34.95
C GLU B 496 3.71 43.54 -34.78
N ALA B 497 4.47 42.61 -34.19
CA ALA B 497 3.91 41.32 -33.76
C ALA B 497 2.99 41.51 -32.54
N MET B 498 3.29 42.53 -31.73
CA MET B 498 2.53 42.81 -30.51
C MET B 498 1.21 43.48 -30.81
N ILE B 499 1.14 44.26 -31.89
CA ILE B 499 -0.09 44.98 -32.27
C ILE B 499 -0.99 44.04 -33.09
N ALA B 500 -0.36 43.14 -33.85
CA ALA B 500 -1.05 42.18 -34.71
C ALA B 500 -1.80 41.16 -33.84
N GLU B 501 -1.08 40.63 -32.84
CA GLU B 501 -1.69 39.92 -31.71
C GLU B 501 -2.82 40.71 -31.08
N TRP B 502 -2.54 41.95 -30.73
CA TRP B 502 -3.54 42.83 -30.09
C TRP B 502 -4.83 42.94 -30.94
N ARG B 503 -4.71 43.24 -32.23
CA ARG B 503 -5.87 43.55 -33.04
C ARG B 503 -6.71 42.28 -33.28
N GLU B 504 -6.03 41.14 -33.30
CA GLU B 504 -6.64 39.79 -33.36
C GLU B 504 -7.43 39.40 -32.12
N ALA B 505 -6.92 39.81 -30.97
CA ALA B 505 -7.59 39.57 -29.72
C ALA B 505 -8.83 40.44 -29.57
N LEU B 506 -8.68 41.74 -29.86
CA LEU B 506 -9.83 42.67 -29.81
C LEU B 506 -11.10 42.10 -30.44
N LYS B 507 -11.00 41.39 -31.55
CA LYS B 507 -12.17 40.77 -32.20
C LYS B 507 -12.95 39.83 -31.29
N ARG B 508 -12.25 39.04 -30.46
CA ARG B 508 -12.92 38.07 -29.55
C ARG B 508 -13.59 38.64 -28.25
N THR B 509 -13.36 39.91 -27.95
CA THR B 509 -13.96 40.53 -26.79
C THR B 509 -15.46 40.80 -26.79
N LYS B 510 -16.12 40.96 -27.91
CA LYS B 510 -17.58 41.27 -27.89
C LYS B 510 -18.37 40.15 -27.18
N TRP B 511 -19.08 40.50 -26.11
CA TRP B 511 -19.74 39.49 -25.29
C TRP B 511 -21.14 39.89 -24.82
N ALA B 512 -21.26 41.03 -24.15
CA ALA B 512 -22.53 41.40 -23.49
C ALA B 512 -23.58 41.71 -24.57
N LYS B 513 -24.87 41.50 -24.27
CA LYS B 513 -25.94 41.27 -25.29
C LYS B 513 -25.48 40.24 -26.35
N ALA C 1 63.69 -39.39 -10.38
CA ALA C 1 62.83 -38.37 -11.11
C ALA C 1 61.76 -39.02 -12.05
N THR C 2 60.90 -39.85 -11.42
CA THR C 2 59.66 -40.43 -11.99
C THR C 2 58.46 -40.27 -10.99
N MET C 3 57.22 -40.32 -11.52
CA MET C 3 55.97 -40.26 -10.71
C MET C 3 55.97 -41.38 -9.70
N LYS C 4 55.65 -41.04 -8.47
CA LYS C 4 55.71 -41.98 -7.36
C LYS C 4 54.32 -42.20 -6.82
N TYR C 5 54.03 -43.43 -6.41
CA TYR C 5 52.71 -43.82 -5.89
C TYR C 5 52.81 -44.52 -4.56
N VAL C 6 51.91 -44.16 -3.65
CA VAL C 6 51.80 -44.82 -2.37
C VAL C 6 50.43 -45.38 -2.33
N GLY C 7 50.28 -46.57 -1.82
CA GLY C 7 48.94 -47.12 -1.63
C GLY C 7 48.47 -47.18 -0.17
N SER C 8 47.15 -47.15 0.00
CA SER C 8 46.56 -47.21 1.33
C SER C 8 45.45 -48.28 1.40
N ILE C 9 45.64 -49.29 2.24
CA ILE C 9 44.58 -50.23 2.61
C ILE C 9 43.69 -49.62 3.69
N ASP C 10 42.39 -49.60 3.42
CA ASP C 10 41.42 -48.92 4.29
C ASP C 10 40.44 -50.00 4.78
N GLN C 11 40.77 -50.62 5.91
CA GLN C 11 40.08 -51.79 6.40
C GLN C 11 39.04 -51.26 7.35
N GLY C 12 37.80 -51.25 6.88
CA GLY C 12 36.71 -50.65 7.65
C GLY C 12 35.85 -51.70 8.22
N THR C 13 34.82 -51.29 8.94
CA THR C 13 33.86 -52.16 9.57
C THR C 13 33.10 -53.02 8.58
N THR C 14 32.57 -52.42 7.51
CA THR C 14 31.74 -53.15 6.53
C THR C 14 32.42 -53.47 5.19
N SER C 15 33.57 -52.86 4.91
CA SER C 15 34.33 -53.12 3.69
C SER C 15 35.79 -52.79 3.87
N THR C 16 36.56 -53.17 2.85
CA THR C 16 38.00 -52.97 2.75
C THR C 16 38.29 -52.33 1.37
N ARG C 17 39.14 -51.30 1.35
CA ARG C 17 39.49 -50.66 0.08
C ARG C 17 40.96 -50.49 -0.03
N PHE C 18 41.45 -50.43 -1.25
CA PHE C 18 42.80 -50.04 -1.50
C PHE C 18 42.72 -48.87 -2.42
N ILE C 19 43.16 -47.71 -1.92
CA ILE C 19 43.31 -46.50 -2.72
C ILE C 19 44.76 -46.28 -3.01
N ILE C 20 45.07 -45.94 -4.25
CA ILE C 20 46.41 -45.61 -4.64
C ILE C 20 46.49 -44.10 -4.82
N PHE C 21 47.41 -43.46 -4.11
CA PHE C 21 47.56 -42.01 -4.14
C PHE C 21 48.85 -41.65 -4.88
N ASP C 22 48.93 -40.47 -5.48
CA ASP C 22 50.20 -40.04 -6.13
C ASP C 22 50.93 -38.89 -5.38
N GLU C 23 52.17 -38.56 -5.75
CA GLU C 23 52.91 -37.45 -5.11
C GLU C 23 52.17 -36.09 -5.09
N ARG C 24 50.93 -36.05 -5.54
CA ARG C 24 50.13 -34.85 -5.48
C ARG C 24 49.02 -35.00 -4.47
N GLN C 25 49.02 -36.13 -3.74
CA GLN C 25 47.93 -36.58 -2.84
C GLN C 25 46.55 -36.70 -3.52
N ARG C 26 46.55 -37.16 -4.76
CA ARG C 26 45.37 -37.51 -5.50
C ARG C 26 45.10 -39.00 -5.42
N PRO C 27 43.88 -39.41 -4.99
CA PRO C 27 43.46 -40.77 -5.21
C PRO C 27 43.32 -41.02 -6.68
N VAL C 28 44.04 -41.99 -7.22
CA VAL C 28 43.98 -42.28 -8.65
C VAL C 28 43.52 -43.69 -9.04
N SER C 29 43.31 -44.58 -8.09
CA SER C 29 42.72 -45.89 -8.36
C SER C 29 42.13 -46.41 -7.03
N VAL C 30 41.04 -47.16 -7.11
CA VAL C 30 40.37 -47.69 -5.94
C VAL C 30 39.67 -48.99 -6.29
N HIS C 31 39.84 -50.03 -5.48
CA HIS C 31 38.84 -51.10 -5.44
C HIS C 31 38.31 -51.23 -4.04
N GLN C 32 37.11 -51.78 -3.90
CA GLN C 32 36.46 -51.99 -2.63
C GLN C 32 35.84 -53.35 -2.62
N VAL C 33 35.94 -54.05 -1.51
CA VAL C 33 35.48 -55.42 -1.43
C VAL C 33 34.85 -55.55 -0.06
N PRO C 34 33.56 -55.91 0.00
CA PRO C 34 32.98 -55.90 1.34
C PRO C 34 33.34 -57.20 2.08
N HIS C 35 32.95 -57.32 3.34
CA HIS C 35 33.08 -58.63 4.03
C HIS C 35 31.86 -58.79 4.95
N THR C 36 31.63 -60.04 5.35
CA THR C 36 30.36 -60.44 5.94
C THR C 36 30.27 -60.05 7.42
N GLN C 37 29.07 -59.60 7.83
CA GLN C 37 28.73 -59.21 9.17
C GLN C 37 27.95 -60.34 9.84
N HIS C 38 28.70 -61.29 10.42
CA HIS C 38 28.13 -62.33 11.29
C HIS C 38 27.68 -61.86 12.70
N THR C 39 26.48 -62.30 13.09
CA THR C 39 25.88 -61.90 14.37
C THR C 39 25.14 -63.07 15.08
N PRO C 40 25.88 -63.92 15.86
CA PRO C 40 25.20 -65.06 16.52
C PRO C 40 23.99 -64.65 17.43
N HIS C 41 24.24 -63.90 18.50
CA HIS C 41 23.18 -63.56 19.47
C HIS C 41 22.96 -62.07 19.39
N PRO C 42 21.74 -61.57 19.72
CA PRO C 42 21.53 -60.11 19.78
C PRO C 42 22.65 -59.38 20.55
N GLY C 43 23.10 -58.25 20.01
CA GLY C 43 24.25 -57.52 20.56
C GLY C 43 25.64 -57.95 20.10
N TRP C 44 25.79 -59.20 19.67
CA TRP C 44 27.06 -59.64 19.09
C TRP C 44 27.30 -59.10 17.63
N LEU C 45 28.54 -59.28 17.17
CA LEU C 45 29.09 -58.82 15.88
C LEU C 45 30.54 -59.29 15.82
N GLU C 46 30.90 -59.93 14.72
CA GLU C 46 32.04 -60.77 14.67
C GLU C 46 32.47 -60.83 13.20
N HIS C 47 33.76 -60.69 12.90
CA HIS C 47 34.24 -60.68 11.50
C HIS C 47 35.20 -61.80 11.25
N ASP C 48 35.25 -62.32 10.04
CA ASP C 48 36.21 -63.37 9.66
C ASP C 48 37.60 -62.82 9.26
N PRO C 49 38.67 -63.07 10.06
CA PRO C 49 40.03 -62.59 9.74
C PRO C 49 40.59 -62.90 8.34
N MET C 50 40.40 -64.14 7.90
CA MET C 50 40.93 -64.59 6.63
C MET C 50 40.19 -63.98 5.42
N GLU C 51 38.87 -63.76 5.57
CA GLU C 51 38.06 -63.10 4.55
C GLU C 51 38.45 -61.61 4.41
N ILE C 52 38.65 -60.96 5.53
CA ILE C 52 39.18 -59.59 5.59
C ILE C 52 40.55 -59.49 4.90
N PHE C 53 41.46 -60.41 5.21
CA PHE C 53 42.77 -60.48 4.56
C PHE C 53 42.68 -60.62 3.05
N ARG C 54 41.81 -61.51 2.59
CA ARG C 54 41.64 -61.79 1.18
C ARG C 54 41.02 -60.65 0.40
N SER C 55 40.19 -59.84 1.08
CA SER C 55 39.66 -58.59 0.50
C SER C 55 40.76 -57.57 0.27
N ALA C 56 41.50 -57.30 1.33
CA ALA C 56 42.68 -56.46 1.24
C ALA C 56 43.52 -56.86 0.02
N CYS C 57 43.65 -58.16 -0.20
CA CYS C 57 44.51 -58.67 -1.26
C CYS C 57 43.93 -58.44 -2.63
N LYS C 58 42.63 -58.69 -2.81
CA LYS C 58 41.99 -58.43 -4.11
C LYS C 58 41.92 -56.92 -4.40
N CYS C 59 41.68 -56.15 -3.34
CA CYS C 59 41.62 -54.70 -3.45
C CYS C 59 42.92 -54.19 -4.04
N MET C 60 44.04 -54.68 -3.53
CA MET C 60 45.35 -54.33 -4.07
C MET C 60 45.44 -54.67 -5.57
N SER C 61 45.12 -55.93 -5.90
CA SER C 61 45.42 -56.51 -7.23
C SER C 61 44.72 -55.75 -8.31
N VAL C 62 43.44 -55.55 -8.07
CA VAL C 62 42.57 -54.85 -8.98
C VAL C 62 42.96 -53.37 -9.15
N ALA C 63 43.25 -52.67 -8.08
CA ALA C 63 43.42 -51.24 -8.19
C ALA C 63 44.72 -50.99 -8.89
N ILE C 64 45.70 -51.85 -8.62
CA ILE C 64 46.94 -51.83 -9.37
C ILE C 64 46.65 -52.08 -10.85
N ALA C 65 45.92 -53.17 -11.15
CA ALA C 65 45.58 -53.52 -12.53
C ALA C 65 44.91 -52.35 -13.32
N LYS C 66 43.87 -51.78 -12.70
CA LYS C 66 43.12 -50.67 -13.31
C LYS C 66 44.08 -49.49 -13.54
N LEU C 67 44.98 -49.19 -12.60
CA LEU C 67 45.87 -48.00 -12.69
C LEU C 67 46.78 -48.05 -13.90
N ARG C 68 47.56 -49.11 -14.04
CA ARG C 68 48.46 -49.21 -15.19
C ARG C 68 47.71 -49.32 -16.51
N GLN C 69 46.49 -49.86 -16.46
CA GLN C 69 45.56 -49.76 -17.59
C GLN C 69 45.23 -48.32 -17.97
N LYS C 70 45.52 -47.31 -17.15
CA LYS C 70 45.14 -45.91 -17.45
C LYS C 70 46.11 -44.81 -16.95
N ASP C 71 47.36 -45.21 -16.73
CA ASP C 71 48.47 -44.32 -16.34
C ASP C 71 49.74 -45.00 -16.83
N ALA C 72 50.20 -44.53 -17.98
CA ALA C 72 51.38 -45.06 -18.60
C ALA C 72 52.65 -44.81 -17.73
N SER C 73 52.59 -43.87 -16.77
CA SER C 73 53.73 -43.49 -15.91
C SER C 73 53.78 -44.21 -14.56
N PHE C 74 52.76 -45.00 -14.26
CA PHE C 74 52.71 -45.80 -13.06
C PHE C 74 53.57 -47.04 -13.23
N ARG C 75 54.69 -47.11 -12.51
CA ARG C 75 55.67 -48.18 -12.63
C ARG C 75 55.48 -49.20 -11.45
N LYS C 76 55.49 -48.71 -10.21
CA LYS C 76 55.28 -49.51 -8.95
C LYS C 76 54.71 -48.67 -7.84
N ILE C 77 54.32 -49.33 -6.77
CA ILE C 77 53.91 -48.68 -5.52
C ILE C 77 55.10 -48.57 -4.58
N GLU C 78 55.31 -47.38 -4.01
CA GLU C 78 56.55 -47.08 -3.30
C GLU C 78 56.55 -47.54 -1.83
N ALA C 79 55.38 -47.47 -1.20
CA ALA C 79 55.09 -48.13 0.06
C ALA C 79 53.59 -48.21 0.20
N ILE C 80 53.16 -48.92 1.22
CA ILE C 80 51.77 -49.18 1.52
C ILE C 80 51.49 -48.83 2.98
N GLY C 81 50.47 -48.05 3.23
CA GLY C 81 50.01 -47.82 4.60
C GLY C 81 48.76 -48.62 4.89
N ILE C 82 48.50 -48.79 6.17
CA ILE C 82 47.30 -49.45 6.67
C ILE C 82 46.56 -48.55 7.64
N THR C 83 45.26 -48.43 7.43
CA THR C 83 44.33 -47.88 8.41
C THR C 83 43.15 -48.82 8.55
N ASN C 84 42.61 -48.83 9.76
CA ASN C 84 41.79 -49.95 10.25
C ASN C 84 40.77 -49.55 11.33
N GLN C 85 39.60 -50.17 11.25
CA GLN C 85 38.62 -50.21 12.34
C GLN C 85 39.30 -50.68 13.65
N ARG C 86 39.40 -49.77 14.61
CA ARG C 86 40.25 -49.94 15.76
C ARG C 86 39.50 -50.89 16.67
N GLU C 87 40.16 -51.38 17.74
CA GLU C 87 39.52 -52.16 18.81
C GLU C 87 39.16 -53.58 18.41
N THR C 88 38.68 -53.81 17.18
CA THR C 88 38.42 -55.18 16.71
C THR C 88 39.64 -56.11 16.89
N THR C 89 39.41 -57.28 17.47
CA THR C 89 40.50 -58.10 18.00
C THR C 89 40.51 -59.52 17.40
N VAL C 90 41.72 -59.98 17.06
CA VAL C 90 41.89 -61.28 16.40
C VAL C 90 42.73 -62.21 17.27
N ALA C 91 42.36 -63.47 17.32
CA ALA C 91 43.23 -64.44 17.94
C ALA C 91 43.62 -65.38 16.83
N TRP C 92 44.93 -65.44 16.56
CA TRP C 92 45.50 -66.45 15.67
C TRP C 92 46.64 -67.26 16.30
N ASP C 93 47.11 -68.23 15.52
CA ASP C 93 48.04 -69.25 15.95
C ASP C 93 49.32 -69.07 15.16
N ARG C 94 50.46 -68.95 15.84
CA ARG C 94 51.72 -68.74 15.15
C ARG C 94 52.06 -69.94 14.28
N VAL C 95 51.88 -71.16 14.78
CA VAL C 95 52.22 -72.38 14.01
C VAL C 95 51.30 -72.60 12.78
N THR C 96 49.98 -72.61 13.01
CA THR C 96 48.99 -72.83 11.92
C THR C 96 48.83 -71.60 11.00
N LYS C 97 49.03 -70.40 11.57
CA LYS C 97 48.90 -69.08 10.88
C LYS C 97 47.44 -68.66 10.62
N GLU C 98 46.48 -69.36 11.21
CA GLU C 98 45.06 -69.09 11.04
C GLU C 98 44.41 -68.65 12.38
N PRO C 99 43.26 -67.96 12.31
CA PRO C 99 42.53 -67.59 13.50
C PRO C 99 41.87 -68.77 14.23
N LEU C 100 41.97 -68.76 15.56
CA LEU C 100 41.40 -69.80 16.40
C LEU C 100 39.91 -69.64 16.47
N CYS C 101 39.43 -68.42 16.21
CA CYS C 101 38.01 -68.20 16.01
C CYS C 101 37.77 -66.92 15.27
N TYR C 102 36.51 -66.55 15.13
CA TYR C 102 36.18 -65.25 14.56
C TYR C 102 36.57 -64.04 15.45
N ALA C 103 36.56 -62.86 14.84
CA ALA C 103 37.07 -61.65 15.48
C ALA C 103 35.93 -60.78 16.01
N PRO C 104 35.86 -60.62 17.34
CA PRO C 104 34.87 -59.69 17.88
C PRO C 104 35.18 -58.22 17.56
N VAL C 105 34.13 -57.49 17.17
CA VAL C 105 34.23 -56.18 16.58
C VAL C 105 34.01 -55.10 17.66
N TRP C 106 34.68 -53.96 17.50
CA TRP C 106 34.53 -52.82 18.45
C TRP C 106 33.14 -52.58 19.11
N ASN C 107 32.05 -52.64 18.34
CA ASN C 107 30.69 -52.30 18.85
C ASN C 107 29.98 -53.51 19.44
N ASP C 108 30.70 -54.64 19.50
CA ASP C 108 30.22 -55.80 20.20
C ASP C 108 30.12 -55.66 21.77
N LEU C 109 29.03 -56.26 22.27
CA LEU C 109 28.60 -56.22 23.65
C LEU C 109 28.74 -57.57 24.40
N ARG C 110 29.21 -58.64 23.76
CA ARG C 110 29.51 -59.89 24.49
C ARG C 110 30.46 -59.74 25.70
N THR C 111 31.27 -58.67 25.73
CA THR C 111 32.20 -58.38 26.84
C THR C 111 31.57 -57.74 28.10
N TYR C 112 30.28 -57.38 27.99
CA TYR C 112 29.48 -56.72 29.02
C TYR C 112 29.40 -57.38 30.37
N ASP C 113 29.41 -58.71 30.42
CA ASP C 113 29.63 -59.38 31.71
C ASP C 113 31.05 -59.02 32.20
N ILE C 114 32.10 -59.56 31.58
CA ILE C 114 33.50 -59.21 31.90
C ILE C 114 33.66 -57.73 32.38
N THR C 115 33.00 -56.78 31.72
CA THR C 115 33.22 -55.36 31.97
C THR C 115 32.63 -54.89 33.34
N LYS C 116 31.59 -55.58 33.80
CA LYS C 116 30.99 -55.36 35.13
C LYS C 116 31.92 -55.92 36.23
N LYS C 117 32.49 -57.08 35.94
CA LYS C 117 33.40 -57.75 36.87
C LYS C 117 34.69 -56.94 37.01
N VAL C 118 35.28 -56.49 35.91
CA VAL C 118 36.51 -55.71 35.99
C VAL C 118 36.30 -54.29 36.64
N THR C 119 35.10 -53.70 36.57
CA THR C 119 34.83 -52.44 37.28
C THR C 119 34.65 -52.67 38.79
N ALA C 120 33.82 -53.66 39.11
CA ALA C 120 33.57 -54.01 40.48
C ALA C 120 34.84 -54.52 41.15
N GLU C 121 35.38 -55.62 40.62
CA GLU C 121 36.50 -56.30 41.30
C GLU C 121 37.86 -55.60 41.27
N LEU C 122 38.06 -54.56 40.48
CA LEU C 122 39.40 -53.96 40.35
C LEU C 122 39.48 -52.45 40.42
N GLY C 123 38.36 -51.74 40.32
CA GLY C 123 38.33 -50.31 40.60
C GLY C 123 37.40 -49.92 41.76
N GLY C 124 37.11 -50.86 42.68
CA GLY C 124 36.02 -50.70 43.68
C GLY C 124 34.70 -50.09 43.17
N GLY C 125 34.37 -50.33 41.90
CA GLY C 125 33.16 -49.74 41.28
C GLY C 125 33.38 -48.44 40.51
N ASP C 126 34.65 -48.06 40.35
CA ASP C 126 35.08 -46.88 39.59
C ASP C 126 35.56 -47.35 38.21
N SER C 127 34.84 -46.96 37.16
CA SER C 127 35.13 -47.40 35.77
C SER C 127 36.39 -46.73 35.21
N MET C 128 36.75 -45.61 35.86
CA MET C 128 37.91 -44.79 35.51
C MET C 128 39.19 -45.08 36.29
N PHE C 129 39.23 -46.17 37.06
CA PHE C 129 40.43 -46.48 37.84
C PHE C 129 41.78 -46.60 37.09
N ALA C 130 41.76 -46.99 35.81
CA ALA C 130 42.98 -47.15 35.01
C ALA C 130 43.20 -46.03 34.00
N SER C 131 42.25 -45.10 33.93
CA SER C 131 42.24 -43.96 32.99
C SER C 131 43.43 -43.00 33.05
N LYS C 132 44.20 -42.99 34.13
CA LYS C 132 45.43 -42.21 34.14
C LYS C 132 46.62 -42.98 33.55
N ILE C 133 46.51 -44.29 33.40
CA ILE C 133 47.48 -45.09 32.64
C ILE C 133 47.05 -45.26 31.17
N THR C 134 45.89 -45.89 30.96
CA THR C 134 45.41 -46.18 29.59
C THR C 134 44.90 -44.97 28.78
N GLY C 135 44.32 -43.99 29.49
CA GLY C 135 43.61 -42.85 28.92
C GLY C 135 42.14 -43.17 28.76
N LEU C 136 41.70 -44.33 29.26
CA LEU C 136 40.41 -44.93 28.86
C LEU C 136 39.58 -45.47 29.99
N PRO C 137 38.25 -45.40 29.86
CA PRO C 137 37.43 -46.03 30.87
C PRO C 137 37.23 -47.48 30.48
N VAL C 138 37.04 -48.30 31.50
CA VAL C 138 36.57 -49.66 31.34
C VAL C 138 35.27 -49.62 30.55
N SER C 139 35.23 -50.34 29.41
CA SER C 139 34.10 -50.36 28.47
C SER C 139 34.12 -51.59 27.62
N THR C 140 33.03 -51.85 26.94
CA THR C 140 32.89 -53.06 26.14
C THR C 140 33.75 -53.02 24.88
N TYR C 141 34.22 -51.82 24.49
CA TYR C 141 34.95 -51.60 23.23
C TYR C 141 36.33 -52.16 23.12
N PHE C 142 37.07 -52.01 24.21
CA PHE C 142 38.50 -52.05 24.14
C PHE C 142 39.04 -53.47 24.08
N ALA C 143 40.23 -53.56 23.50
CA ALA C 143 40.74 -54.81 22.96
C ALA C 143 40.99 -55.85 24.04
N ALA C 144 41.37 -55.39 25.23
CA ALA C 144 41.76 -56.28 26.30
C ALA C 144 40.59 -57.19 26.71
N PHE C 145 39.41 -56.59 26.89
CA PHE C 145 38.22 -57.32 27.35
C PHE C 145 37.70 -58.31 26.27
N LYS C 146 38.03 -58.02 25.01
CA LYS C 146 37.78 -58.97 23.91
C LYS C 146 38.77 -60.16 23.95
N MET C 147 40.03 -59.88 24.30
CA MET C 147 41.06 -60.91 24.38
C MET C 147 40.72 -61.86 25.53
N ARG C 148 40.45 -61.26 26.70
CA ARG C 148 40.01 -61.96 27.91
C ARG C 148 38.83 -62.85 27.51
N TRP C 149 37.74 -62.27 27.00
CA TRP C 149 36.53 -63.06 26.63
C TRP C 149 36.81 -64.25 25.72
N MET C 150 37.81 -64.16 24.86
CA MET C 150 38.12 -65.31 24.02
C MET C 150 38.75 -66.44 24.86
N LEU C 151 39.74 -66.10 25.67
CA LEU C 151 40.33 -67.05 26.65
C LEU C 151 39.27 -67.76 27.47
N GLU C 152 38.34 -66.99 28.01
CA GLU C 152 37.27 -67.52 28.83
C GLU C 152 36.13 -68.27 28.15
N ASN C 153 35.84 -68.03 26.87
CA ASN C 153 34.76 -68.79 26.24
C ASN C 153 35.14 -69.54 25.00
N VAL C 154 36.42 -69.65 24.63
CA VAL C 154 36.67 -70.31 23.34
C VAL C 154 37.81 -71.32 23.45
N PRO C 155 37.45 -72.60 23.59
CA PRO C 155 38.39 -73.69 23.93
C PRO C 155 39.74 -73.65 23.22
N ALA C 156 39.71 -73.40 21.91
CA ALA C 156 40.91 -73.41 21.05
C ALA C 156 41.89 -72.29 21.39
N VAL C 157 41.34 -71.22 21.97
CA VAL C 157 42.08 -70.00 22.33
C VAL C 157 42.86 -70.22 23.63
N ALA C 158 42.16 -70.70 24.66
CA ALA C 158 42.78 -71.14 25.91
C ALA C 158 43.84 -72.24 25.68
N ASP C 159 43.47 -73.22 24.85
CA ASP C 159 44.38 -74.29 24.37
C ASP C 159 45.65 -73.69 23.77
N ALA C 160 45.46 -72.77 22.82
CA ALA C 160 46.57 -72.09 22.13
C ALA C 160 47.52 -71.37 23.13
N CYS C 161 46.91 -70.50 23.97
CA CYS C 161 47.61 -69.71 25.01
C CYS C 161 48.60 -70.56 25.79
N ARG C 162 48.09 -71.65 26.36
CA ARG C 162 48.91 -72.75 27.02
C ARG C 162 50.14 -73.28 26.23
N ARG C 163 49.93 -73.55 24.94
CA ARG C 163 50.96 -74.16 24.11
C ARG C 163 52.11 -73.18 23.70
N GLY C 164 51.96 -71.88 24.05
CA GLY C 164 52.86 -70.83 23.57
C GLY C 164 52.71 -70.48 22.08
N THR C 165 51.55 -70.79 21.49
CA THR C 165 51.30 -70.57 20.05
C THR C 165 50.62 -69.19 19.79
N LEU C 166 49.68 -68.82 20.67
CA LEU C 166 48.79 -67.63 20.54
C LEU C 166 49.41 -66.23 20.32
N CYS C 167 48.90 -65.58 19.26
CA CYS C 167 48.96 -64.14 19.07
C CYS C 167 47.54 -63.56 19.14
N PHE C 168 47.38 -62.53 19.98
CA PHE C 168 46.24 -61.62 19.86
C PHE C 168 46.72 -60.40 19.09
N GLY C 169 45.84 -59.83 18.28
CA GLY C 169 46.16 -58.61 17.51
C GLY C 169 44.95 -57.79 17.08
N THR C 170 45.17 -56.49 16.95
CA THR C 170 44.19 -55.62 16.26
C THR C 170 44.45 -55.76 14.76
N ILE C 171 43.57 -55.19 13.96
CA ILE C 171 43.53 -55.48 12.52
C ILE C 171 44.81 -55.11 11.81
N ASP C 172 45.39 -53.95 12.18
CA ASP C 172 46.74 -53.53 11.72
C ASP C 172 47.78 -54.66 11.93
N THR C 173 47.79 -55.27 13.12
CA THR C 173 48.77 -56.28 13.42
C THR C 173 48.50 -57.49 12.57
N TRP C 174 47.26 -57.95 12.64
CA TRP C 174 46.81 -59.07 11.86
C TRP C 174 47.09 -58.94 10.38
N LEU C 175 46.62 -57.85 9.82
CA LEU C 175 46.75 -57.61 8.40
C LEU C 175 48.24 -57.56 8.06
N MET C 176 48.97 -56.80 8.84
CA MET C 176 50.42 -56.64 8.70
C MET C 176 51.16 -57.98 8.91
N TYR C 177 50.58 -58.88 9.70
CA TYR C 177 51.11 -60.25 9.90
C TYR C 177 51.00 -61.10 8.62
N LYS C 178 49.76 -61.31 8.17
CA LYS C 178 49.52 -62.15 6.99
C LYS C 178 50.10 -61.54 5.70
N LEU C 179 50.26 -60.22 5.64
CA LEU C 179 50.83 -59.57 4.45
C LEU C 179 52.32 -59.77 4.42
N SER C 180 52.92 -59.84 5.60
CA SER C 180 54.35 -60.14 5.68
C SER C 180 54.66 -61.61 5.35
N GLY C 181 53.62 -62.44 5.24
CA GLY C 181 53.74 -63.88 5.17
C GLY C 181 53.73 -64.54 6.54
N GLY C 182 53.93 -63.78 7.61
CA GLY C 182 54.16 -64.35 8.97
C GLY C 182 55.32 -63.70 9.74
N LYS C 183 56.13 -62.89 9.04
CA LYS C 183 57.48 -62.45 9.49
C LYS C 183 57.53 -61.13 10.27
N ALA C 184 56.37 -60.52 10.55
CA ALA C 184 56.29 -59.23 11.27
C ALA C 184 55.17 -59.36 12.28
N PHE C 185 55.43 -58.99 13.54
CA PHE C 185 54.38 -59.12 14.58
C PHE C 185 54.36 -57.82 15.40
N VAL C 186 53.84 -56.76 14.76
CA VAL C 186 53.90 -55.39 15.31
C VAL C 186 52.54 -54.69 15.30
N THR C 187 52.43 -53.64 16.11
CA THR C 187 51.26 -52.80 16.15
C THR C 187 51.74 -51.35 16.22
N ASP C 188 51.05 -50.46 15.55
CA ASP C 188 51.36 -49.04 15.74
C ASP C 188 50.79 -48.52 17.09
N VAL C 189 51.33 -47.39 17.55
CA VAL C 189 50.91 -46.77 18.78
C VAL C 189 49.46 -46.37 18.87
N THR C 190 48.84 -45.96 17.77
CA THR C 190 47.48 -45.42 17.86
C THR C 190 46.54 -46.60 18.10
N ASN C 191 46.68 -47.63 17.28
CA ASN C 191 45.98 -48.89 17.58
C ASN C 191 46.30 -49.42 18.95
N ALA C 192 47.59 -49.44 19.31
CA ALA C 192 47.99 -49.94 20.65
C ALA C 192 47.23 -49.22 21.77
N SER C 193 47.00 -47.91 21.60
CA SER C 193 46.35 -47.11 22.63
C SER C 193 44.86 -47.39 22.88
N ARG C 194 44.29 -48.34 22.18
CA ARG C 194 42.88 -48.64 22.30
C ARG C 194 42.64 -50.05 22.80
N THR C 195 43.75 -50.69 23.19
CA THR C 195 43.71 -52.03 23.80
C THR C 195 43.34 -52.03 25.27
N PHE C 196 43.65 -50.93 25.99
CA PHE C 196 43.54 -50.88 27.47
C PHE C 196 44.74 -51.59 28.12
N LEU C 197 45.81 -51.83 27.37
CA LEU C 197 46.99 -52.51 27.87
C LEU C 197 48.23 -51.67 27.76
N MET C 198 48.16 -50.49 27.17
CA MET C 198 49.32 -49.64 26.96
C MET C 198 49.31 -48.45 27.92
N ASP C 199 50.50 -47.97 28.23
CA ASP C 199 50.66 -46.84 29.14
C ASP C 199 50.85 -45.62 28.22
N LEU C 200 49.99 -44.62 28.32
CA LEU C 200 50.13 -43.46 27.47
C LEU C 200 51.46 -42.75 27.67
N ARG C 201 51.92 -42.61 28.91
CA ARG C 201 53.11 -41.77 29.18
C ARG C 201 54.40 -42.31 28.54
N THR C 202 54.50 -43.64 28.44
CA THR C 202 55.70 -44.36 27.96
C THR C 202 55.47 -45.01 26.62
N ARG C 203 54.22 -45.33 26.36
CA ARG C 203 53.81 -45.96 25.12
C ARG C 203 54.38 -47.30 25.08
N LYS C 204 54.13 -48.04 26.15
CA LYS C 204 54.55 -49.43 26.24
C LYS C 204 53.49 -50.26 26.85
N TRP C 205 53.59 -51.55 26.67
CA TRP C 205 52.73 -52.45 27.38
C TRP C 205 52.97 -52.28 28.88
N SER C 206 51.88 -52.32 29.64
CA SER C 206 51.90 -52.03 31.07
C SER C 206 51.80 -53.32 31.76
N PRO C 207 52.89 -53.72 32.41
CA PRO C 207 52.91 -55.00 33.15
C PRO C 207 51.78 -55.13 34.17
N GLU C 208 51.51 -54.08 34.95
CA GLU C 208 50.46 -54.19 35.97
C GLU C 208 49.12 -54.57 35.39
N LEU C 209 48.73 -53.87 34.32
CA LEU C 209 47.46 -54.10 33.61
C LEU C 209 47.37 -55.46 32.93
N CYS C 210 48.43 -55.85 32.22
CA CYS C 210 48.49 -57.20 31.67
C CYS C 210 48.24 -58.25 32.76
N GLU C 211 49.06 -58.20 33.81
CA GLU C 211 48.83 -59.02 34.96
C GLU C 211 47.42 -58.90 35.60
N LYS C 212 47.04 -57.75 36.11
CA LYS C 212 45.69 -57.63 36.69
C LYS C 212 44.54 -58.19 35.83
N LEU C 213 44.58 -57.95 34.51
CA LEU C 213 43.58 -58.51 33.56
C LEU C 213 43.85 -59.97 33.09
N LYS C 214 45.06 -60.46 33.31
CA LYS C 214 45.44 -61.83 33.05
C LYS C 214 45.42 -62.09 31.54
N ILE C 215 45.98 -61.12 30.82
CA ILE C 215 46.42 -61.27 29.42
C ILE C 215 47.96 -61.34 29.51
N PRO C 216 48.55 -62.49 29.14
CA PRO C 216 50.00 -62.60 29.17
C PRO C 216 50.62 -61.80 28.07
N MET C 217 51.82 -61.26 28.29
CA MET C 217 52.47 -60.35 27.34
C MET C 217 53.07 -61.03 26.13
N GLU C 218 53.23 -62.36 26.18
CA GLU C 218 53.72 -63.15 25.01
C GLU C 218 52.72 -63.16 23.87
N THR C 219 51.43 -63.00 24.20
CA THR C 219 50.38 -62.85 23.20
C THR C 219 50.38 -61.50 22.48
N LEU C 220 50.96 -60.48 23.10
CA LEU C 220 50.98 -59.16 22.52
C LEU C 220 52.15 -58.91 21.55
N PRO C 221 51.85 -58.22 20.44
CA PRO C 221 52.86 -57.78 19.49
C PRO C 221 53.70 -56.62 19.99
N GLU C 222 54.57 -56.11 19.13
CA GLU C 222 55.49 -55.04 19.48
C GLU C 222 55.03 -53.64 19.03
N ILE C 223 55.00 -52.71 19.95
CA ILE C 223 54.55 -51.36 19.67
C ILE C 223 55.60 -50.60 18.86
N ARG C 224 55.28 -50.28 17.63
CA ARG C 224 56.12 -49.43 16.79
C ARG C 224 55.33 -48.15 16.58
N SER C 225 55.91 -47.20 15.85
CA SER C 225 55.26 -45.88 15.59
C SER C 225 54.21 -45.96 14.44
N ASN C 226 53.82 -44.82 13.88
CA ASN C 226 52.94 -44.79 12.69
C ASN C 226 53.58 -44.78 11.34
N SER C 227 54.87 -44.45 11.28
CA SER C 227 55.64 -44.28 10.05
C SER C 227 57.09 -44.72 10.27
N GLU C 228 57.43 -45.86 9.67
CA GLU C 228 58.72 -46.54 9.75
C GLU C 228 58.60 -47.85 8.93
N LEU C 229 59.58 -48.74 8.98
CA LEU C 229 59.49 -50.01 8.27
C LEU C 229 58.81 -51.11 9.11
N PHE C 230 57.53 -51.43 8.86
CA PHE C 230 56.88 -52.59 9.58
C PHE C 230 57.16 -53.95 8.94
N GLY C 231 57.47 -53.96 7.65
CA GLY C 231 57.79 -55.18 6.92
C GLY C 231 57.66 -55.01 5.43
N TYR C 232 57.46 -56.13 4.74
CA TYR C 232 57.39 -56.17 3.28
C TYR C 232 56.19 -56.97 2.91
N VAL C 233 55.61 -56.70 1.75
CA VAL C 233 54.49 -57.52 1.27
C VAL C 233 55.01 -58.69 0.45
N GLU C 234 54.60 -59.88 0.84
CA GLU C 234 55.16 -61.08 0.24
C GLU C 234 54.30 -62.26 0.62
N THR C 235 53.11 -62.21 0.08
CA THR C 235 52.25 -63.35 -0.04
C THR C 235 51.78 -63.27 -1.49
N ASP C 236 51.07 -64.30 -1.95
CA ASP C 236 50.47 -64.18 -3.24
C ASP C 236 48.98 -64.42 -3.13
N GLU C 237 48.34 -64.00 -2.03
CA GLU C 237 47.02 -64.55 -1.72
C GLU C 237 45.91 -64.31 -2.76
N CYS C 238 45.92 -63.21 -3.52
CA CYS C 238 45.03 -63.14 -4.72
C CYS C 238 45.77 -62.55 -5.86
N GLY C 239 46.98 -63.06 -6.06
CA GLY C 239 47.94 -62.52 -7.01
C GLY C 239 48.42 -61.12 -6.65
N VAL C 240 48.66 -60.86 -5.36
CA VAL C 240 49.00 -59.52 -4.89
C VAL C 240 50.48 -59.21 -5.10
N ALA C 241 51.34 -60.16 -4.77
CA ALA C 241 52.75 -60.08 -5.15
C ALA C 241 52.90 -60.06 -6.70
N ALA C 242 52.02 -60.76 -7.41
CA ALA C 242 51.99 -60.70 -8.89
C ALA C 242 51.73 -59.27 -9.39
N ALA C 243 50.61 -58.67 -8.97
CA ALA C 243 50.28 -57.29 -9.39
C ALA C 243 51.25 -56.26 -8.83
N LEU C 244 51.73 -56.46 -7.59
CA LEU C 244 52.65 -55.49 -6.99
C LEU C 244 53.94 -55.40 -7.76
N ASN C 245 54.43 -56.56 -8.22
CA ASN C 245 55.61 -56.73 -9.12
C ASN C 245 57.00 -56.60 -8.47
N GLU C 246 57.23 -55.55 -7.66
CA GLU C 246 58.46 -55.39 -6.88
C GLU C 246 58.26 -55.87 -5.45
N ARG C 247 59.37 -55.90 -4.71
CA ARG C 247 59.31 -55.96 -3.26
C ARG C 247 58.88 -54.57 -2.84
N THR C 248 57.74 -54.50 -2.15
CA THR C 248 57.16 -53.25 -1.69
C THR C 248 56.94 -53.24 -0.18
N PRO C 249 57.52 -52.26 0.52
CA PRO C 249 57.46 -52.26 1.96
C PRO C 249 56.14 -51.77 2.52
N ILE C 250 55.77 -52.28 3.70
CA ILE C 250 54.66 -51.76 4.49
C ILE C 250 55.31 -50.74 5.42
N MET C 251 54.98 -49.46 5.24
CA MET C 251 55.69 -48.38 5.96
C MET C 251 54.80 -47.36 6.73
N GLY C 252 53.51 -47.70 6.88
CA GLY C 252 52.54 -46.85 7.56
C GLY C 252 51.44 -47.73 8.09
N SER C 253 50.98 -47.39 9.28
CA SER C 253 49.95 -48.16 9.96
C SER C 253 49.40 -47.21 11.02
N ILE C 254 48.07 -47.06 11.11
CA ILE C 254 47.43 -46.00 11.96
C ILE C 254 45.92 -46.22 12.10
N GLY C 255 45.40 -46.02 13.32
CA GLY C 255 43.97 -46.22 13.60
C GLY C 255 43.10 -45.27 12.75
N ASP C 256 41.95 -45.75 12.27
CA ASP C 256 41.17 -44.94 11.32
C ASP C 256 40.99 -43.48 11.75
N GLN C 257 40.46 -43.31 12.95
CA GLN C 257 40.11 -41.98 13.42
C GLN C 257 41.37 -41.11 13.48
N GLN C 258 42.49 -41.72 13.84
CA GLN C 258 43.74 -41.01 13.85
C GLN C 258 44.27 -40.81 12.46
N SER C 259 43.98 -41.76 11.56
CA SER C 259 44.33 -41.58 10.15
C SER C 259 43.65 -40.33 9.66
N ALA C 260 42.36 -40.17 9.97
CA ALA C 260 41.59 -38.95 9.63
C ALA C 260 42.24 -37.70 10.17
N LEU C 261 42.61 -37.70 11.45
CA LEU C 261 43.32 -36.57 12.07
C LEU C 261 44.56 -36.14 11.28
N PHE C 262 45.36 -37.12 10.92
CA PHE C 262 46.59 -36.96 10.17
C PHE C 262 46.38 -36.52 8.69
N GLY C 263 45.40 -37.11 8.04
CA GLY C 263 45.11 -36.81 6.63
C GLY C 263 44.39 -35.50 6.46
N ASN C 264 43.78 -35.01 7.54
CA ASN C 264 43.24 -33.67 7.59
C ASN C 264 44.32 -32.68 8.05
N MET C 265 45.59 -33.09 8.02
CA MET C 265 46.71 -32.20 8.31
C MET C 265 46.72 -31.59 9.75
N CYS C 266 46.09 -32.24 10.74
CA CYS C 266 45.99 -31.69 12.10
C CYS C 266 47.24 -31.98 12.98
N PHE C 267 48.39 -31.42 12.55
CA PHE C 267 49.68 -31.70 13.14
C PHE C 267 50.03 -30.81 14.34
N GLU C 268 49.28 -29.73 14.59
CA GLU C 268 49.60 -28.74 15.62
C GLU C 268 48.56 -28.70 16.74
N LYS C 269 49.01 -28.32 17.94
CA LYS C 269 48.16 -28.39 19.14
C LYS C 269 46.93 -27.47 18.99
N GLY C 270 45.74 -28.01 19.18
CA GLY C 270 44.51 -27.23 19.01
C GLY C 270 43.78 -27.47 17.71
N GLU C 271 44.44 -28.11 16.71
CA GLU C 271 43.84 -28.43 15.38
C GLU C 271 43.01 -29.70 15.54
N ALA C 272 41.72 -29.66 15.24
CA ALA C 272 40.87 -30.84 15.32
C ALA C 272 40.34 -31.30 13.96
N LYS C 273 39.73 -32.48 13.93
CA LYS C 273 38.89 -32.93 12.83
C LYS C 273 37.62 -33.61 13.38
N ASN C 274 36.46 -33.40 12.73
CA ASN C 274 35.24 -34.14 13.02
C ASN C 274 34.83 -34.85 11.80
N THR C 275 34.50 -36.13 11.96
CA THR C 275 33.87 -36.93 10.94
C THR C 275 32.36 -37.02 11.14
N TYR C 276 31.60 -36.33 10.28
CA TYR C 276 30.12 -36.42 10.27
C TYR C 276 29.68 -37.60 9.40
N GLY C 277 29.71 -38.82 9.95
CA GLY C 277 29.17 -40.04 9.33
C GLY C 277 27.89 -40.36 10.08
N THR C 278 27.53 -41.64 10.22
CA THR C 278 26.44 -42.05 11.14
C THR C 278 26.57 -41.44 12.55
N GLY C 279 27.78 -41.53 13.08
CA GLY C 279 28.12 -40.81 14.26
C GLY C 279 28.97 -39.61 13.91
N CYS C 280 29.42 -38.94 14.94
CA CYS C 280 30.49 -38.01 14.86
C CYS C 280 31.60 -38.58 15.73
N PHE C 281 32.81 -38.44 15.26
CA PHE C 281 33.94 -38.75 16.07
C PHE C 281 34.73 -37.50 15.91
N LEU C 282 35.01 -36.85 17.02
CA LEU C 282 35.82 -35.65 17.04
C LEU C 282 37.16 -35.94 17.73
N LEU C 283 38.26 -35.48 17.14
CA LEU C 283 39.59 -35.58 17.72
C LEU C 283 40.35 -34.27 17.57
N MET C 284 40.93 -33.77 18.66
CA MET C 284 41.76 -32.59 18.64
C MET C 284 43.17 -33.03 18.95
N ASN C 285 44.17 -32.48 18.27
CA ASN C 285 45.59 -32.69 18.66
C ASN C 285 45.88 -31.86 19.91
N VAL C 286 46.19 -32.49 21.03
CA VAL C 286 46.45 -31.70 22.25
C VAL C 286 47.87 -31.22 22.39
N GLY C 287 48.85 -31.93 21.87
CA GLY C 287 50.24 -31.52 21.95
C GLY C 287 51.12 -32.72 22.31
N GLU C 288 52.41 -32.47 22.57
CA GLU C 288 53.39 -33.56 22.74
C GLU C 288 53.24 -34.32 24.06
N GLU C 289 52.42 -33.80 24.98
CA GLU C 289 52.13 -34.50 26.21
C GLU C 289 50.65 -34.70 26.45
N ALA C 290 50.34 -35.87 27.01
CA ALA C 290 48.98 -36.34 27.18
C ALA C 290 48.20 -35.37 28.00
N ARG C 291 46.93 -35.20 27.69
CA ARG C 291 46.01 -34.57 28.61
C ARG C 291 44.95 -35.60 28.92
N PHE C 292 44.36 -35.51 30.12
CA PHE C 292 43.30 -36.41 30.62
C PHE C 292 41.98 -35.70 30.84
N SER C 293 40.90 -36.45 31.01
CA SER C 293 39.55 -35.89 30.98
C SER C 293 38.79 -36.10 32.28
N LYS C 294 38.15 -35.03 32.76
CA LYS C 294 37.04 -35.19 33.70
C LYS C 294 35.73 -34.85 32.99
N HIS C 295 35.51 -35.41 31.79
CA HIS C 295 34.21 -35.30 31.09
C HIS C 295 33.75 -36.61 30.41
N GLY C 296 34.48 -37.71 30.64
CA GLY C 296 34.24 -38.99 29.96
C GLY C 296 34.85 -39.10 28.57
N LEU C 297 35.55 -38.05 28.08
CA LEU C 297 36.24 -38.09 26.77
C LEU C 297 37.34 -39.10 26.84
N LEU C 298 37.79 -39.65 25.74
CA LEU C 298 38.91 -40.55 25.77
C LEU C 298 40.20 -39.77 25.57
N SER C 299 41.26 -40.22 26.24
CA SER C 299 42.63 -39.79 25.96
C SER C 299 43.27 -40.84 25.07
N THR C 300 44.06 -40.39 24.10
CA THR C 300 44.62 -41.32 23.14
C THR C 300 45.77 -40.69 22.42
N VAL C 301 46.47 -41.51 21.67
CA VAL C 301 47.53 -41.02 20.81
C VAL C 301 46.92 -40.46 19.51
N GLY C 302 47.55 -39.41 18.98
CA GLY C 302 47.11 -38.83 17.71
C GLY C 302 47.90 -39.54 16.64
N PHE C 303 49.21 -39.37 16.72
CA PHE C 303 50.14 -40.00 15.79
C PHE C 303 51.61 -39.84 16.28
N GLN C 304 52.54 -40.53 15.64
CA GLN C 304 53.94 -40.40 15.95
C GLN C 304 54.66 -40.80 14.67
N VAL C 305 55.44 -39.87 14.13
CA VAL C 305 56.10 -40.13 12.89
C VAL C 305 57.55 -40.41 13.17
N GLY C 306 57.94 -41.67 12.93
CA GLY C 306 59.32 -42.12 13.07
C GLY C 306 59.38 -42.98 14.30
N ARG C 307 60.29 -43.96 14.28
CA ARG C 307 60.52 -44.72 15.49
C ARG C 307 61.13 -43.78 16.53
N ASP C 308 60.57 -43.86 17.74
CA ASP C 308 60.89 -42.93 18.83
C ASP C 308 60.82 -41.42 18.52
N GLY C 309 60.11 -41.06 17.43
CA GLY C 309 59.98 -39.68 16.96
C GLY C 309 59.08 -38.91 17.90
N PRO C 310 58.80 -37.64 17.59
CA PRO C 310 57.88 -36.90 18.46
C PRO C 310 56.51 -37.53 18.44
N CYS C 311 55.78 -37.37 19.51
CA CYS C 311 54.57 -38.11 19.68
C CYS C 311 53.45 -37.24 20.22
N TYR C 312 52.41 -37.09 19.43
CA TYR C 312 51.37 -36.12 19.68
C TYR C 312 50.15 -36.85 20.16
N TYR C 313 49.51 -36.28 21.18
CA TYR C 313 48.41 -36.91 21.88
C TYR C 313 47.11 -36.23 21.48
N ALA C 314 45.98 -36.92 21.70
CA ALA C 314 44.67 -36.42 21.34
C ALA C 314 43.61 -36.69 22.39
N LEU C 315 42.58 -35.84 22.40
CA LEU C 315 41.37 -36.13 23.10
C LEU C 315 40.44 -36.48 22.00
N GLU C 316 39.51 -37.39 22.31
CA GLU C 316 38.54 -37.94 21.39
C GLU C 316 37.16 -37.92 22.05
N GLY C 317 36.17 -37.42 21.33
CA GLY C 317 34.77 -37.48 21.73
C GLY C 317 33.96 -37.97 20.57
N ALA C 318 32.76 -38.49 20.85
CA ALA C 318 31.86 -38.93 19.81
C ALA C 318 30.41 -38.61 20.11
N ILE C 319 29.61 -38.24 19.09
CA ILE C 319 28.13 -38.41 19.16
C ILE C 319 27.68 -39.57 18.29
N ALA C 320 26.54 -40.16 18.63
CA ALA C 320 26.07 -41.48 18.12
C ALA C 320 25.11 -41.33 16.97
N CYS C 321 24.09 -40.50 17.16
CA CYS C 321 23.11 -40.22 16.12
C CYS C 321 23.41 -38.86 15.46
N ALA C 322 23.95 -38.93 14.25
CA ALA C 322 24.16 -37.76 13.39
C ALA C 322 23.51 -38.07 12.04
N GLY C 323 24.27 -38.52 11.04
CA GLY C 323 23.70 -39.04 9.81
C GLY C 323 22.48 -39.91 10.10
N ALA C 324 22.55 -40.70 11.18
CA ALA C 324 21.43 -41.53 11.60
C ALA C 324 20.12 -40.78 11.85
N THR C 325 20.21 -39.59 12.45
CA THR C 325 19.03 -38.76 12.72
C THR C 325 18.43 -38.29 11.41
N VAL C 326 19.30 -38.01 10.45
CA VAL C 326 18.83 -37.61 9.14
C VAL C 326 18.08 -38.75 8.49
N GLU C 327 18.64 -39.93 8.57
CA GLU C 327 18.02 -41.12 8.03
C GLU C 327 16.67 -41.38 8.67
N TRP C 328 16.63 -41.41 10.01
CA TRP C 328 15.40 -41.59 10.78
C TRP C 328 14.26 -40.59 10.43
N MET C 329 14.58 -39.31 10.34
CA MET C 329 13.60 -38.34 9.89
C MET C 329 12.99 -38.72 8.53
N ARG C 330 13.86 -39.16 7.59
CA ARG C 330 13.44 -39.61 6.26
C ARG C 330 12.65 -40.92 6.34
N ARG C 331 13.28 -41.98 6.85
CA ARG C 331 12.72 -43.33 6.79
C ARG C 331 11.55 -43.59 7.74
N ASN C 332 11.67 -43.15 8.98
CA ASN C 332 10.67 -43.42 10.01
C ASN C 332 9.58 -42.38 10.10
N MET C 333 9.89 -41.16 9.71
CA MET C 333 8.92 -40.08 9.88
C MET C 333 8.37 -39.42 8.60
N ASN C 334 9.01 -39.62 7.46
CA ASN C 334 8.50 -39.14 6.20
C ASN C 334 8.67 -37.61 6.02
N LEU C 335 9.60 -37.00 6.77
CA LEU C 335 9.73 -35.54 6.72
C LEU C 335 10.31 -35.10 5.39
N PHE C 336 10.98 -36.00 4.69
CA PHE C 336 11.35 -35.79 3.32
C PHE C 336 11.58 -37.18 2.68
N SER C 337 12.03 -37.20 1.42
CA SER C 337 12.41 -38.48 0.75
C SER C 337 13.80 -38.45 0.05
N HIS C 338 14.06 -37.50 -0.84
CA HIS C 338 15.38 -37.38 -1.48
C HIS C 338 16.28 -36.47 -0.64
N ILE C 339 17.28 -37.07 0.01
CA ILE C 339 18.43 -36.40 0.67
C ILE C 339 18.78 -34.92 0.36
N THR C 340 18.70 -34.53 -0.89
CA THR C 340 18.99 -33.15 -1.22
C THR C 340 18.02 -32.16 -0.55
N GLU C 341 16.79 -32.63 -0.25
CA GLU C 341 15.69 -31.82 0.33
C GLU C 341 15.94 -31.41 1.75
N CYS C 342 16.63 -32.27 2.49
CA CYS C 342 16.98 -32.00 3.87
C CYS C 342 17.51 -30.57 3.95
N GLU C 343 18.61 -30.26 3.25
CA GLU C 343 19.23 -28.94 3.35
C GLU C 343 18.30 -27.88 2.77
N LYS C 344 17.49 -28.22 1.77
CA LYS C 344 16.59 -27.20 1.20
C LYS C 344 15.47 -26.77 2.19
N LEU C 345 14.84 -27.73 2.87
CA LEU C 345 13.81 -27.44 3.91
C LEU C 345 14.41 -26.74 5.16
N ALA C 346 15.59 -27.16 5.60
CA ALA C 346 16.28 -26.44 6.68
C ALA C 346 16.56 -24.98 6.34
N ARG C 347 16.90 -24.75 5.08
CA ARG C 347 17.14 -23.42 4.54
C ARG C 347 15.87 -22.58 4.33
N SER C 348 14.75 -23.26 4.10
CA SER C 348 13.45 -22.60 3.87
C SER C 348 12.88 -21.80 5.05
N VAL C 349 13.50 -21.92 6.22
CA VAL C 349 13.13 -21.10 7.36
C VAL C 349 14.36 -20.45 8.00
N PRO C 350 14.18 -19.26 8.56
CA PRO C 350 15.30 -18.50 9.18
C PRO C 350 15.72 -18.98 10.59
N GLY C 351 15.09 -20.04 11.09
CA GLY C 351 15.50 -20.69 12.32
C GLY C 351 14.41 -21.55 12.90
N THR C 352 14.64 -22.01 14.13
CA THR C 352 13.81 -23.04 14.71
C THR C 352 12.55 -22.48 15.35
N GLN C 353 12.45 -21.16 15.45
CA GLN C 353 11.34 -20.49 16.13
C GLN C 353 10.98 -21.14 17.48
N GLY C 354 11.98 -21.27 18.31
CA GLY C 354 11.74 -21.78 19.64
C GLY C 354 12.06 -23.25 19.85
N ILE C 355 11.83 -24.12 18.86
CA ILE C 355 11.97 -25.57 19.12
C ILE C 355 13.44 -25.99 19.35
N VAL C 356 13.60 -27.06 20.12
CA VAL C 356 14.85 -27.82 20.25
C VAL C 356 14.46 -29.29 20.05
N PHE C 357 15.32 -30.02 19.33
CA PHE C 357 15.13 -31.44 19.02
C PHE C 357 16.39 -32.21 19.42
N VAL C 358 16.44 -32.69 20.65
CA VAL C 358 17.56 -33.58 21.07
C VAL C 358 17.38 -35.01 20.50
N PRO C 359 18.33 -35.49 19.63
CA PRO C 359 18.13 -36.79 18.97
C PRO C 359 18.96 -37.85 19.67
N ALA C 360 18.48 -38.19 20.85
CA ALA C 360 19.14 -39.05 21.84
C ALA C 360 18.45 -40.40 21.86
N PHE C 361 18.39 -41.03 20.71
CA PHE C 361 17.56 -42.23 20.53
C PHE C 361 18.17 -43.41 21.34
N SER C 362 19.49 -43.50 21.33
CA SER C 362 20.20 -44.50 22.06
C SER C 362 21.04 -43.81 23.14
N GLY C 363 20.46 -42.80 23.80
CA GLY C 363 21.10 -42.10 24.91
C GLY C 363 21.96 -40.96 24.44
N LEU C 364 22.59 -40.28 25.41
CA LEU C 364 23.55 -39.17 25.18
C LEU C 364 25.00 -39.60 25.43
N LEU C 365 25.91 -39.37 24.48
CA LEU C 365 27.35 -39.63 24.66
C LEU C 365 28.12 -38.36 25.11
N ALA C 366 29.22 -38.02 24.40
CA ALA C 366 29.68 -36.64 24.24
C ALA C 366 30.23 -36.15 25.61
N PRO C 367 29.70 -35.06 26.22
CA PRO C 367 30.19 -34.87 27.60
C PRO C 367 29.09 -34.87 28.68
N TYR C 368 28.01 -35.60 28.45
CA TYR C 368 26.95 -35.77 29.46
C TYR C 368 26.38 -37.17 29.24
N TRP C 369 26.85 -38.17 29.99
CA TRP C 369 26.69 -39.56 29.60
C TRP C 369 25.45 -40.16 30.18
N ASP C 370 24.31 -39.69 29.73
CA ASP C 370 23.08 -40.27 30.17
C ASP C 370 22.60 -41.32 29.14
N PRO C 371 22.57 -42.60 29.53
CA PRO C 371 21.94 -43.59 28.66
C PRO C 371 20.41 -43.64 28.86
N SER C 372 19.87 -42.94 29.87
CA SER C 372 18.40 -42.79 30.02
C SER C 372 17.77 -41.63 29.18
N ALA C 373 18.63 -40.84 28.55
CA ALA C 373 18.19 -39.85 27.58
C ALA C 373 17.57 -40.57 26.40
N ARG C 374 16.39 -40.12 26.01
CA ARG C 374 15.74 -40.56 24.80
C ARG C 374 15.38 -39.30 23.99
N GLY C 375 15.05 -39.48 22.70
CA GLY C 375 14.75 -38.38 21.76
C GLY C 375 13.64 -37.44 22.21
N THR C 376 13.92 -36.15 22.31
CA THR C 376 12.85 -35.24 22.66
C THR C 376 12.79 -34.07 21.72
N ILE C 377 11.56 -33.62 21.49
CA ILE C 377 11.31 -32.35 20.85
C ILE C 377 10.50 -31.54 21.79
N VAL C 378 10.92 -30.28 21.97
CA VAL C 378 10.22 -29.35 22.85
C VAL C 378 9.94 -28.05 22.19
N GLY C 379 8.85 -27.40 22.61
CA GLY C 379 8.54 -26.04 22.14
C GLY C 379 7.68 -25.83 20.89
N MET C 380 6.98 -26.86 20.44
CA MET C 380 6.25 -26.74 19.16
C MET C 380 4.96 -25.91 19.34
N THR C 381 4.61 -25.15 18.32
CA THR C 381 3.33 -24.46 18.20
C THR C 381 2.79 -24.99 16.89
N LEU C 382 1.56 -24.61 16.54
CA LEU C 382 1.00 -24.97 15.23
C LEU C 382 1.76 -24.30 14.10
N LYS C 383 2.55 -23.27 14.40
CA LYS C 383 3.47 -22.71 13.41
C LYS C 383 4.73 -23.54 13.11
N THR C 384 4.96 -24.59 13.89
CA THR C 384 6.10 -25.49 13.64
C THR C 384 5.76 -26.35 12.47
N THR C 385 6.77 -26.71 11.68
CA THR C 385 6.61 -27.49 10.46
C THR C 385 7.86 -28.28 10.31
N ARG C 386 7.86 -29.18 9.35
CA ARG C 386 8.91 -30.12 9.29
C ARG C 386 10.22 -29.42 8.92
N ALA C 387 10.13 -28.28 8.24
CA ALA C 387 11.34 -27.47 8.00
C ALA C 387 12.08 -27.13 9.30
N HIS C 388 11.31 -26.69 10.27
CA HIS C 388 11.85 -26.32 11.54
C HIS C 388 12.42 -27.51 12.33
N VAL C 389 11.65 -28.61 12.39
CA VAL C 389 12.15 -29.86 12.99
C VAL C 389 13.48 -30.30 12.31
N ILE C 390 13.48 -30.33 11.00
CA ILE C 390 14.67 -30.76 10.29
C ILE C 390 15.80 -29.83 10.66
N ARG C 391 15.57 -28.53 10.59
CA ARG C 391 16.65 -27.60 10.87
C ARG C 391 17.17 -27.77 12.29
N ALA C 392 16.25 -28.00 13.23
CA ALA C 392 16.59 -28.30 14.59
C ALA C 392 17.50 -29.56 14.72
N ALA C 393 17.22 -30.63 13.99
CA ALA C 393 18.15 -31.78 13.96
C ALA C 393 19.60 -31.32 13.64
N LEU C 394 19.72 -30.42 12.68
CA LEU C 394 21.01 -29.93 12.26
C LEU C 394 21.65 -29.09 13.37
N GLN C 395 20.84 -28.26 14.01
CA GLN C 395 21.29 -27.54 15.19
C GLN C 395 21.82 -28.46 16.29
N ALA C 396 21.05 -29.47 16.62
CA ALA C 396 21.42 -30.42 17.66
C ALA C 396 22.77 -31.11 17.43
N ILE C 397 23.02 -31.56 16.23
CA ILE C 397 24.30 -32.15 15.95
C ILE C 397 25.40 -31.14 16.23
N ALA C 398 25.16 -29.88 15.83
CA ALA C 398 26.11 -28.78 16.07
C ALA C 398 26.34 -28.43 17.52
N LEU C 399 25.30 -28.52 18.34
CA LEU C 399 25.38 -28.10 19.75
C LEU C 399 26.13 -29.13 20.59
N GLN C 400 26.02 -30.42 20.26
CA GLN C 400 26.86 -31.43 20.89
C GLN C 400 28.29 -31.21 20.54
N LEU C 401 28.64 -31.11 19.28
CA LEU C 401 30.06 -30.94 18.96
C LEU C 401 30.58 -29.73 19.70
N ASN C 402 29.79 -28.69 19.74
CA ASN C 402 30.20 -27.49 20.43
C ASN C 402 30.51 -27.74 21.94
N ASP C 403 29.60 -28.42 22.65
CA ASP C 403 29.80 -28.87 24.03
C ASP C 403 31.01 -29.82 24.19
N VAL C 404 31.25 -30.66 23.18
CA VAL C 404 32.37 -31.58 23.16
C VAL C 404 33.65 -30.80 23.04
N VAL C 405 33.65 -29.87 22.11
CA VAL C 405 34.79 -28.98 21.92
C VAL C 405 35.08 -28.18 23.19
N GLY C 406 34.00 -27.82 23.90
CA GLY C 406 34.06 -27.10 25.17
C GLY C 406 34.89 -27.88 26.13
N SER C 407 34.45 -29.12 26.39
CA SER C 407 35.14 -30.07 27.25
C SER C 407 36.63 -30.16 26.90
N MET C 408 36.93 -30.35 25.63
CA MET C 408 38.33 -30.56 25.25
C MET C 408 39.18 -29.34 25.60
N LYS C 409 38.72 -28.15 25.21
CA LYS C 409 39.40 -26.89 25.56
C LYS C 409 39.79 -26.85 27.03
N ARG C 410 38.86 -27.21 27.92
CA ARG C 410 39.06 -27.15 29.38
C ARG C 410 40.22 -28.06 29.75
N ASP C 411 40.09 -29.35 29.44
CA ASP C 411 41.08 -30.37 29.78
C ASP C 411 42.45 -30.18 29.13
N ALA C 412 42.47 -29.54 27.99
CA ALA C 412 43.72 -29.37 27.26
C ALA C 412 44.39 -28.07 27.60
N GLY C 413 43.58 -27.07 27.92
CA GLY C 413 44.06 -25.70 28.10
C GLY C 413 44.47 -25.05 26.80
N LEU C 414 43.80 -25.38 25.70
CA LEU C 414 43.95 -24.60 24.47
C LEU C 414 42.61 -24.28 23.85
N ASN C 415 42.64 -23.28 22.95
CA ASN C 415 41.51 -22.99 22.06
C ASN C 415 41.68 -23.85 20.82
N LEU C 416 40.55 -24.16 20.22
CA LEU C 416 40.50 -24.81 18.92
C LEU C 416 40.93 -23.83 17.87
N SER C 417 41.95 -24.21 17.09
CA SER C 417 42.54 -23.37 16.04
C SER C 417 41.66 -23.32 14.77
N SER C 418 41.36 -24.50 14.23
CA SER C 418 40.33 -24.64 13.20
C SER C 418 39.84 -26.08 13.18
N LEU C 419 38.65 -26.30 12.61
CA LEU C 419 38.03 -27.61 12.57
C LEU C 419 37.95 -28.09 11.14
N ARG C 420 38.74 -29.11 10.78
CA ARG C 420 38.53 -29.78 9.51
C ARG C 420 37.35 -30.76 9.63
N VAL C 421 36.69 -31.00 8.50
CA VAL C 421 35.56 -31.94 8.47
C VAL C 421 35.59 -32.88 7.28
N ASP C 422 34.88 -33.97 7.43
CA ASP C 422 34.81 -34.98 6.40
C ASP C 422 33.65 -35.83 6.75
N GLY C 423 33.29 -36.71 5.86
CA GLY C 423 32.25 -37.68 6.13
C GLY C 423 31.04 -37.24 5.39
N GLY C 424 30.06 -38.15 5.31
CA GLY C 424 28.77 -37.91 4.64
C GLY C 424 28.14 -36.55 4.87
N LEU C 425 27.77 -36.28 6.13
CA LEU C 425 27.11 -35.04 6.48
C LEU C 425 27.90 -33.71 6.30
N SER C 426 29.20 -33.75 5.98
CA SER C 426 29.94 -32.55 5.54
C SER C 426 29.49 -31.93 4.16
N LYS C 427 28.91 -32.73 3.26
CA LYS C 427 28.35 -32.19 2.03
C LYS C 427 27.13 -31.28 2.31
N ASN C 428 26.55 -31.34 3.52
CA ASN C 428 25.45 -30.43 3.92
C ASN C 428 26.06 -29.10 4.44
N GLY C 429 26.06 -28.11 3.57
CA GLY C 429 26.67 -26.83 3.86
C GLY C 429 25.93 -26.00 4.89
N LEU C 430 24.66 -26.27 5.14
CA LEU C 430 23.98 -25.48 6.15
C LEU C 430 24.48 -25.88 7.54
N LEU C 431 24.49 -27.18 7.81
CA LEU C 431 25.13 -27.68 9.00
C LEU C 431 26.53 -27.10 9.19
N MET C 432 27.31 -27.07 8.13
CA MET C 432 28.68 -26.59 8.23
C MET C 432 28.74 -25.13 8.72
N GLU C 433 27.79 -24.32 8.28
CA GLU C 433 27.67 -22.92 8.68
C GLU C 433 27.13 -22.72 10.09
N ILE C 434 26.10 -23.50 10.44
CA ILE C 434 25.63 -23.53 11.84
C ILE C 434 26.81 -23.89 12.78
N GLN C 435 27.73 -24.73 12.32
CA GLN C 435 28.86 -25.18 13.14
C GLN C 435 29.93 -24.12 13.27
N ALA C 436 30.36 -23.52 12.17
CA ALA C 436 31.33 -22.44 12.23
C ALA C 436 30.85 -21.39 13.18
N SER C 437 29.61 -20.91 12.95
CA SER C 437 29.05 -19.79 13.75
C SER C 437 29.00 -20.12 15.23
N LEU C 438 28.60 -21.34 15.57
CA LEU C 438 28.62 -21.82 16.95
C LEU C 438 30.00 -21.93 17.55
N LEU C 439 30.99 -22.30 16.78
CA LEU C 439 32.31 -22.47 17.33
C LEU C 439 33.11 -21.22 17.18
N GLY C 440 32.65 -20.32 16.31
CA GLY C 440 33.37 -19.11 15.98
C GLY C 440 34.81 -19.45 15.59
N VAL C 441 34.97 -20.39 14.65
CA VAL C 441 36.25 -20.66 14.01
C VAL C 441 35.94 -21.03 12.60
N ASP C 442 36.95 -20.99 11.73
CA ASP C 442 36.75 -21.35 10.33
C ASP C 442 36.69 -22.86 10.27
N ILE C 443 35.92 -23.36 9.32
CA ILE C 443 35.70 -24.77 9.16
C ILE C 443 36.14 -25.13 7.76
N LEU C 444 37.12 -26.05 7.66
CA LEU C 444 37.70 -26.42 6.37
C LEU C 444 37.12 -27.75 5.90
N VAL C 445 36.78 -27.76 4.59
CA VAL C 445 36.17 -28.91 3.92
C VAL C 445 37.10 -29.27 2.78
N PRO C 446 37.70 -30.48 2.83
CA PRO C 446 38.50 -30.93 1.69
C PRO C 446 37.63 -31.32 0.54
N SER C 447 38.12 -31.05 -0.66
CA SER C 447 37.45 -31.46 -1.86
C SER C 447 37.85 -32.90 -2.07
N MET C 448 39.14 -33.20 -1.92
CA MET C 448 39.63 -34.58 -1.94
C MET C 448 39.22 -35.16 -0.61
N HIS C 449 38.07 -35.82 -0.57
CA HIS C 449 37.46 -36.17 0.74
C HIS C 449 37.75 -37.65 1.13
N GLU C 450 38.96 -38.09 0.85
CA GLU C 450 39.44 -39.46 1.09
C GLU C 450 40.50 -39.47 2.21
N THR C 451 40.26 -38.60 3.19
CA THR C 451 41.21 -38.24 4.24
C THR C 451 41.60 -39.42 5.15
N THR C 452 40.69 -40.32 5.52
CA THR C 452 41.07 -41.47 6.31
C THR C 452 42.08 -42.26 5.53
N ALA C 453 41.80 -42.60 4.30
CA ALA C 453 42.79 -43.35 3.52
C ALA C 453 44.06 -42.56 3.35
N LEU C 454 43.98 -41.24 3.30
CA LEU C 454 45.14 -40.43 3.03
C LEU C 454 46.12 -40.40 4.18
N GLY C 455 45.65 -40.58 5.41
CA GLY C 455 46.52 -40.56 6.55
C GLY C 455 47.50 -41.71 6.47
N ALA C 456 46.99 -42.91 6.16
CA ALA C 456 47.81 -44.10 6.07
C ALA C 456 48.80 -43.96 4.92
N ALA C 457 48.36 -43.38 3.82
CA ALA C 457 49.26 -43.12 2.72
C ALA C 457 50.33 -42.08 3.10
N LEU C 458 50.03 -41.05 3.90
CA LEU C 458 51.07 -40.03 4.22
C LEU C 458 52.20 -40.61 5.09
N CYS C 459 51.83 -41.31 6.17
CA CYS C 459 52.78 -42.04 6.99
C CYS C 459 53.72 -42.91 6.17
N ALA C 460 53.13 -43.75 5.28
CA ALA C 460 53.87 -44.63 4.34
C ALA C 460 54.80 -43.82 3.45
N GLY C 461 54.27 -42.77 2.85
CA GLY C 461 55.05 -41.91 2.02
C GLY C 461 56.18 -41.17 2.73
N LEU C 462 55.95 -40.76 3.97
CA LEU C 462 57.01 -40.11 4.74
C LEU C 462 58.19 -41.09 4.92
N ALA C 463 57.90 -42.30 5.40
CA ALA C 463 58.93 -43.30 5.66
C ALA C 463 59.62 -43.71 4.36
N ALA C 464 58.85 -43.94 3.30
CA ALA C 464 59.44 -44.09 1.99
C ALA C 464 60.20 -42.84 1.52
N GLY C 465 59.83 -41.65 1.99
CA GLY C 465 60.51 -40.44 1.62
C GLY C 465 59.97 -39.94 0.31
N VAL C 466 58.69 -40.16 0.05
CA VAL C 466 57.99 -39.58 -1.12
C VAL C 466 57.76 -38.09 -0.85
N TRP C 467 57.23 -37.83 0.34
CA TRP C 467 57.26 -36.50 0.96
C TRP C 467 58.42 -36.56 1.96
N THR C 468 59.07 -35.41 2.17
CA THR C 468 60.24 -35.30 3.05
C THR C 468 59.91 -34.76 4.43
N SER C 469 58.71 -34.20 4.60
CA SER C 469 58.43 -33.49 5.84
C SER C 469 56.98 -33.06 5.94
N LEU C 470 56.56 -32.79 7.18
CA LEU C 470 55.22 -32.24 7.41
C LEU C 470 54.97 -30.82 6.83
N GLU C 471 56.01 -30.05 6.49
CA GLU C 471 55.80 -28.79 5.74
C GLU C 471 55.40 -29.12 4.29
N GLU C 472 56.13 -30.06 3.68
CA GLU C 472 55.90 -30.44 2.29
C GLU C 472 54.53 -31.05 2.06
N VAL C 473 54.12 -31.98 2.94
CA VAL C 473 52.75 -32.50 2.95
C VAL C 473 51.73 -31.37 2.94
N LYS C 474 51.86 -30.39 3.82
CA LYS C 474 50.87 -29.28 3.88
C LYS C 474 50.95 -28.38 2.68
N ALA C 475 52.17 -28.19 2.17
CA ALA C 475 52.42 -27.47 0.88
C ALA C 475 51.87 -28.19 -0.33
N VAL C 476 52.20 -29.48 -0.47
CA VAL C 476 51.63 -30.25 -1.57
C VAL C 476 50.13 -30.23 -1.45
N SER C 477 49.58 -30.35 -0.25
CA SER C 477 48.12 -30.35 -0.13
C SER C 477 47.53 -29.04 -0.60
N ARG C 478 48.15 -27.92 -0.18
CA ARG C 478 47.69 -26.57 -0.52
C ARG C 478 47.67 -26.29 -2.05
N ARG C 479 48.81 -26.50 -2.67
CA ARG C 479 48.96 -26.45 -4.12
C ARG C 479 47.96 -27.34 -4.86
N GLU C 480 47.99 -28.64 -4.62
CA GLU C 480 47.26 -29.60 -5.47
C GLU C 480 45.79 -29.74 -5.18
N ASN C 481 45.43 -29.71 -3.91
CA ASN C 481 44.08 -29.98 -3.48
C ASN C 481 43.47 -28.80 -2.73
N SER C 482 42.44 -28.21 -3.30
CA SER C 482 41.69 -27.11 -2.70
C SER C 482 40.79 -27.59 -1.55
N TRP C 483 40.47 -26.64 -0.68
CA TRP C 483 39.66 -26.79 0.51
C TRP C 483 38.59 -25.68 0.47
N LYS C 484 37.31 -26.02 0.62
CA LYS C 484 36.24 -25.00 0.83
C LYS C 484 36.40 -24.55 2.27
N THR C 485 36.36 -23.24 2.49
CA THR C 485 36.53 -22.68 3.83
C THR C 485 35.28 -21.89 4.26
N VAL C 486 34.81 -22.14 5.47
CA VAL C 486 33.51 -21.70 5.94
C VAL C 486 33.73 -20.96 7.26
N SER C 487 33.40 -19.68 7.22
CA SER C 487 33.64 -18.75 8.33
C SER C 487 32.38 -18.51 9.19
N PRO C 488 32.60 -18.06 10.44
CA PRO C 488 31.47 -17.72 11.27
C PRO C 488 30.58 -16.66 10.65
N SER C 489 29.30 -16.71 10.95
CA SER C 489 28.33 -15.80 10.38
C SER C 489 27.07 -15.88 11.20
N GLY C 490 27.12 -15.41 12.42
CA GLY C 490 25.92 -15.26 13.21
C GLY C 490 26.24 -14.19 14.20
N SER C 491 25.22 -13.68 14.87
CA SER C 491 25.44 -12.87 16.05
C SER C 491 25.99 -13.79 17.14
N ALA C 492 26.35 -13.19 18.27
CA ALA C 492 26.63 -13.95 19.48
C ALA C 492 25.38 -14.04 20.39
N MET C 493 24.28 -13.37 19.98
CA MET C 493 23.01 -13.41 20.70
C MET C 493 22.28 -14.72 20.39
N GLU C 494 22.19 -15.08 19.11
CA GLU C 494 21.64 -16.37 18.70
C GLU C 494 22.53 -17.46 19.29
N ARG C 495 23.85 -17.27 19.19
CA ARG C 495 24.84 -18.17 19.74
C ARG C 495 24.55 -18.51 21.22
N GLU C 496 24.34 -17.49 22.04
CA GLU C 496 23.96 -17.65 23.44
C GLU C 496 22.55 -18.32 23.58
N ALA C 497 21.56 -17.90 22.80
CA ALA C 497 20.17 -18.37 22.98
C ALA C 497 19.95 -19.84 22.56
N MET C 498 20.47 -20.22 21.38
CA MET C 498 20.59 -21.63 20.94
C MET C 498 21.20 -22.51 22.04
N ILE C 499 22.29 -22.05 22.65
CA ILE C 499 22.99 -22.81 23.69
C ILE C 499 22.24 -22.85 24.99
N ALA C 500 21.53 -21.79 25.33
CA ALA C 500 20.73 -21.74 26.53
C ALA C 500 19.46 -22.59 26.41
N GLU C 501 18.81 -22.55 25.24
CA GLU C 501 17.66 -23.45 24.97
C GLU C 501 18.11 -24.92 24.87
N TRP C 502 19.32 -25.13 24.36
CA TRP C 502 19.91 -26.45 24.25
C TRP C 502 19.92 -27.02 25.66
N ARG C 503 20.65 -26.33 26.54
CA ARG C 503 20.72 -26.62 28.01
C ARG C 503 19.40 -26.92 28.74
N GLU C 504 18.41 -26.06 28.54
CA GLU C 504 17.07 -26.30 29.09
C GLU C 504 16.43 -27.57 28.56
N ALA C 505 16.64 -27.82 27.26
CA ALA C 505 16.03 -28.95 26.60
C ALA C 505 16.70 -30.27 27.01
N LEU C 506 18.02 -30.24 27.18
CA LEU C 506 18.72 -31.39 27.76
C LEU C 506 18.07 -31.82 29.10
N LYS C 507 17.80 -30.87 29.97
CA LYS C 507 17.07 -31.09 31.20
C LYS C 507 15.69 -31.81 31.11
N ARG C 508 15.24 -32.16 29.91
CA ARG C 508 13.95 -32.87 29.70
C ARG C 508 14.02 -34.24 29.03
N THR C 509 15.24 -34.65 28.67
CA THR C 509 15.41 -35.76 27.77
C THR C 509 15.29 -37.10 28.42
N LYS C 510 15.46 -37.13 29.75
CA LYS C 510 15.39 -38.35 30.60
C LYS C 510 14.06 -39.07 30.46
N TRP C 511 14.10 -40.40 30.47
CA TRP C 511 12.87 -41.18 30.25
C TRP C 511 13.01 -42.67 30.56
N ALA C 512 14.01 -43.30 29.93
CA ALA C 512 14.25 -44.74 29.98
C ALA C 512 14.42 -45.19 31.41
N LYS C 513 13.74 -46.28 31.78
CA LYS C 513 13.47 -46.59 33.20
C LYS C 513 12.77 -45.40 33.89
N ALA D 1 -50.78 -35.47 8.21
CA ALA D 1 -50.27 -35.23 6.83
C ALA D 1 -49.80 -33.76 6.53
N THR D 2 -50.52 -32.75 7.08
CA THR D 2 -50.08 -31.32 7.09
C THR D 2 -48.76 -31.17 7.95
N MET D 3 -47.62 -31.38 7.26
CA MET D 3 -46.25 -31.48 7.85
C MET D 3 -45.64 -30.14 8.33
N LYS D 4 -45.07 -30.16 9.53
CA LYS D 4 -44.53 -28.97 10.15
C LYS D 4 -43.01 -29.06 10.21
N TYR D 5 -42.39 -27.87 10.11
CA TYR D 5 -40.94 -27.66 10.04
C TYR D 5 -40.48 -26.49 10.93
N VAL D 6 -39.39 -26.71 11.66
CA VAL D 6 -38.72 -25.68 12.47
C VAL D 6 -37.32 -25.46 11.92
N GLY D 7 -36.90 -24.20 11.94
CA GLY D 7 -35.60 -23.82 11.43
C GLY D 7 -34.65 -23.47 12.56
N SER D 8 -33.33 -23.64 12.31
CA SER D 8 -32.22 -23.24 13.17
C SER D 8 -31.11 -22.52 12.42
N ILE D 9 -30.63 -21.39 12.96
CA ILE D 9 -29.43 -20.68 12.46
C ILE D 9 -28.22 -21.08 13.30
N ASP D 10 -27.35 -21.91 12.74
CA ASP D 10 -26.08 -22.30 13.39
C ASP D 10 -24.99 -21.29 12.97
N GLN D 11 -24.77 -20.29 13.83
CA GLN D 11 -23.73 -19.27 13.63
C GLN D 11 -22.40 -19.69 14.26
N GLY D 12 -21.43 -19.97 13.40
CA GLY D 12 -20.12 -20.44 13.82
C GLY D 12 -19.01 -19.44 13.71
N THR D 13 -17.83 -19.87 14.11
CA THR D 13 -16.63 -19.07 14.14
C THR D 13 -16.18 -18.77 12.72
N THR D 14 -16.13 -19.80 11.87
CA THR D 14 -15.72 -19.63 10.44
C THR D 14 -16.81 -19.67 9.37
N SER D 15 -18.02 -20.11 9.72
CA SER D 15 -19.20 -19.91 8.86
C SER D 15 -20.52 -19.81 9.61
N THR D 16 -21.56 -19.41 8.92
CA THR D 16 -22.92 -19.40 9.44
C THR D 16 -23.66 -20.44 8.65
N ARG D 17 -24.76 -20.98 9.20
CA ARG D 17 -25.62 -21.91 8.42
C ARG D 17 -27.05 -21.86 8.92
N PHE D 18 -27.94 -22.48 8.14
CA PHE D 18 -29.34 -22.62 8.42
C PHE D 18 -29.81 -24.01 7.97
N ILE D 19 -30.54 -24.69 8.86
CA ILE D 19 -30.91 -26.10 8.74
C ILE D 19 -32.36 -26.35 9.11
N ILE D 20 -33.23 -26.47 8.14
CA ILE D 20 -34.66 -26.73 8.42
C ILE D 20 -34.85 -28.16 8.91
N PHE D 21 -35.44 -28.32 10.08
CA PHE D 21 -35.80 -29.64 10.60
C PHE D 21 -37.28 -29.91 10.39
N ASP D 22 -37.67 -31.18 10.25
CA ASP D 22 -39.09 -31.56 10.28
C ASP D 22 -39.52 -31.98 11.71
N GLU D 23 -40.75 -32.49 11.85
CA GLU D 23 -41.24 -33.03 13.15
C GLU D 23 -40.60 -34.40 13.48
N ARG D 24 -40.11 -35.12 12.49
CA ARG D 24 -39.29 -36.30 12.73
C ARG D 24 -37.89 -35.98 13.25
N GLN D 25 -37.59 -34.70 13.53
CA GLN D 25 -36.23 -34.20 13.87
C GLN D 25 -35.12 -34.45 12.78
N ARG D 26 -35.54 -34.35 11.50
CA ARG D 26 -34.67 -34.60 10.35
C ARG D 26 -34.31 -33.30 9.68
N PRO D 27 -33.02 -33.10 9.40
CA PRO D 27 -32.62 -31.93 8.66
C PRO D 27 -32.96 -32.13 7.20
N VAL D 28 -33.93 -31.37 6.68
CA VAL D 28 -34.45 -31.55 5.32
C VAL D 28 -33.88 -30.55 4.30
N SER D 29 -33.42 -29.40 4.77
CA SER D 29 -32.68 -28.43 3.93
C SER D 29 -31.60 -27.74 4.72
N VAL D 30 -30.48 -27.46 4.06
CA VAL D 30 -29.35 -26.73 4.65
C VAL D 30 -28.68 -25.83 3.65
N HIS D 31 -28.05 -24.77 4.12
CA HIS D 31 -27.16 -23.97 3.30
C HIS D 31 -26.09 -23.28 4.15
N GLN D 32 -24.87 -23.15 3.64
CA GLN D 32 -23.75 -22.59 4.39
C GLN D 32 -23.16 -21.40 3.71
N VAL D 33 -22.60 -20.46 4.48
CA VAL D 33 -21.90 -19.28 3.93
C VAL D 33 -20.81 -18.76 4.85
N PRO D 34 -19.52 -18.82 4.43
CA PRO D 34 -18.39 -18.42 5.30
C PRO D 34 -18.25 -16.92 5.45
N HIS D 35 -17.60 -16.49 6.51
CA HIS D 35 -17.28 -15.05 6.64
C HIS D 35 -15.78 -14.93 6.84
N THR D 36 -15.28 -13.69 6.88
CA THR D 36 -13.85 -13.46 6.94
C THR D 36 -13.33 -13.54 8.36
N GLN D 37 -12.10 -14.02 8.47
CA GLN D 37 -11.39 -14.16 9.72
C GLN D 37 -10.28 -13.12 9.63
N HIS D 38 -10.59 -11.90 10.06
CA HIS D 38 -9.59 -10.80 10.08
C HIS D 38 -8.55 -10.94 11.22
N THR D 39 -7.28 -10.64 10.95
CA THR D 39 -6.23 -10.74 11.96
C THR D 39 -5.25 -9.60 11.84
N PRO D 40 -5.55 -8.45 12.43
CA PRO D 40 -4.59 -7.34 12.41
C PRO D 40 -3.18 -7.72 12.89
N HIS D 41 -3.05 -8.14 14.14
CA HIS D 41 -1.76 -8.38 14.77
C HIS D 41 -1.79 -9.83 15.27
N PRO D 42 -0.62 -10.44 15.55
CA PRO D 42 -0.70 -11.86 15.96
C PRO D 42 -1.53 -12.08 17.24
N GLY D 43 -2.32 -13.16 17.25
CA GLY D 43 -3.33 -13.41 18.29
C GLY D 43 -4.66 -12.65 18.25
N TRP D 44 -4.90 -11.82 17.24
CA TRP D 44 -6.12 -11.02 17.15
C TRP D 44 -7.07 -11.67 16.17
N LEU D 45 -8.37 -11.42 16.35
CA LEU D 45 -9.39 -12.04 15.51
C LEU D 45 -10.76 -11.37 15.63
N GLU D 46 -11.19 -10.78 14.53
CA GLU D 46 -12.39 -10.00 14.43
C GLU D 46 -13.29 -10.50 13.29
N HIS D 47 -14.58 -10.29 13.44
CA HIS D 47 -15.55 -10.63 12.44
C HIS D 47 -16.35 -9.40 12.06
N ASP D 48 -16.53 -9.14 10.75
CA ASP D 48 -17.53 -8.18 10.32
C ASP D 48 -18.90 -8.72 10.78
N PRO D 49 -19.70 -7.92 11.54
CA PRO D 49 -21.05 -8.33 12.01
C PRO D 49 -22.14 -8.18 11.00
N MET D 50 -21.96 -7.29 10.04
CA MET D 50 -22.90 -7.20 8.94
C MET D 50 -22.72 -8.43 8.04
N GLU D 51 -21.47 -8.76 7.72
CA GLU D 51 -21.13 -10.02 7.02
C GLU D 51 -21.83 -11.22 7.65
N ILE D 52 -21.83 -11.32 8.95
CA ILE D 52 -22.50 -12.42 9.60
C ILE D 52 -24.02 -12.40 9.43
N PHE D 53 -24.62 -11.24 9.62
CA PHE D 53 -26.06 -11.05 9.43
C PHE D 53 -26.52 -11.24 7.97
N ARG D 54 -25.64 -10.86 7.05
CA ARG D 54 -25.80 -11.13 5.63
C ARG D 54 -25.73 -12.64 5.40
N SER D 55 -24.73 -13.30 5.97
CA SER D 55 -24.58 -14.74 5.83
C SER D 55 -25.81 -15.52 6.34
N ALA D 56 -26.38 -15.05 7.44
CA ALA D 56 -27.54 -15.72 8.00
C ALA D 56 -28.70 -15.67 7.05
N CYS D 57 -28.90 -14.53 6.40
CA CYS D 57 -30.10 -14.32 5.58
C CYS D 57 -30.03 -15.02 4.26
N LYS D 58 -28.88 -14.90 3.61
CA LYS D 58 -28.54 -15.73 2.45
C LYS D 58 -28.81 -17.20 2.77
N CYS D 59 -28.40 -17.65 3.96
CA CYS D 59 -28.60 -19.05 4.40
C CYS D 59 -30.07 -19.42 4.51
N MET D 60 -30.87 -18.48 5.00
CA MET D 60 -32.30 -18.73 5.13
C MET D 60 -32.99 -18.74 3.76
N SER D 61 -32.67 -17.78 2.89
CA SER D 61 -33.35 -17.69 1.59
C SER D 61 -33.11 -18.93 0.73
N VAL D 62 -31.84 -19.27 0.51
CA VAL D 62 -31.44 -20.46 -0.27
C VAL D 62 -31.95 -21.75 0.38
N ALA D 63 -31.94 -21.82 1.71
CA ALA D 63 -32.46 -23.02 2.40
C ALA D 63 -33.94 -23.24 2.16
N ILE D 64 -34.70 -22.17 2.38
CA ILE D 64 -36.14 -22.16 2.20
C ILE D 64 -36.51 -22.51 0.78
N ALA D 65 -35.87 -21.85 -0.20
CA ALA D 65 -36.00 -22.17 -1.67
C ALA D 65 -35.79 -23.64 -1.97
N LYS D 66 -34.66 -24.17 -1.54
CA LYS D 66 -34.32 -25.59 -1.76
C LYS D 66 -35.30 -26.61 -1.18
N LEU D 67 -35.94 -26.30 -0.06
CA LEU D 67 -36.85 -27.25 0.58
C LEU D 67 -38.17 -27.27 -0.17
N ARG D 68 -38.75 -26.08 -0.40
CA ARG D 68 -40.03 -25.97 -1.14
C ARG D 68 -39.94 -26.55 -2.56
N GLN D 69 -38.75 -26.55 -3.13
CA GLN D 69 -38.46 -27.26 -4.37
C GLN D 69 -38.61 -28.80 -4.24
N LYS D 70 -38.47 -29.37 -3.04
CA LYS D 70 -38.68 -30.84 -2.78
C LYS D 70 -39.80 -31.21 -1.78
N ASP D 71 -40.51 -30.20 -1.30
CA ASP D 71 -41.81 -30.35 -0.69
C ASP D 71 -42.62 -29.08 -1.02
N ALA D 72 -43.34 -29.14 -2.14
CA ALA D 72 -44.06 -27.98 -2.69
C ALA D 72 -45.25 -27.48 -1.88
N SER D 73 -45.68 -28.26 -0.88
CA SER D 73 -46.74 -27.88 0.06
C SER D 73 -46.26 -27.03 1.24
N PHE D 74 -44.97 -27.05 1.49
CA PHE D 74 -44.45 -26.27 2.60
C PHE D 74 -44.54 -24.76 2.25
N ARG D 75 -45.31 -24.05 3.05
CA ARG D 75 -45.47 -22.60 2.96
C ARG D 75 -45.07 -21.86 4.27
N LYS D 76 -44.81 -22.57 5.37
CA LYS D 76 -44.25 -21.88 6.53
C LYS D 76 -43.35 -22.72 7.42
N ILE D 77 -42.58 -22.02 8.22
CA ILE D 77 -41.74 -22.62 9.27
C ILE D 77 -42.36 -22.18 10.57
N GLU D 78 -42.74 -23.13 11.41
CA GLU D 78 -43.38 -22.82 12.72
C GLU D 78 -42.61 -21.76 13.52
N ALA D 79 -41.32 -22.02 13.71
CA ALA D 79 -40.45 -21.11 14.43
C ALA D 79 -39.00 -21.28 14.01
N ILE D 80 -38.15 -20.42 14.55
CA ILE D 80 -36.73 -20.44 14.25
C ILE D 80 -35.96 -20.38 15.54
N GLY D 81 -35.17 -21.41 15.83
CA GLY D 81 -34.16 -21.39 16.91
C GLY D 81 -32.84 -20.80 16.45
N ILE D 82 -32.04 -20.30 17.40
CA ILE D 82 -30.70 -19.76 17.14
C ILE D 82 -29.68 -20.45 18.04
N THR D 83 -28.48 -20.55 17.50
CA THR D 83 -27.34 -21.03 18.23
C THR D 83 -26.05 -20.46 17.67
N ASN D 84 -25.06 -20.22 18.54
CA ASN D 84 -23.98 -19.34 18.17
C ASN D 84 -22.65 -19.51 18.90
N GLN D 85 -21.56 -19.18 18.22
CA GLN D 85 -20.30 -18.95 18.88
C GLN D 85 -20.61 -18.01 20.00
N ARG D 86 -20.25 -18.42 21.22
CA ARG D 86 -20.30 -17.58 22.45
C ARG D 86 -19.16 -16.58 22.62
N GLU D 87 -19.42 -15.58 23.45
CA GLU D 87 -18.39 -14.66 23.93
C GLU D 87 -17.89 -13.67 22.91
N THR D 88 -18.01 -13.99 21.60
CA THR D 88 -17.75 -13.02 20.52
C THR D 88 -18.72 -11.93 20.79
N THR D 89 -18.22 -10.71 20.87
CA THR D 89 -19.07 -9.62 21.35
C THR D 89 -19.13 -8.48 20.33
N VAL D 90 -20.37 -8.09 20.01
CA VAL D 90 -20.64 -7.03 19.04
C VAL D 90 -21.05 -5.78 19.78
N ALA D 91 -20.66 -4.65 19.20
CA ALA D 91 -21.01 -3.31 19.61
C ALA D 91 -21.81 -2.60 18.52
N TRP D 92 -23.04 -2.21 18.85
CA TRP D 92 -23.81 -1.38 17.95
C TRP D 92 -24.59 -0.27 18.61
N ASP D 93 -24.90 0.75 17.79
CA ASP D 93 -25.64 1.95 18.23
C ASP D 93 -27.15 1.76 18.02
N ARG D 94 -27.88 2.26 19.02
CA ARG D 94 -29.30 1.95 19.25
C ARG D 94 -30.19 2.37 18.08
N VAL D 95 -29.96 3.56 17.49
CA VAL D 95 -30.79 4.09 16.34
C VAL D 95 -30.12 4.17 14.95
N THR D 96 -28.78 4.13 14.87
CA THR D 96 -28.06 3.93 13.60
C THR D 96 -28.10 2.46 13.09
N LYS D 97 -28.50 1.54 13.96
CA LYS D 97 -28.72 0.12 13.60
C LYS D 97 -27.45 -0.63 13.17
N GLU D 98 -26.27 -0.01 13.31
CA GLU D 98 -25.08 -0.32 12.50
C GLU D 98 -23.93 -0.65 13.44
N PRO D 99 -22.98 -1.53 12.99
CA PRO D 99 -21.76 -1.82 13.73
C PRO D 99 -20.77 -0.67 13.86
N LEU D 100 -20.41 -0.44 15.12
CA LEU D 100 -19.43 0.54 15.50
C LEU D 100 -18.04 0.04 15.15
N CYS D 101 -17.81 -1.26 15.30
CA CYS D 101 -16.56 -1.89 14.80
C CYS D 101 -16.71 -3.41 14.63
N TYR D 102 -15.65 -4.03 14.12
CA TYR D 102 -15.60 -5.48 14.01
C TYR D 102 -15.63 -6.14 15.41
N ALA D 103 -16.07 -7.39 15.44
CA ALA D 103 -16.41 -8.03 16.68
C ALA D 103 -15.23 -8.84 17.10
N PRO D 104 -14.64 -8.49 18.24
CA PRO D 104 -13.59 -9.37 18.73
C PRO D 104 -14.15 -10.76 19.11
N VAL D 105 -13.44 -11.78 18.64
CA VAL D 105 -13.94 -13.12 18.65
C VAL D 105 -13.49 -13.78 19.96
N TRP D 106 -14.25 -14.78 20.40
CA TRP D 106 -13.95 -15.52 21.60
C TRP D 106 -12.49 -15.83 21.91
N ASN D 107 -11.69 -16.31 20.94
CA ASN D 107 -10.25 -16.69 21.19
C ASN D 107 -9.20 -15.62 20.84
N ASP D 108 -9.63 -14.39 20.77
CA ASP D 108 -8.76 -13.25 20.59
C ASP D 108 -7.97 -13.00 21.91
N LEU D 109 -6.81 -12.34 21.76
CA LEU D 109 -5.90 -11.97 22.87
C LEU D 109 -5.46 -10.47 22.89
N ARG D 110 -6.25 -9.60 22.28
CA ARG D 110 -6.06 -8.15 22.48
C ARG D 110 -6.32 -7.74 23.97
N THR D 111 -7.19 -8.49 24.66
CA THR D 111 -7.54 -8.25 26.04
C THR D 111 -6.50 -8.86 27.02
N TYR D 112 -5.23 -8.94 26.60
CA TYR D 112 -4.13 -9.42 27.45
C TYR D 112 -3.99 -8.55 28.70
N ASP D 113 -4.03 -7.23 28.54
CA ASP D 113 -3.72 -6.30 29.62
C ASP D 113 -4.94 -5.83 30.37
N ILE D 114 -6.06 -5.63 29.69
CA ILE D 114 -7.31 -5.36 30.39
C ILE D 114 -7.67 -6.53 31.34
N THR D 115 -7.20 -7.74 31.04
CA THR D 115 -7.46 -8.91 31.92
C THR D 115 -6.47 -8.99 33.13
N LYS D 116 -5.24 -8.48 32.93
CA LYS D 116 -4.23 -8.39 34.00
C LYS D 116 -4.46 -7.21 34.97
N LYS D 117 -5.20 -6.19 34.54
CA LYS D 117 -5.72 -5.17 35.47
C LYS D 117 -6.66 -5.82 36.46
N VAL D 118 -7.62 -6.56 35.94
CA VAL D 118 -8.80 -7.01 36.70
C VAL D 118 -8.44 -8.05 37.75
N THR D 119 -7.67 -9.06 37.33
CA THR D 119 -7.20 -10.14 38.20
C THR D 119 -6.26 -9.57 39.26
N ALA D 120 -5.51 -8.52 38.91
CA ALA D 120 -4.63 -7.81 39.86
C ALA D 120 -5.43 -6.97 40.86
N GLU D 121 -6.15 -5.97 40.32
CA GLU D 121 -6.88 -4.99 41.12
C GLU D 121 -8.18 -5.59 41.62
N LEU D 122 -9.22 -5.66 40.78
CA LEU D 122 -10.54 -6.14 41.23
C LEU D 122 -10.56 -7.49 42.04
N GLY D 123 -9.66 -8.43 41.71
CA GLY D 123 -9.60 -9.75 42.36
C GLY D 123 -8.33 -10.07 43.14
N GLY D 124 -7.57 -9.02 43.54
CA GLY D 124 -6.41 -9.11 44.43
C GLY D 124 -5.41 -10.19 44.08
N GLY D 125 -5.14 -10.36 42.79
CA GLY D 125 -4.31 -11.46 42.29
C GLY D 125 -4.99 -12.79 42.08
N ASP D 126 -6.13 -12.99 42.75
CA ASP D 126 -7.00 -14.16 42.52
C ASP D 126 -7.90 -13.99 41.23
N SER D 127 -7.52 -14.69 40.16
CA SER D 127 -8.28 -14.77 38.92
C SER D 127 -9.67 -15.35 39.15
N MET D 128 -9.72 -16.32 40.07
CA MET D 128 -10.95 -17.08 40.35
C MET D 128 -11.90 -16.40 41.31
N PHE D 129 -11.69 -15.09 41.55
CA PHE D 129 -12.38 -14.36 42.58
C PHE D 129 -13.93 -14.35 42.40
N ALA D 130 -14.39 -14.05 41.18
CA ALA D 130 -15.82 -13.88 40.98
C ALA D 130 -16.51 -15.23 40.78
N SER D 131 -15.75 -16.33 40.69
CA SER D 131 -16.28 -17.71 40.44
C SER D 131 -17.64 -18.09 41.06
N LYS D 132 -17.92 -17.61 42.26
CA LYS D 132 -19.16 -18.00 42.94
C LYS D 132 -20.39 -17.23 42.43
N ILE D 133 -20.20 -16.17 41.61
CA ILE D 133 -21.31 -15.40 40.93
C ILE D 133 -21.37 -15.68 39.38
N THR D 134 -20.28 -15.41 38.66
CA THR D 134 -20.20 -15.57 37.19
C THR D 134 -20.30 -17.02 36.76
N GLY D 135 -19.59 -17.87 37.51
CA GLY D 135 -19.36 -19.29 37.23
C GLY D 135 -17.96 -19.61 36.73
N LEU D 136 -17.18 -18.56 36.46
CA LEU D 136 -16.03 -18.63 35.57
C LEU D 136 -14.80 -17.93 36.17
N PRO D 137 -13.58 -18.27 35.68
CA PRO D 137 -12.36 -17.48 35.95
C PRO D 137 -12.43 -16.20 35.21
N VAL D 138 -11.53 -15.29 35.50
CA VAL D 138 -11.29 -14.16 34.63
C VAL D 138 -10.36 -14.73 33.58
N SER D 139 -10.69 -14.47 32.30
CA SER D 139 -9.77 -14.72 31.18
C SER D 139 -10.04 -13.79 29.99
N THR D 140 -9.25 -13.91 28.91
CA THR D 140 -9.40 -13.07 27.70
C THR D 140 -10.69 -13.34 26.93
N TYR D 141 -11.27 -14.51 27.15
CA TYR D 141 -12.31 -15.06 26.32
C TYR D 141 -13.72 -14.53 26.59
N PHE D 142 -14.02 -14.11 27.82
CA PHE D 142 -15.42 -13.75 28.16
C PHE D 142 -15.79 -12.32 27.75
N ALA D 143 -17.09 -12.07 27.62
CA ALA D 143 -17.63 -10.85 27.01
C ALA D 143 -17.11 -9.52 27.58
N ALA D 144 -17.42 -9.35 28.87
CA ALA D 144 -17.02 -8.21 29.71
C ALA D 144 -15.69 -7.54 29.35
N PHE D 145 -14.66 -8.36 29.16
CA PHE D 145 -13.31 -7.89 28.88
C PHE D 145 -13.15 -7.37 27.47
N LYS D 146 -13.95 -7.89 26.52
CA LYS D 146 -14.04 -7.32 25.18
C LYS D 146 -14.81 -5.99 25.17
N MET D 147 -15.95 -5.96 25.88
CA MET D 147 -16.72 -4.74 26.09
C MET D 147 -15.83 -3.66 26.68
N ARG D 148 -15.16 -4.01 27.76
CA ARG D 148 -14.24 -3.09 28.42
C ARG D 148 -13.24 -2.60 27.38
N TRP D 149 -12.61 -3.51 26.65
CA TRP D 149 -11.64 -3.14 25.61
C TRP D 149 -12.21 -2.17 24.57
N MET D 150 -13.47 -2.38 24.20
CA MET D 150 -14.14 -1.53 23.21
C MET D 150 -14.62 -0.16 23.75
N LEU D 151 -14.89 -0.08 25.04
CA LEU D 151 -15.13 1.25 25.68
C LEU D 151 -13.81 2.08 25.79
N GLU D 152 -12.73 1.38 26.16
CA GLU D 152 -11.38 1.93 26.26
C GLU D 152 -10.63 2.14 24.92
N ASN D 153 -11.05 1.51 23.80
CA ASN D 153 -10.21 1.57 22.57
C ASN D 153 -10.78 2.05 21.22
N VAL D 154 -12.07 2.35 21.17
CA VAL D 154 -12.77 2.60 19.91
C VAL D 154 -13.53 3.95 19.96
N PRO D 155 -12.99 5.02 19.29
CA PRO D 155 -13.67 6.30 19.25
C PRO D 155 -15.20 6.21 19.09
N ALA D 156 -15.66 5.48 18.07
CA ALA D 156 -17.08 5.31 17.84
C ALA D 156 -17.84 4.82 19.09
N VAL D 157 -17.28 3.82 19.78
CA VAL D 157 -17.91 3.23 20.98
C VAL D 157 -17.92 4.19 22.19
N ALA D 158 -16.79 4.85 22.44
CA ALA D 158 -16.66 5.84 23.54
C ALA D 158 -17.68 6.96 23.42
N ASP D 159 -17.78 7.54 22.22
CA ASP D 159 -18.79 8.57 21.90
C ASP D 159 -20.18 8.02 22.11
N ALA D 160 -20.49 6.94 21.41
CA ALA D 160 -21.78 6.25 21.53
C ALA D 160 -22.17 5.90 22.98
N CYS D 161 -21.17 5.57 23.80
CA CYS D 161 -21.36 5.30 25.25
C CYS D 161 -21.89 6.49 25.98
N ARG D 162 -21.37 7.67 25.65
CA ARG D 162 -21.86 8.94 26.23
C ARG D 162 -23.28 9.28 25.84
N ARG D 163 -23.64 9.07 24.58
CA ARG D 163 -24.97 9.45 24.09
C ARG D 163 -26.12 8.58 24.65
N GLY D 164 -25.79 7.54 25.44
CA GLY D 164 -26.78 6.72 26.15
C GLY D 164 -27.48 5.65 25.30
N THR D 165 -26.95 5.39 24.10
CA THR D 165 -27.57 4.49 23.11
C THR D 165 -26.51 3.58 22.43
N LEU D 166 -25.60 3.04 23.27
CA LEU D 166 -24.63 2.02 22.86
C LEU D 166 -25.20 0.70 23.31
N CYS D 167 -25.65 -0.11 22.35
CA CYS D 167 -25.98 -1.49 22.63
C CYS D 167 -24.72 -2.38 22.53
N PHE D 168 -24.69 -3.40 23.38
CA PHE D 168 -23.70 -4.47 23.35
C PHE D 168 -24.46 -5.80 23.30
N GLY D 169 -23.86 -6.84 22.74
CA GLY D 169 -24.47 -8.16 22.77
C GLY D 169 -23.56 -9.25 22.28
N THR D 170 -23.78 -10.45 22.82
CA THR D 170 -23.22 -11.65 22.20
C THR D 170 -23.92 -11.90 20.87
N ILE D 171 -23.26 -12.64 19.99
CA ILE D 171 -23.77 -12.93 18.63
C ILE D 171 -25.23 -13.33 18.61
N ASP D 172 -25.70 -14.08 19.61
CA ASP D 172 -27.14 -14.42 19.68
C ASP D 172 -28.02 -13.18 19.83
N THR D 173 -27.59 -12.18 20.62
CA THR D 173 -28.36 -10.94 20.81
C THR D 173 -28.39 -10.23 19.45
N TRP D 174 -27.21 -9.89 18.94
CA TRP D 174 -27.02 -9.21 17.64
C TRP D 174 -27.76 -9.80 16.40
N LEU D 175 -27.75 -11.12 16.31
CA LEU D 175 -28.49 -11.80 15.25
C LEU D 175 -29.99 -11.57 15.46
N MET D 176 -30.43 -11.67 16.71
CA MET D 176 -31.86 -11.62 17.08
C MET D 176 -32.40 -10.19 17.08
N TYR D 177 -31.50 -9.20 17.19
CA TYR D 177 -31.84 -7.78 17.04
C TYR D 177 -32.23 -7.46 15.57
N LYS D 178 -31.32 -7.73 14.63
CA LYS D 178 -31.46 -7.32 13.23
C LYS D 178 -32.54 -8.07 12.52
N LEU D 179 -32.67 -9.35 12.82
CA LEU D 179 -33.77 -10.16 12.27
C LEU D 179 -35.14 -9.57 12.58
N SER D 180 -35.31 -9.04 13.80
CA SER D 180 -36.50 -8.26 14.15
C SER D 180 -36.50 -6.95 13.40
N GLY D 181 -35.33 -6.30 13.41
CA GLY D 181 -35.09 -5.03 12.74
C GLY D 181 -34.94 -3.90 13.72
N GLY D 182 -34.59 -4.20 14.96
CA GLY D 182 -34.56 -3.23 16.05
C GLY D 182 -35.49 -3.63 17.18
N LYS D 183 -36.49 -4.46 16.87
CA LYS D 183 -37.63 -4.68 17.77
C LYS D 183 -37.18 -5.40 19.06
N ALA D 184 -36.61 -6.59 18.89
CA ALA D 184 -36.14 -7.46 20.00
C ALA D 184 -34.74 -7.09 20.45
N PHE D 185 -34.48 -7.25 21.75
CA PHE D 185 -33.17 -6.97 22.34
C PHE D 185 -32.95 -7.86 23.55
N VAL D 186 -32.49 -9.08 23.32
CA VAL D 186 -32.47 -10.11 24.36
C VAL D 186 -31.28 -11.05 24.15
N THR D 187 -30.88 -11.71 25.23
CA THR D 187 -29.79 -12.68 25.26
C THR D 187 -30.51 -13.86 25.92
N ASP D 188 -30.00 -15.08 25.79
CA ASP D 188 -30.61 -16.22 26.50
C ASP D 188 -29.70 -16.63 27.63
N VAL D 189 -30.23 -17.44 28.56
CA VAL D 189 -29.49 -17.76 29.80
C VAL D 189 -28.19 -18.56 29.59
N THR D 190 -28.05 -19.35 28.50
CA THR D 190 -26.78 -20.04 28.26
C THR D 190 -25.76 -19.06 27.80
N ASN D 191 -26.17 -18.15 26.93
CA ASN D 191 -25.23 -17.15 26.39
C ASN D 191 -24.79 -16.18 27.47
N ALA D 192 -25.80 -15.70 28.20
CA ALA D 192 -25.63 -14.72 29.25
C ALA D 192 -24.61 -15.23 30.29
N SER D 193 -24.63 -16.53 30.57
CA SER D 193 -23.64 -17.09 31.51
C SER D 193 -22.20 -17.05 31.03
N ARG D 194 -21.95 -16.51 29.85
CA ARG D 194 -20.59 -16.41 29.31
C ARG D 194 -20.06 -14.98 29.32
N THR D 195 -20.87 -14.07 29.84
CA THR D 195 -20.59 -12.65 29.70
C THR D 195 -19.59 -12.08 30.71
N PHE D 196 -19.34 -12.86 31.78
CA PHE D 196 -18.71 -12.47 33.04
C PHE D 196 -19.52 -11.39 33.80
N LEU D 197 -20.83 -11.42 33.63
CA LEU D 197 -21.73 -10.40 34.22
C LEU D 197 -23.05 -10.97 34.76
N MET D 198 -23.35 -12.25 34.54
CA MET D 198 -24.61 -12.82 34.96
C MET D 198 -24.43 -13.63 36.25
N ASP D 199 -25.34 -13.44 37.21
CA ASP D 199 -25.36 -14.33 38.39
C ASP D 199 -25.76 -15.77 38.00
N LEU D 200 -24.82 -16.70 38.00
CA LEU D 200 -25.10 -18.10 37.63
C LEU D 200 -26.37 -18.69 38.23
N ARG D 201 -26.62 -18.49 39.52
CA ARG D 201 -27.76 -19.14 40.16
C ARG D 201 -29.12 -18.48 39.87
N THR D 202 -29.29 -17.18 40.05
CA THR D 202 -30.61 -16.61 39.81
C THR D 202 -30.97 -16.36 38.34
N ARG D 203 -29.98 -16.42 37.44
CA ARG D 203 -30.18 -16.21 35.98
C ARG D 203 -30.71 -14.80 35.71
N LYS D 204 -30.04 -13.86 36.40
CA LYS D 204 -30.31 -12.41 36.39
C LYS D 204 -28.93 -11.72 36.35
N TRP D 205 -28.88 -10.45 35.93
CA TRP D 205 -27.61 -9.70 35.89
C TRP D 205 -27.08 -9.38 37.28
N SER D 206 -25.77 -9.15 37.37
CA SER D 206 -25.11 -8.78 38.64
C SER D 206 -24.79 -7.27 38.70
N PRO D 207 -25.62 -6.47 39.45
CA PRO D 207 -25.30 -5.06 39.76
C PRO D 207 -23.88 -4.80 40.31
N GLU D 208 -23.41 -5.64 41.25
CA GLU D 208 -22.00 -5.58 41.72
C GLU D 208 -21.07 -5.50 40.51
N LEU D 209 -21.08 -6.56 39.69
CA LEU D 209 -20.02 -6.76 38.69
C LEU D 209 -20.10 -5.77 37.52
N CYS D 210 -21.29 -5.49 36.99
CA CYS D 210 -21.43 -4.44 35.96
C CYS D 210 -20.77 -3.14 36.48
N GLU D 211 -21.14 -2.73 37.71
CA GLU D 211 -20.53 -1.59 38.45
C GLU D 211 -19.02 -1.74 38.74
N LYS D 212 -18.60 -2.86 39.34
CA LYS D 212 -17.17 -3.15 39.54
C LYS D 212 -16.31 -3.04 38.25
N LEU D 213 -16.84 -3.57 37.13
CA LEU D 213 -16.12 -3.64 35.85
C LEU D 213 -16.47 -2.48 34.91
N LYS D 214 -17.32 -1.57 35.38
CA LYS D 214 -17.50 -0.26 34.76
C LYS D 214 -18.07 -0.40 33.31
N ILE D 215 -19.22 -1.07 33.30
CA ILE D 215 -20.06 -1.34 32.12
C ILE D 215 -21.50 -0.85 32.40
N PRO D 216 -21.89 0.31 31.84
CA PRO D 216 -23.26 0.84 31.96
C PRO D 216 -24.43 -0.17 31.76
N MET D 217 -24.96 -0.75 32.85
CA MET D 217 -26.08 -1.74 32.78
C MET D 217 -27.17 -1.60 31.68
N GLU D 218 -27.43 -0.37 31.21
CA GLU D 218 -28.35 -0.13 30.08
C GLU D 218 -27.92 -0.72 28.71
N THR D 219 -26.62 -0.92 28.46
CA THR D 219 -26.15 -1.62 27.22
C THR D 219 -26.63 -3.08 27.13
N LEU D 220 -26.79 -3.72 28.30
CA LEU D 220 -27.18 -5.13 28.37
C LEU D 220 -28.63 -5.37 27.94
N PRO D 221 -28.89 -6.47 27.21
CA PRO D 221 -30.25 -6.94 26.94
C PRO D 221 -30.99 -7.53 28.13
N GLU D 222 -32.26 -7.89 27.89
CA GLU D 222 -33.10 -8.61 28.85
C GLU D 222 -32.90 -10.15 28.74
N ILE D 223 -32.31 -10.70 29.77
CA ILE D 223 -32.15 -12.14 29.81
C ILE D 223 -33.51 -12.82 29.68
N ARG D 224 -33.59 -13.88 28.88
CA ARG D 224 -34.74 -14.80 28.93
C ARG D 224 -34.25 -16.24 28.96
N SER D 225 -35.15 -17.19 28.84
CA SER D 225 -34.73 -18.58 28.71
C SER D 225 -34.48 -18.98 27.21
N ASN D 226 -34.23 -20.26 26.97
CA ASN D 226 -33.89 -20.71 25.64
C ASN D 226 -35.09 -21.09 24.79
N SER D 227 -36.26 -21.20 25.43
CA SER D 227 -37.41 -21.85 24.83
C SER D 227 -38.65 -21.06 25.18
N GLU D 228 -38.81 -19.97 24.44
CA GLU D 228 -39.92 -19.04 24.58
C GLU D 228 -39.86 -18.01 23.46
N LEU D 229 -40.90 -17.19 23.29
CA LEU D 229 -40.84 -16.02 22.39
C LEU D 229 -39.55 -15.21 22.60
N PHE D 230 -39.04 -14.66 21.50
CA PHE D 230 -37.92 -13.68 21.50
C PHE D 230 -38.28 -12.50 20.61
N GLY D 231 -38.63 -12.79 19.36
CA GLY D 231 -39.03 -11.77 18.41
C GLY D 231 -39.71 -12.41 17.21
N TYR D 232 -40.01 -11.58 16.22
CA TYR D 232 -40.56 -12.03 14.97
C TYR D 232 -39.54 -11.64 13.91
N VAL D 233 -39.48 -12.40 12.83
CA VAL D 233 -38.61 -12.04 11.72
C VAL D 233 -39.32 -11.04 10.82
N GLU D 234 -38.73 -9.85 10.73
CA GLU D 234 -39.28 -8.67 10.06
C GLU D 234 -38.21 -7.85 9.33
N THR D 235 -37.16 -8.47 8.79
CA THR D 235 -36.27 -7.75 7.84
C THR D 235 -36.49 -8.40 6.49
N ASP D 236 -36.09 -7.73 5.41
CA ASP D 236 -36.19 -8.31 4.07
C ASP D 236 -34.80 -8.27 3.45
N GLU D 237 -33.84 -8.87 4.15
CA GLU D 237 -32.44 -8.67 3.83
C GLU D 237 -32.05 -9.35 2.52
N CYS D 238 -32.00 -10.68 2.49
CA CYS D 238 -31.69 -11.37 1.24
C CYS D 238 -32.97 -12.08 0.84
N GLY D 239 -34.03 -11.27 0.74
CA GLY D 239 -35.38 -11.76 0.55
C GLY D 239 -35.88 -12.64 1.69
N VAL D 240 -35.52 -12.32 2.93
CA VAL D 240 -35.66 -13.29 4.01
C VAL D 240 -37.10 -13.39 4.57
N ALA D 241 -37.74 -12.26 4.85
CA ALA D 241 -39.13 -12.26 5.38
C ALA D 241 -40.16 -12.64 4.31
N ALA D 242 -39.85 -12.41 3.03
CA ALA D 242 -40.68 -12.91 1.90
C ALA D 242 -40.59 -14.44 1.71
N ALA D 243 -39.36 -14.98 1.71
CA ALA D 243 -39.10 -16.43 1.63
C ALA D 243 -39.96 -17.23 2.61
N LEU D 244 -40.00 -16.80 3.88
CA LEU D 244 -40.95 -17.28 4.88
C LEU D 244 -42.32 -16.68 4.52
N ASN D 245 -43.36 -17.48 4.23
CA ASN D 245 -44.64 -16.89 3.69
C ASN D 245 -45.47 -16.14 4.74
N GLU D 246 -45.67 -16.76 5.90
CA GLU D 246 -46.32 -16.08 7.01
C GLU D 246 -45.19 -15.46 7.82
N ARG D 247 -45.49 -14.56 8.75
CA ARG D 247 -44.47 -14.04 9.65
C ARG D 247 -44.14 -15.15 10.65
N THR D 248 -42.84 -15.28 10.94
CA THR D 248 -42.28 -16.41 11.66
C THR D 248 -41.70 -15.94 13.00
N PRO D 249 -41.99 -16.67 14.08
CA PRO D 249 -41.40 -16.35 15.38
C PRO D 249 -40.00 -16.99 15.59
N ILE D 250 -39.08 -16.21 16.17
CA ILE D 250 -37.82 -16.71 16.74
C ILE D 250 -38.14 -17.18 18.15
N MET D 251 -38.06 -18.49 18.39
CA MET D 251 -38.45 -19.10 19.67
C MET D 251 -37.43 -20.02 20.38
N GLY D 252 -36.24 -20.19 19.79
CA GLY D 252 -35.08 -20.77 20.48
C GLY D 252 -33.96 -19.76 20.38
N SER D 253 -33.20 -19.59 21.43
CA SER D 253 -31.84 -19.09 21.28
C SER D 253 -31.04 -19.90 22.28
N ILE D 254 -29.89 -20.42 21.88
CA ILE D 254 -29.04 -21.15 22.81
C ILE D 254 -27.56 -21.15 22.42
N GLY D 255 -26.66 -20.84 23.37
CA GLY D 255 -25.20 -20.94 23.15
C GLY D 255 -24.77 -22.28 22.58
N ASP D 256 -23.82 -22.24 21.65
CA ASP D 256 -23.51 -23.42 20.83
C ASP D 256 -23.11 -24.72 21.55
N GLN D 257 -22.17 -24.64 22.50
CA GLN D 257 -21.73 -25.84 23.28
C GLN D 257 -22.90 -26.46 24.06
N GLN D 258 -23.78 -25.61 24.57
CA GLN D 258 -25.00 -26.09 25.19
C GLN D 258 -26.06 -26.51 24.17
N SER D 259 -26.04 -25.90 22.99
CA SER D 259 -26.92 -26.40 21.96
C SER D 259 -26.53 -27.81 21.65
N ALA D 260 -25.26 -28.09 21.62
CA ALA D 260 -24.88 -29.46 21.36
C ALA D 260 -25.35 -30.39 22.51
N LEU D 261 -25.22 -29.94 23.77
CA LEU D 261 -25.66 -30.78 24.89
C LEU D 261 -27.16 -31.12 24.78
N PHE D 262 -27.97 -30.11 24.64
CA PHE D 262 -29.39 -30.31 24.52
C PHE D 262 -29.79 -31.14 23.32
N GLY D 263 -29.05 -31.03 22.23
CA GLY D 263 -29.39 -31.72 21.00
C GLY D 263 -29.10 -33.20 20.96
N ASN D 264 -28.13 -33.65 21.78
CA ASN D 264 -27.85 -35.09 21.94
C ASN D 264 -28.68 -35.70 23.08
N MET D 265 -29.68 -34.98 23.60
CA MET D 265 -30.60 -35.51 24.61
C MET D 265 -29.79 -35.81 25.89
N CYS D 266 -29.17 -34.80 26.45
CA CYS D 266 -28.42 -34.99 27.69
C CYS D 266 -29.19 -34.20 28.71
N PHE D 267 -30.41 -34.69 28.92
CA PHE D 267 -31.42 -34.07 29.76
C PHE D 267 -31.14 -34.37 31.21
N GLU D 268 -30.70 -35.62 31.48
CA GLU D 268 -30.44 -36.12 32.85
C GLU D 268 -29.04 -35.79 33.40
N LYS D 269 -28.99 -35.58 34.73
CA LYS D 269 -27.73 -35.42 35.48
C LYS D 269 -26.75 -36.56 35.17
N GLY D 270 -25.47 -36.23 35.10
CA GLY D 270 -24.43 -37.23 34.81
C GLY D 270 -24.30 -37.65 33.36
N GLU D 271 -25.14 -37.07 32.47
CA GLU D 271 -25.03 -37.25 31.01
C GLU D 271 -24.17 -36.17 30.43
N ALA D 272 -23.30 -36.53 29.51
CA ALA D 272 -22.35 -35.57 28.99
C ALA D 272 -22.12 -35.68 27.49
N LYS D 273 -21.41 -34.71 26.96
CA LYS D 273 -21.16 -34.64 25.54
C LYS D 273 -19.80 -34.03 25.32
N ASN D 274 -19.12 -34.51 24.29
CA ASN D 274 -17.82 -33.99 23.84
C ASN D 274 -17.95 -33.44 22.39
N THR D 275 -17.61 -32.17 22.16
CA THR D 275 -17.74 -31.57 20.83
C THR D 275 -16.38 -31.44 20.17
N TYR D 276 -16.35 -31.75 18.89
CA TYR D 276 -15.23 -31.44 17.98
C TYR D 276 -15.78 -30.39 16.96
N GLY D 277 -14.93 -29.44 16.59
CA GLY D 277 -15.36 -28.18 15.93
C GLY D 277 -14.17 -27.23 15.91
N THR D 278 -14.39 -25.92 15.83
CA THR D 278 -13.24 -24.99 15.86
C THR D 278 -12.37 -25.31 17.13
N GLY D 279 -12.85 -24.93 18.30
CA GLY D 279 -12.35 -25.49 19.55
C GLY D 279 -13.09 -26.77 19.88
N CYS D 280 -12.58 -27.51 20.89
CA CYS D 280 -13.17 -28.80 21.29
C CYS D 280 -13.51 -28.88 22.78
N PHE D 281 -14.81 -29.01 23.13
CA PHE D 281 -15.34 -28.82 24.51
C PHE D 281 -16.16 -30.03 25.01
N LEU D 282 -16.00 -30.31 26.33
CA LEU D 282 -16.75 -31.36 27.05
C LEU D 282 -17.69 -30.65 28.02
N LEU D 283 -18.96 -31.08 27.98
CA LEU D 283 -20.03 -30.60 28.88
C LEU D 283 -20.80 -31.77 29.50
N MET D 284 -20.87 -31.80 30.82
CA MET D 284 -21.73 -32.78 31.55
C MET D 284 -22.90 -32.05 32.17
N ASN D 285 -24.11 -32.57 32.00
CA ASN D 285 -25.25 -32.08 32.76
C ASN D 285 -25.03 -32.50 34.20
N VAL D 286 -24.86 -31.52 35.08
CA VAL D 286 -24.59 -31.81 36.52
C VAL D 286 -25.91 -31.98 37.26
N GLY D 287 -26.92 -31.21 36.85
CA GLY D 287 -28.28 -31.40 37.28
C GLY D 287 -28.99 -30.11 37.63
N GLU D 288 -29.96 -30.25 38.52
CA GLU D 288 -30.93 -29.21 38.84
C GLU D 288 -30.38 -28.09 39.73
N GLU D 289 -29.17 -28.28 40.31
CA GLU D 289 -28.43 -27.23 41.08
C GLU D 289 -26.89 -27.09 40.77
N ALA D 290 -26.46 -25.83 40.63
CA ALA D 290 -25.09 -25.46 40.23
C ALA D 290 -23.91 -26.03 41.05
N ARG D 291 -22.78 -26.27 40.38
CA ARG D 291 -21.52 -26.73 41.00
C ARG D 291 -20.36 -25.83 40.58
N PHE D 292 -19.32 -25.77 41.41
CA PHE D 292 -18.14 -24.92 41.16
C PHE D 292 -16.82 -25.73 41.23
N SER D 293 -15.68 -25.06 41.23
CA SER D 293 -14.43 -25.68 40.77
C SER D 293 -13.26 -24.70 40.90
N LYS D 294 -12.08 -25.11 40.40
CA LYS D 294 -10.78 -24.57 40.83
C LYS D 294 -9.58 -25.14 40.02
N HIS D 295 -9.66 -26.46 39.68
CA HIS D 295 -8.92 -27.10 38.55
C HIS D 295 -9.60 -26.48 37.35
N GLY D 296 -9.22 -25.24 37.11
CA GLY D 296 -10.04 -24.22 36.46
C GLY D 296 -11.18 -24.48 35.50
N LEU D 297 -11.96 -25.57 35.68
CA LEU D 297 -13.20 -25.84 34.93
C LEU D 297 -14.20 -24.69 35.01
N LEU D 298 -15.25 -24.77 34.20
CA LEU D 298 -16.25 -23.74 34.15
C LEU D 298 -17.64 -24.23 34.61
N SER D 299 -18.40 -23.31 35.17
CA SER D 299 -19.74 -23.57 35.64
C SER D 299 -20.66 -22.71 34.76
N THR D 300 -21.74 -23.28 34.23
CA THR D 300 -22.50 -22.60 33.15
C THR D 300 -23.94 -23.12 33.15
N VAL D 301 -24.84 -22.38 32.51
CA VAL D 301 -26.19 -22.87 32.31
C VAL D 301 -26.11 -23.94 31.24
N GLY D 302 -26.70 -25.09 31.49
CA GLY D 302 -26.91 -26.10 30.47
C GLY D 302 -28.04 -25.67 29.56
N PHE D 303 -29.22 -25.46 30.14
CA PHE D 303 -30.39 -25.02 29.41
C PHE D 303 -31.56 -24.75 30.38
N GLN D 304 -32.41 -23.77 30.10
CA GLN D 304 -33.66 -23.61 30.82
C GLN D 304 -34.75 -23.53 29.77
N VAL D 305 -35.54 -24.58 29.69
CA VAL D 305 -36.66 -24.68 28.76
C VAL D 305 -37.92 -24.05 29.40
N GLY D 306 -38.32 -22.89 28.91
CA GLY D 306 -39.57 -22.24 29.34
C GLY D 306 -39.35 -20.96 30.14
N ARG D 307 -40.24 -19.97 29.96
CA ARG D 307 -40.24 -18.76 30.80
C ARG D 307 -40.41 -19.18 32.26
N ASP D 308 -39.26 -19.35 32.93
CA ASP D 308 -39.17 -19.82 34.32
C ASP D 308 -39.65 -21.28 34.48
N GLY D 309 -39.30 -22.14 33.53
CA GLY D 309 -39.40 -23.60 33.66
C GLY D 309 -38.11 -24.11 34.32
N PRO D 310 -38.02 -25.43 34.57
CA PRO D 310 -36.86 -25.97 35.29
C PRO D 310 -35.54 -25.52 34.68
N CYS D 311 -34.56 -25.15 35.52
CA CYS D 311 -33.20 -24.85 35.00
C CYS D 311 -32.15 -25.97 35.30
N TYR D 312 -31.13 -26.06 34.44
CA TYR D 312 -30.19 -27.18 34.40
C TYR D 312 -28.77 -26.67 34.16
N TYR D 313 -27.82 -27.12 34.96
CA TYR D 313 -26.45 -26.58 34.94
C TYR D 313 -25.52 -27.63 34.43
N ALA D 314 -24.25 -27.20 34.27
CA ALA D 314 -23.19 -28.02 33.72
C ALA D 314 -21.79 -27.52 34.07
N LEU D 315 -20.87 -28.48 34.06
CA LEU D 315 -19.46 -28.11 34.07
C LEU D 315 -18.87 -28.28 32.66
N GLU D 316 -17.78 -27.51 32.43
CA GLU D 316 -17.25 -27.28 31.10
C GLU D 316 -15.73 -27.32 31.02
N GLY D 317 -15.26 -28.06 30.03
CA GLY D 317 -13.84 -28.25 29.83
C GLY D 317 -13.47 -28.18 28.36
N ALA D 318 -12.27 -27.69 28.09
CA ALA D 318 -11.74 -27.55 26.76
C ALA D 318 -10.67 -28.64 26.44
N ILE D 319 -10.39 -28.87 25.17
CA ILE D 319 -9.05 -29.28 24.71
C ILE D 319 -8.77 -28.24 23.61
N ALA D 320 -7.65 -27.53 23.73
CA ALA D 320 -7.31 -26.42 22.79
C ALA D 320 -7.06 -26.83 21.29
N CYS D 321 -6.66 -28.09 21.07
CA CYS D 321 -6.16 -28.60 19.81
C CYS D 321 -6.49 -30.12 19.57
N ALA D 322 -7.76 -30.49 19.35
CA ALA D 322 -8.13 -31.90 19.13
C ALA D 322 -8.09 -32.38 17.66
N GLY D 323 -8.93 -31.81 16.81
CA GLY D 323 -8.96 -32.16 15.39
C GLY D 323 -7.80 -31.48 14.69
N ALA D 324 -7.53 -30.23 15.10
CA ALA D 324 -6.32 -29.50 14.73
C ALA D 324 -5.09 -30.37 14.68
N THR D 325 -4.83 -31.15 15.74
CA THR D 325 -3.61 -32.00 15.84
C THR D 325 -3.45 -32.94 14.64
N VAL D 326 -4.49 -33.73 14.30
CA VAL D 326 -4.48 -34.53 13.05
C VAL D 326 -4.07 -33.67 11.82
N GLU D 327 -4.70 -32.50 11.72
CA GLU D 327 -4.39 -31.59 10.64
C GLU D 327 -2.93 -31.17 10.71
N TRP D 328 -2.45 -30.82 11.88
CA TRP D 328 -1.06 -30.43 12.04
C TRP D 328 -0.10 -31.51 11.50
N MET D 329 -0.42 -32.76 11.81
CA MET D 329 0.42 -33.88 11.45
C MET D 329 0.44 -34.10 9.97
N ARG D 330 -0.63 -33.71 9.29
CA ARG D 330 -0.78 -33.84 7.83
C ARG D 330 -0.13 -32.66 7.14
N ARG D 331 -0.76 -31.51 7.30
CA ARG D 331 -0.34 -30.30 6.63
C ARG D 331 1.07 -29.88 6.97
N ASN D 332 1.48 -29.85 8.24
CA ASN D 332 2.85 -29.34 8.60
C ASN D 332 3.98 -30.33 8.69
N MET D 333 3.64 -31.59 8.95
CA MET D 333 4.67 -32.58 9.21
C MET D 333 4.67 -33.68 8.16
N ASN D 334 3.74 -33.68 7.22
CA ASN D 334 3.80 -34.69 6.18
C ASN D 334 3.78 -36.12 6.65
N LEU D 335 3.22 -36.35 7.82
CA LEU D 335 3.25 -37.67 8.44
C LEU D 335 2.36 -38.68 7.71
N PHE D 336 1.41 -38.18 6.94
CA PHE D 336 0.53 -39.00 6.14
C PHE D 336 -0.21 -38.03 5.22
N SER D 337 -0.57 -38.38 3.98
CA SER D 337 -1.28 -37.41 3.13
C SER D 337 -2.78 -37.53 3.36
N HIS D 338 -3.37 -38.66 2.96
CA HIS D 338 -4.82 -38.81 2.91
C HIS D 338 -5.45 -38.83 4.31
N ILE D 339 -6.54 -38.09 4.45
CA ILE D 339 -7.37 -38.02 5.69
C ILE D 339 -7.51 -39.29 6.54
N THR D 340 -7.51 -40.49 5.93
CA THR D 340 -7.67 -41.79 6.63
C THR D 340 -6.48 -42.74 6.52
N GLU D 341 -5.33 -42.22 6.11
CA GLU D 341 -4.06 -42.88 6.42
C GLU D 341 -3.81 -42.74 7.95
N CYS D 342 -4.18 -41.58 8.50
CA CYS D 342 -4.16 -41.31 9.95
C CYS D 342 -4.74 -42.45 10.81
N GLU D 343 -5.98 -42.83 10.55
CA GLU D 343 -6.60 -43.93 11.30
C GLU D 343 -5.89 -45.28 11.05
N LYS D 344 -5.45 -45.54 9.81
CA LYS D 344 -4.79 -46.82 9.51
C LYS D 344 -3.33 -46.91 9.98
N LEU D 345 -2.59 -45.82 9.91
CA LEU D 345 -1.25 -45.81 10.50
C LEU D 345 -1.27 -46.04 12.05
N ALA D 346 -2.20 -45.40 12.76
CA ALA D 346 -2.40 -45.66 14.19
C ALA D 346 -2.72 -47.11 14.49
N ARG D 347 -3.46 -47.76 13.60
CA ARG D 347 -3.80 -49.18 13.79
C ARG D 347 -2.59 -50.10 13.53
N SER D 348 -1.70 -49.70 12.62
CA SER D 348 -0.52 -50.51 12.25
C SER D 348 0.30 -50.97 13.46
N VAL D 349 0.74 -50.04 14.31
CA VAL D 349 1.40 -50.42 15.57
C VAL D 349 0.36 -50.81 16.60
N PRO D 350 0.76 -51.59 17.61
CA PRO D 350 -0.03 -51.77 18.80
C PRO D 350 0.72 -51.12 19.97
N GLY D 351 0.34 -49.87 20.22
CA GLY D 351 0.89 -49.09 21.33
C GLY D 351 2.05 -48.21 20.90
N THR D 352 2.36 -47.26 21.78
CA THR D 352 3.32 -46.21 21.53
C THR D 352 4.78 -46.55 21.83
N GLN D 353 5.04 -47.75 22.33
CA GLN D 353 6.41 -48.26 22.50
C GLN D 353 7.39 -47.25 23.09
N GLY D 354 6.94 -46.52 24.11
CA GLY D 354 7.78 -45.57 24.81
C GLY D 354 7.22 -44.18 24.80
N ILE D 355 6.69 -43.76 23.65
CA ILE D 355 6.55 -42.33 23.44
C ILE D 355 5.27 -41.72 23.99
N VAL D 356 5.39 -40.44 24.29
CA VAL D 356 4.23 -39.63 24.56
C VAL D 356 4.36 -38.33 23.78
N PHE D 357 3.25 -37.95 23.13
CA PHE D 357 3.10 -36.72 22.38
C PHE D 357 2.10 -35.96 23.21
N VAL D 358 2.46 -34.78 23.68
CA VAL D 358 1.53 -33.90 24.37
C VAL D 358 1.21 -32.76 23.41
N PRO D 359 0.02 -32.79 22.76
CA PRO D 359 -0.25 -31.77 21.76
C PRO D 359 -0.73 -30.50 22.43
N ALA D 360 0.24 -29.77 22.98
CA ALA D 360 -0.04 -28.60 23.81
C ALA D 360 0.50 -27.40 23.11
N PHE D 361 0.15 -27.28 21.84
CA PHE D 361 0.85 -26.31 20.99
C PHE D 361 0.68 -24.89 21.50
N SER D 362 -0.49 -24.62 22.06
CA SER D 362 -0.86 -23.28 22.45
C SER D 362 -1.30 -23.35 23.90
N GLY D 363 -0.36 -23.77 24.74
CA GLY D 363 -0.63 -24.04 26.12
C GLY D 363 -1.54 -25.24 26.29
N LEU D 364 -1.83 -25.46 27.57
CA LEU D 364 -2.43 -26.66 28.12
C LEU D 364 -3.56 -26.18 28.97
N LEU D 365 -4.74 -26.81 28.86
CA LEU D 365 -5.95 -26.25 29.45
C LEU D 365 -7.09 -27.18 29.85
N ALA D 366 -6.89 -28.48 30.01
CA ALA D 366 -7.93 -29.33 30.65
C ALA D 366 -7.74 -28.96 32.14
N PRO D 367 -7.85 -29.89 33.11
CA PRO D 367 -7.73 -29.30 34.46
C PRO D 367 -6.45 -28.54 34.73
N TYR D 368 -5.38 -28.87 34.03
CA TYR D 368 -4.10 -28.12 34.17
C TYR D 368 -4.18 -26.83 33.37
N TRP D 369 -3.79 -25.71 33.94
CA TRP D 369 -3.96 -24.44 33.22
C TRP D 369 -2.66 -23.74 32.96
N ASP D 370 -1.77 -24.47 32.30
CA ASP D 370 -0.45 -23.97 32.03
C ASP D 370 -0.41 -23.37 30.65
N PRO D 371 -0.34 -22.03 30.55
CA PRO D 371 -0.19 -21.51 29.23
C PRO D 371 1.28 -21.52 28.76
N SER D 372 2.25 -22.02 29.54
CA SER D 372 3.66 -22.15 29.03
C SER D 372 4.03 -23.54 28.45
N ALA D 373 3.10 -24.48 28.56
CA ALA D 373 3.25 -25.79 27.97
C ALA D 373 3.26 -25.63 26.46
N ARG D 374 4.18 -26.35 25.83
CA ARG D 374 4.36 -26.30 24.44
C ARG D 374 4.40 -27.75 23.99
N GLY D 375 4.19 -27.92 22.68
CA GLY D 375 4.11 -29.23 22.03
C GLY D 375 5.38 -29.96 22.27
N THR D 376 5.27 -31.19 22.76
CA THR D 376 6.43 -31.96 23.20
C THR D 376 6.28 -33.43 22.89
N ILE D 377 7.40 -34.07 22.56
CA ILE D 377 7.43 -35.50 22.33
C ILE D 377 8.63 -36.01 23.11
N VAL D 378 8.45 -37.10 23.85
CA VAL D 378 9.51 -37.66 24.73
C VAL D 378 9.67 -39.15 24.48
N GLY D 379 10.83 -39.65 24.85
CA GLY D 379 11.01 -41.08 24.86
C GLY D 379 11.08 -41.80 23.54
N MET D 380 11.44 -41.12 22.47
CA MET D 380 11.56 -41.73 21.15
C MET D 380 12.88 -42.50 21.05
N THR D 381 12.87 -43.64 20.35
CA THR D 381 14.09 -44.34 19.93
C THR D 381 14.05 -44.44 18.39
N LEU D 382 15.03 -45.12 17.78
CA LEU D 382 15.03 -45.27 16.32
C LEU D 382 14.01 -46.32 15.80
N LYS D 383 13.36 -47.03 16.72
CA LYS D 383 12.24 -47.87 16.37
C LYS D 383 10.92 -47.08 16.35
N THR D 384 10.98 -45.76 16.51
CA THR D 384 9.81 -44.93 16.49
C THR D 384 9.52 -44.51 15.06
N THR D 385 8.25 -44.50 14.70
CA THR D 385 7.79 -44.10 13.36
C THR D 385 6.56 -43.22 13.51
N ARG D 386 6.06 -42.75 12.36
CA ARG D 386 4.92 -41.84 12.34
C ARG D 386 3.65 -42.57 12.77
N ALA D 387 3.61 -43.89 12.57
CA ALA D 387 2.57 -44.71 13.19
C ALA D 387 2.52 -44.57 14.72
N HIS D 388 3.69 -44.68 15.38
CA HIS D 388 3.72 -44.54 16.83
C HIS D 388 3.28 -43.14 17.25
N VAL D 389 3.81 -42.12 16.57
CA VAL D 389 3.41 -40.74 16.82
C VAL D 389 1.93 -40.45 16.47
N ILE D 390 1.38 -41.00 15.39
CA ILE D 390 -0.06 -40.74 15.13
C ILE D 390 -0.91 -41.38 16.22
N ARG D 391 -0.54 -42.57 16.68
CA ARG D 391 -1.30 -43.23 17.72
C ARG D 391 -1.23 -42.52 19.07
N ALA D 392 -0.07 -41.96 19.36
CA ALA D 392 0.17 -41.29 20.62
C ALA D 392 -0.53 -39.96 20.69
N ALA D 393 -0.71 -39.33 19.54
CA ALA D 393 -1.39 -38.07 19.47
C ALA D 393 -2.88 -38.24 19.78
N LEU D 394 -3.44 -39.36 19.32
CA LEU D 394 -4.79 -39.77 19.69
C LEU D 394 -4.92 -40.08 21.16
N GLN D 395 -4.14 -41.03 21.65
CA GLN D 395 -4.05 -41.29 23.08
C GLN D 395 -4.11 -40.02 23.95
N ALA D 396 -3.39 -38.99 23.55
CA ALA D 396 -3.32 -37.75 24.31
C ALA D 396 -4.63 -36.94 24.35
N ILE D 397 -5.49 -37.14 23.36
CA ILE D 397 -6.75 -36.43 23.36
C ILE D 397 -7.62 -37.11 24.42
N ALA D 398 -7.62 -38.46 24.39
CA ALA D 398 -8.39 -39.26 25.33
C ALA D 398 -7.86 -39.23 26.77
N LEU D 399 -6.55 -39.10 26.89
CA LEU D 399 -5.90 -38.89 28.18
C LEU D 399 -6.22 -37.52 28.79
N GLN D 400 -6.50 -36.51 27.96
CA GLN D 400 -6.98 -35.19 28.47
C GLN D 400 -8.42 -35.26 28.87
N LEU D 401 -9.25 -35.89 28.05
CA LEU D 401 -10.68 -35.94 28.33
C LEU D 401 -11.02 -37.05 29.33
N ASN D 402 -9.99 -37.58 29.95
CA ASN D 402 -10.09 -38.40 31.13
C ASN D 402 -9.71 -37.59 32.39
N ASP D 403 -8.61 -36.85 32.29
CA ASP D 403 -8.29 -35.84 33.30
C ASP D 403 -9.47 -34.85 33.47
N VAL D 404 -10.20 -34.54 32.37
CA VAL D 404 -11.37 -33.64 32.48
C VAL D 404 -12.52 -34.32 33.15
N VAL D 405 -12.84 -35.53 32.72
CA VAL D 405 -13.98 -36.26 33.28
C VAL D 405 -13.72 -36.57 34.76
N GLY D 406 -12.45 -36.70 35.17
CA GLY D 406 -12.09 -36.90 36.58
C GLY D 406 -12.48 -35.70 37.43
N SER D 407 -12.00 -34.53 37.02
CA SER D 407 -12.36 -33.26 37.61
C SER D 407 -13.87 -33.11 37.69
N MET D 408 -14.57 -33.55 36.67
CA MET D 408 -16.03 -33.44 36.65
C MET D 408 -16.70 -34.35 37.67
N LYS D 409 -16.37 -35.63 37.67
CA LYS D 409 -16.74 -36.57 38.74
C LYS D 409 -16.59 -35.95 40.17
N ARG D 410 -15.46 -35.29 40.40
CA ARG D 410 -15.10 -34.73 41.72
C ARG D 410 -15.81 -33.43 42.11
N ASP D 411 -16.00 -32.54 41.17
CA ASP D 411 -16.65 -31.28 41.48
C ASP D 411 -18.16 -31.38 41.39
N ALA D 412 -18.66 -32.33 40.62
CA ALA D 412 -20.10 -32.42 40.36
C ALA D 412 -20.77 -33.31 41.36
N GLY D 413 -19.98 -33.97 42.23
CA GLY D 413 -20.47 -35.05 43.07
C GLY D 413 -21.32 -36.00 42.26
N LEU D 414 -20.83 -36.41 41.09
CA LEU D 414 -21.62 -37.21 40.16
C LEU D 414 -20.74 -38.22 39.50
N ASN D 415 -21.37 -39.16 38.82
CA ASN D 415 -20.62 -39.98 37.92
C ASN D 415 -21.07 -39.69 36.48
N LEU D 416 -20.26 -40.16 35.55
CA LEU D 416 -20.58 -40.08 34.16
C LEU D 416 -21.23 -41.39 33.81
N SER D 417 -22.38 -41.35 33.15
CA SER D 417 -23.07 -42.56 32.77
C SER D 417 -22.70 -42.88 31.34
N SER D 418 -23.07 -41.97 30.44
CA SER D 418 -22.81 -42.02 29.00
C SER D 418 -21.89 -40.89 28.59
N LEU D 419 -21.35 -41.00 27.38
CA LEU D 419 -20.66 -39.89 26.70
C LEU D 419 -20.99 -39.91 25.22
N ARG D 420 -21.51 -38.80 24.69
CA ARG D 420 -21.82 -38.66 23.25
C ARG D 420 -20.74 -37.83 22.59
N VAL D 421 -20.69 -37.91 21.27
CA VAL D 421 -19.57 -37.38 20.50
C VAL D 421 -20.03 -36.93 19.09
N ASP D 422 -19.76 -35.68 18.74
CA ASP D 422 -20.16 -35.10 17.43
C ASP D 422 -19.02 -34.28 16.83
N GLY D 423 -18.77 -34.46 15.53
CA GLY D 423 -17.72 -33.74 14.80
C GLY D 423 -16.76 -34.62 14.01
N GLY D 424 -15.64 -34.01 13.57
CA GLY D 424 -14.67 -34.64 12.68
C GLY D 424 -14.14 -35.97 13.18
N LEU D 425 -13.62 -35.97 14.42
CA LEU D 425 -12.96 -37.16 15.03
C LEU D 425 -13.91 -38.26 15.61
N SER D 426 -15.23 -38.04 15.54
CA SER D 426 -16.25 -39.09 15.83
C SER D 426 -16.22 -40.22 14.76
N LYS D 427 -16.05 -39.84 13.49
CA LYS D 427 -15.83 -40.79 12.37
C LYS D 427 -14.46 -41.49 12.41
N ASN D 428 -13.75 -41.39 13.56
CA ASN D 428 -12.51 -42.11 13.85
C ASN D 428 -12.80 -43.05 15.02
N GLY D 429 -12.90 -44.33 14.71
CA GLY D 429 -13.24 -45.36 15.67
C GLY D 429 -12.14 -45.71 16.64
N LEU D 430 -10.87 -45.51 16.26
CA LEU D 430 -9.74 -45.78 17.18
C LEU D 430 -9.62 -44.77 18.31
N LEU D 431 -10.12 -43.56 18.13
CA LEU D 431 -10.19 -42.61 19.23
C LEU D 431 -11.30 -43.03 20.20
N MET D 432 -12.46 -43.37 19.64
CA MET D 432 -13.65 -43.73 20.42
C MET D 432 -13.49 -45.13 21.00
N GLU D 433 -12.53 -45.90 20.54
CA GLU D 433 -12.14 -47.14 21.24
C GLU D 433 -11.25 -46.85 22.45
N ILE D 434 -10.19 -46.09 22.24
CA ILE D 434 -9.30 -45.66 23.33
C ILE D 434 -10.10 -44.98 24.40
N GLN D 435 -10.79 -43.91 24.03
CA GLN D 435 -11.51 -43.04 24.96
C GLN D 435 -12.51 -43.83 25.82
N ALA D 436 -13.30 -44.68 25.15
CA ALA D 436 -14.30 -45.54 25.81
C ALA D 436 -13.63 -46.46 26.80
N SER D 437 -12.43 -46.92 26.45
CA SER D 437 -11.62 -47.71 27.37
C SER D 437 -11.06 -46.92 28.54
N LEU D 438 -10.33 -45.84 28.33
CA LEU D 438 -9.73 -45.11 29.44
C LEU D 438 -10.69 -44.39 30.35
N LEU D 439 -11.93 -44.19 29.89
CA LEU D 439 -12.99 -43.70 30.77
C LEU D 439 -13.80 -44.80 31.46
N GLY D 440 -13.96 -45.94 30.78
CA GLY D 440 -14.84 -46.99 31.24
C GLY D 440 -16.28 -46.52 31.21
N VAL D 441 -16.67 -45.92 30.09
CA VAL D 441 -18.07 -45.57 29.90
C VAL D 441 -18.41 -46.03 28.50
N ASP D 442 -19.68 -46.32 28.25
CA ASP D 442 -20.15 -46.47 26.89
C ASP D 442 -19.98 -45.10 26.24
N ILE D 443 -19.76 -45.10 24.93
CA ILE D 443 -19.69 -43.88 24.11
C ILE D 443 -20.68 -44.05 22.97
N LEU D 444 -21.47 -43.03 22.69
CA LEU D 444 -22.59 -43.11 21.75
C LEU D 444 -22.39 -42.10 20.59
N VAL D 445 -22.17 -42.60 19.37
CA VAL D 445 -21.95 -41.75 18.19
C VAL D 445 -23.23 -41.64 17.37
N PRO D 446 -23.78 -40.41 17.20
CA PRO D 446 -24.87 -40.14 16.25
C PRO D 446 -24.54 -40.40 14.77
N SER D 447 -25.50 -40.96 14.03
CA SER D 447 -25.41 -41.04 12.55
C SER D 447 -26.36 -40.00 11.92
N MET D 448 -26.98 -39.14 12.74
CA MET D 448 -27.47 -37.83 12.29
C MET D 448 -26.62 -36.85 13.08
N HIS D 449 -25.40 -36.60 12.63
CA HIS D 449 -24.46 -35.86 13.52
C HIS D 449 -24.62 -34.31 13.54
N GLU D 450 -25.56 -33.78 12.76
CA GLU D 450 -25.96 -32.37 12.86
C GLU D 450 -26.61 -31.89 14.23
N THR D 451 -26.12 -32.37 15.37
CA THR D 451 -26.86 -32.24 16.61
C THR D 451 -26.68 -30.91 17.38
N THR D 452 -25.69 -30.07 17.08
CA THR D 452 -25.70 -28.66 17.59
C THR D 452 -26.87 -27.82 17.01
N ALA D 453 -26.99 -27.82 15.70
CA ALA D 453 -28.11 -27.19 15.02
C ALA D 453 -29.46 -27.71 15.55
N LEU D 454 -29.56 -29.04 15.71
CA LEU D 454 -30.76 -29.71 16.23
C LEU D 454 -31.17 -29.04 17.52
N GLY D 455 -30.22 -28.93 18.44
CA GLY D 455 -30.36 -28.15 19.63
C GLY D 455 -31.34 -27.00 19.62
N ALA D 456 -31.16 -26.02 18.76
CA ALA D 456 -31.97 -24.82 18.86
C ALA D 456 -33.31 -25.04 18.25
N ALA D 457 -33.38 -25.81 17.17
CA ALA D 457 -34.67 -26.21 16.56
C ALA D 457 -35.59 -26.87 17.58
N LEU D 458 -35.06 -27.78 18.39
CA LEU D 458 -35.79 -28.30 19.53
C LEU D 458 -36.29 -27.18 20.50
N CYS D 459 -35.46 -26.17 20.83
CA CYS D 459 -35.86 -25.08 21.78
C CYS D 459 -37.08 -24.24 21.32
N ALA D 460 -37.11 -23.87 20.03
CA ALA D 460 -38.26 -23.20 19.39
C ALA D 460 -39.41 -24.17 19.13
N GLY D 461 -39.08 -25.33 18.59
CA GLY D 461 -40.00 -26.49 18.53
C GLY D 461 -40.85 -26.75 19.77
N LEU D 462 -40.19 -27.05 20.89
CA LEU D 462 -40.82 -27.15 22.20
C LEU D 462 -41.67 -25.94 22.50
N ALA D 463 -41.08 -24.76 22.32
CA ALA D 463 -41.74 -23.51 22.70
C ALA D 463 -43.04 -23.21 21.95
N ALA D 464 -43.26 -23.87 20.81
CA ALA D 464 -44.49 -23.73 20.05
C ALA D 464 -45.04 -25.10 19.66
N GLY D 465 -44.88 -26.06 20.55
CA GLY D 465 -45.61 -27.32 20.47
C GLY D 465 -45.62 -28.06 19.15
N VAL D 466 -44.46 -28.22 18.52
CA VAL D 466 -44.26 -29.16 17.40
C VAL D 466 -43.96 -30.54 18.04
N TRP D 467 -43.26 -30.47 19.19
CA TRP D 467 -43.26 -31.50 20.25
C TRP D 467 -43.64 -30.73 21.55
N THR D 468 -44.36 -31.36 22.50
CA THR D 468 -44.76 -30.62 23.75
C THR D 468 -44.09 -31.13 25.03
N SER D 469 -43.39 -32.28 24.98
CA SER D 469 -42.62 -32.80 26.13
C SER D 469 -41.24 -33.34 25.75
N LEU D 470 -40.27 -33.21 26.64
CA LEU D 470 -38.92 -33.73 26.41
C LEU D 470 -38.88 -35.24 26.15
N GLU D 471 -39.86 -35.95 26.70
CA GLU D 471 -39.97 -37.40 26.53
C GLU D 471 -40.44 -37.74 25.11
N GLU D 472 -41.38 -36.96 24.58
CA GLU D 472 -41.76 -37.08 23.17
C GLU D 472 -40.51 -36.86 22.33
N VAL D 473 -39.82 -35.75 22.64
CA VAL D 473 -38.58 -35.37 21.99
C VAL D 473 -37.59 -36.54 22.02
N LYS D 474 -37.32 -37.08 23.21
CA LYS D 474 -36.41 -38.23 23.32
C LYS D 474 -36.87 -39.46 22.46
N ALA D 475 -38.19 -39.73 22.41
CA ALA D 475 -38.75 -40.92 21.74
C ALA D 475 -38.66 -40.88 20.22
N VAL D 476 -39.11 -39.76 19.63
CA VAL D 476 -38.95 -39.54 18.18
C VAL D 476 -37.48 -39.77 17.84
N SER D 477 -36.58 -39.19 18.65
CA SER D 477 -35.13 -39.37 18.52
C SER D 477 -34.77 -40.85 18.38
N ARG D 478 -35.15 -41.68 19.35
CA ARG D 478 -34.77 -43.09 19.31
C ARG D 478 -35.44 -43.85 18.17
N ARG D 479 -36.59 -43.35 17.68
CA ARG D 479 -37.33 -43.99 16.56
C ARG D 479 -36.77 -43.65 15.15
N GLU D 480 -36.36 -42.41 14.90
CA GLU D 480 -35.85 -41.98 13.57
C GLU D 480 -34.32 -41.98 13.50
N ASN D 481 -33.67 -41.29 14.44
CA ASN D 481 -32.22 -41.09 14.40
C ASN D 481 -31.52 -42.20 15.16
N SER D 482 -30.45 -42.73 14.56
CA SER D 482 -29.84 -43.99 14.96
C SER D 482 -28.46 -43.78 15.60
N TRP D 483 -28.26 -44.36 16.80
CA TRP D 483 -26.95 -44.35 17.52
C TRP D 483 -26.24 -45.66 17.25
N LYS D 484 -24.95 -45.60 16.97
CA LYS D 484 -24.06 -46.75 17.12
C LYS D 484 -23.37 -46.43 18.45
N THR D 485 -22.81 -47.44 19.09
CA THR D 485 -22.38 -47.35 20.49
C THR D 485 -21.03 -48.07 20.65
N VAL D 486 -20.08 -47.52 21.41
CA VAL D 486 -18.78 -48.14 21.62
C VAL D 486 -18.46 -48.41 23.10
N SER D 487 -18.65 -49.67 23.51
CA SER D 487 -18.36 -50.08 24.89
C SER D 487 -16.84 -50.21 25.13
N PRO D 488 -16.39 -50.12 26.40
CA PRO D 488 -14.97 -50.25 26.78
C PRO D 488 -14.37 -51.64 26.61
N SER D 489 -13.04 -51.70 26.49
CA SER D 489 -12.31 -52.97 26.27
C SER D 489 -10.76 -52.93 26.52
N GLY D 490 -10.34 -53.19 27.75
CA GLY D 490 -8.91 -53.40 28.08
C GLY D 490 -8.62 -53.60 29.57
N SER D 491 -7.34 -53.82 29.91
CA SER D 491 -6.91 -54.05 31.30
C SER D 491 -7.01 -52.85 32.23
N ALA D 492 -7.10 -53.12 33.53
CA ALA D 492 -7.05 -52.08 34.56
C ALA D 492 -5.68 -51.43 34.56
N MET D 493 -4.61 -52.23 34.47
CA MET D 493 -3.24 -51.67 34.49
C MET D 493 -2.80 -51.09 33.15
N GLU D 494 -3.59 -51.31 32.08
CA GLU D 494 -3.40 -50.53 30.84
C GLU D 494 -3.72 -49.04 31.09
N ARG D 495 -4.97 -48.75 31.48
CA ARG D 495 -5.38 -47.42 31.97
C ARG D 495 -4.35 -46.79 32.91
N GLU D 496 -3.90 -47.48 33.96
CA GLU D 496 -3.00 -46.85 34.96
C GLU D 496 -1.52 -46.69 34.51
N ALA D 497 -1.04 -47.58 33.64
CA ALA D 497 0.30 -47.44 33.02
C ALA D 497 0.33 -46.27 32.04
N MET D 498 -0.69 -46.21 31.19
CA MET D 498 -0.86 -45.13 30.19
C MET D 498 -1.00 -43.73 30.85
N ILE D 499 -1.68 -43.64 32.00
CA ILE D 499 -1.82 -42.38 32.80
C ILE D 499 -0.50 -41.99 33.52
N ALA D 500 0.31 -43.00 33.86
CA ALA D 500 1.59 -42.80 34.57
C ALA D 500 2.68 -42.26 33.61
N GLU D 501 2.75 -42.89 32.43
CA GLU D 501 3.38 -42.32 31.25
C GLU D 501 2.96 -40.86 30.98
N TRP D 502 1.64 -40.64 30.94
CA TRP D 502 1.06 -39.33 30.65
C TRP D 502 1.53 -38.27 31.67
N ARG D 503 1.46 -38.60 32.96
CA ARG D 503 1.69 -37.64 34.02
C ARG D 503 3.17 -37.23 34.12
N GLU D 504 4.08 -38.13 33.72
CA GLU D 504 5.54 -37.85 33.69
C GLU D 504 5.96 -37.03 32.48
N ALA D 505 5.21 -37.13 31.40
CA ALA D 505 5.46 -36.32 30.23
C ALA D 505 4.94 -34.88 30.45
N LEU D 506 3.70 -34.76 30.89
CA LEU D 506 3.15 -33.45 31.23
C LEU D 506 4.22 -32.57 31.90
N LYS D 507 5.00 -33.12 32.82
CA LYS D 507 6.03 -32.36 33.53
C LYS D 507 7.11 -31.77 32.62
N ARG D 508 7.41 -32.42 31.49
CA ARG D 508 8.46 -31.94 30.56
C ARG D 508 8.03 -30.86 29.54
N THR D 509 6.72 -30.60 29.48
CA THR D 509 6.11 -29.68 28.55
C THR D 509 6.36 -28.21 28.80
N LYS D 510 6.60 -27.79 30.02
CA LYS D 510 6.71 -26.37 30.32
C LYS D 510 7.84 -25.76 29.50
N TRP D 511 7.56 -24.69 28.77
CA TRP D 511 8.58 -24.17 27.85
C TRP D 511 8.71 -22.65 27.70
N ALA D 512 7.61 -21.93 27.45
CA ALA D 512 7.76 -20.54 26.96
C ALA D 512 7.88 -19.51 28.12
N LYS D 513 7.98 -18.21 27.77
CA LYS D 513 8.13 -17.05 28.70
C LYS D 513 9.56 -16.98 29.26
CAA 6XZ E . -11.53 17.27 -38.09
OAQ 6XZ E . -10.67 16.19 -38.55
CAS 6XZ E . -10.21 15.33 -37.59
CAF 6XZ E . -10.49 13.95 -37.62
CAH 6XZ E . -10.01 13.09 -36.63
CAE 6XZ E . -9.42 15.81 -36.55
CAG 6XZ E . -8.94 14.97 -35.55
CAU 6XZ E . -9.21 13.58 -35.56
NBB 6XZ E . -8.72 12.79 -34.54
CAO 6XZ E . -9.63 11.71 -33.98
CAM 6XZ E . -8.81 10.67 -33.18
CAN 6XZ E . -7.37 12.98 -33.89
CAL 6XZ E . -7.37 12.50 -32.35
NBA 6XZ E . -8.37 11.45 -32.04
CAP 6XZ E . -7.78 10.49 -31.04
CAV 6XZ E . -8.67 10.13 -29.91
CAK 6XZ E . -10.00 10.57 -29.75
CAX 6XZ E . -10.85 10.21 -28.69
OAB 6XZ E . -11.97 10.70 -28.67
OAR 6XZ E . -10.40 9.34 -27.73
CAZ 6XZ E . -9.13 8.80 -27.88
CAY 6XZ E . -8.25 9.19 -28.93
CAJ 6XZ E . -6.99 8.55 -28.95
CAI 6XZ E . -6.59 7.60 -28.01
CAT 6XZ E . -7.46 7.25 -26.99
OAC 6XZ E . -7.10 6.33 -26.06
CAW 6XZ E . -8.73 7.86 -26.94
OAD 6XZ E . -9.64 7.57 -25.96
C1 GOL F . -4.80 5.27 -21.36
O1 GOL F . -5.65 4.98 -20.25
C2 GOL F . -4.87 4.17 -22.43
O2 GOL F . -5.34 2.94 -21.88
C3 GOL F . -5.80 4.58 -23.57
O3 GOL F . -5.16 5.48 -24.47
CAA 6XZ G . -24.48 53.20 -28.10
OAQ 6XZ G . -23.14 53.08 -28.62
CAS 6XZ G . -22.30 54.01 -28.07
CAF 6XZ G . -22.14 55.29 -28.63
CAH 6XZ G . -21.28 56.21 -28.03
CAE 6XZ G . -21.62 53.68 -26.89
CAG 6XZ G . -20.77 54.59 -26.27
CAU 6XZ G . -20.58 55.87 -26.84
NBB 6XZ G . -19.77 56.76 -26.20
CAO 6XZ G . -20.24 57.41 -24.94
CAM 6XZ G . -19.24 57.42 -23.81
CAN 6XZ G . -18.53 57.32 -26.72
CAL 6XZ G . -17.54 57.38 -25.51
NBA 6XZ G . -17.97 57.99 -24.26
CAP 6XZ G . -16.97 57.55 -23.19
CAV 6XZ G . -15.83 58.46 -22.98
CAK 6XZ G . -14.75 58.37 -23.86
CAX 6XZ G . -13.60 59.18 -23.79
OAB 6XZ G . -12.73 59.09 -24.64
OAR 6XZ G . -13.45 60.05 -22.77
CAZ 6XZ G . -14.45 60.17 -21.83
CAY 6XZ G . -15.65 59.39 -21.90
CAJ 6XZ G . -16.59 59.63 -20.90
CAI 6XZ G . -16.35 60.57 -19.87
CAT 6XZ G . -15.18 61.31 -19.81
OAC 6XZ G . -14.93 62.22 -18.83
CAW 6XZ G . -14.23 61.10 -20.81
OAD 6XZ G . -13.06 61.81 -20.81
C1 GOL H . -14.40 63.40 -15.06
O1 GOL H . -14.61 62.48 -16.13
C2 GOL H . -12.93 63.37 -14.71
O2 GOL H . -12.51 64.73 -14.58
C3 GOL H . -12.74 62.60 -13.41
O3 GOL H . -11.35 62.32 -13.19
CAA 6XZ I . 29.08 -42.65 34.35
OAQ 6XZ I . 30.50 -42.93 34.20
CAS 6XZ I . 30.79 -43.40 32.95
CAF 6XZ I . 30.63 -42.55 31.85
CAH 6XZ I . 30.91 -43.03 30.56
CAE 6XZ I . 31.22 -44.72 32.75
CAG 6XZ I . 31.51 -45.20 31.46
CAU 6XZ I . 31.32 -44.35 30.36
NBB 6XZ I . 31.59 -44.75 29.10
CAO 6XZ I . 32.79 -44.17 28.46
CAM 6XZ I . 32.52 -43.59 27.16
CAN 6XZ I . 30.90 -45.83 28.37
CAL 6XZ I . 31.41 -45.82 26.88
NBA 6XZ I . 31.70 -44.48 26.34
CAP 6XZ I . 32.45 -44.82 25.09
CAV 6XZ I . 33.00 -43.82 24.16
CAK 6XZ I . 33.07 -42.43 24.36
CAX 6XZ I . 33.68 -41.52 23.48
OAB 6XZ I . 33.70 -40.32 23.79
OAR 6XZ I . 34.22 -41.98 22.32
CAZ 6XZ I . 34.23 -43.34 22.09
CAY 6XZ I . 33.62 -44.28 22.97
CAJ 6XZ I . 33.73 -45.64 22.63
CAI 6XZ I . 34.36 -46.08 21.47
CAT 6XZ I . 34.93 -45.15 20.61
OAC 6XZ I . 35.55 -45.59 19.49
CAW 6XZ I . 34.86 -43.78 20.94
OAD 6XZ I . 35.40 -42.79 20.16
C1 GOL J . 36.42 -47.59 16.51
O1 GOL J . 36.15 -46.61 17.52
C2 GOL J . 36.53 -46.94 15.14
O2 GOL J . 37.48 -47.67 14.36
C3 GOL J . 35.18 -46.99 14.43
O3 GOL J . 35.18 -46.05 13.35
CAA 6XZ K . -1.92 -17.65 35.07
OAQ 6XZ K . -2.96 -18.53 35.57
CAS 6XZ K . -3.99 -18.85 34.71
CAF 6XZ K . -5.32 -18.79 35.16
CAH 6XZ K . -6.38 -19.13 34.28
CAE 6XZ K . -3.74 -19.24 33.40
CAG 6XZ K . -4.78 -19.57 32.52
CAU 6XZ K . -6.13 -19.52 32.93
NBB 6XZ K . -7.17 -19.84 32.06
CAO 6XZ K . -7.00 -19.82 30.58
CAM 6XZ K . -8.21 -19.29 29.92
CAN 6XZ K . -8.52 -20.20 32.56
CAL 6XZ K . -9.52 -20.72 31.43
NBA 6XZ K . -9.43 -20.08 30.11
CAP 6XZ K . -9.39 -21.05 28.95
CAV 6XZ K . -10.58 -21.88 28.79
CAK 6XZ K . -10.60 -23.11 29.46
CAX 6XZ K . -11.67 -23.99 29.43
OAB 6XZ K . -11.62 -25.02 30.11
OAR 6XZ K . -12.75 -23.71 28.64
CAZ 6XZ K . -12.79 -22.52 27.91
CAY 6XZ K . -11.71 -21.58 27.97
CAJ 6XZ K . -11.88 -20.39 27.21
CAI 6XZ K . -13.04 -20.17 26.42
CAT 6XZ K . -14.07 -21.12 26.37
OAC 6XZ K . -15.22 -20.97 25.63
CAW 6XZ K . -13.93 -22.30 27.13
OAD 6XZ K . -14.94 -23.24 27.12
C1 GOL L . -17.04 -19.95 22.75
O1 GOL L . -15.77 -19.67 23.34
C2 GOL L . -16.85 -20.64 21.41
O2 GOL L . -15.65 -21.42 21.44
C3 GOL L . -17.99 -21.58 21.11
O3 GOL L . -17.73 -22.24 19.87
#